data_9E5W
#
_entry.id   9E5W
#
_cell.length_a   100.848
_cell.length_b   101.967
_cell.length_c   126.567
_cell.angle_alpha   90.00
_cell.angle_beta   106.50
_cell.angle_gamma   90.00
#
_symmetry.space_group_name_H-M   'P 1 21 1'
#
loop_
_entity.id
_entity.type
_entity.pdbx_description
1 polymer 'Bifunctional protein PutA'
2 non-polymer 'N-propargylglycine-modified flavin adenine dinucleotide'
3 non-polymer NICOTINAMIDE-ADENINE-DINUCLEOTIDE
4 non-polymer 'SULFATE ION'
5 non-polymer 'MAGNESIUM ION'
6 non-polymer 'FORMIC ACID'
7 non-polymer DI(HYDROXYETHYL)ETHER
8 non-polymer 'TETRAETHYLENE GLYCOL'
9 non-polymer 'TRIETHYLENE GLYCOL'
10 water water
#
_entity_poly.entity_id   1
_entity_poly.type   'polypeptide(L)'
_entity_poly.pdbx_seq_one_letter_code
;SMMSPNPLQKPAIDAAPAPFADFAPPVRPQSTLRRAITAAYRRPETECLPPLVEAATQSKEIRDAAASTARKLIEALRGK
HSGSGVEGLVQEYSLSSQEGVALMCLAEALLRIPDTATRDALIRDKIADGNWKSHLGGSRSLFVNAATWGLVVTGKLTST
VNDRSLAAALTRLISRCGEPVIRRGVDMAMRMMGEQFVTGETIREALKRSKELEEKGFSYSYDMLGEAATTAADAERYYR
DYESAIHAIGKASAGRGIYEGPGISIKLSALHPRYSRAQAARVMGELLPRVKALALLAKNYDIGLNIDAEEADRLELSLD
LLEVLCLDGDLSGWNGMGFVVQAYGKRCPFVLDFIIDLARRSGRRIMVRLVKGAYWDAEIKRAQLDGLADFPVFTRKIHT
DVSYIACAAKLLAATDVVFPQFATHNAQTLAAIYHMAGKDFHVGKYEFQCLHGMGEPLYEEVVGRGKLDRPCRIYAPVGT
HETLLAYLVRRLLENGANSSFVHRINDPKVSIDELIADPVEVVRAMPVVGAKHDRIALPAELFGDARTNSAGLDLSNEET
LASLTEALRESAAMKWTALPQLATGPAAGETRTVLNPGDHRDVVGSVTETSEEDARRAVRLAADAAPDWAAVPPSERAAC
LDRAAELMQARMPTLLGLIIREAGKSALNAIAEVREAIDFLRYYAEQTRRTLGPGHGPLGPIVCISPWNFPLAIFTGQIA
AALVAGNPVLAKPAEETPLIAAEGVRILREAGIPASALQLLPGDGRVGAALVAAAETAGVMFTGSTEVARLIQAQLADRL
SPAGRPIPLIAETGGQNAMIVDSSALAEQVVGDVITSAFDSAGQRCSALRVLCLQEDVADRILTMLKGALHELHIGRTDR
LSVDVGPVITSEAKDNIEKHIERMRGLGRKVEQIGLASETGVGTFVPPTIIELEKLSDLQREVFGPVLHVIRYRRDDLDR
LVDDVNATGYGLTFGLHTRLDETIAHVTSRIKAGNLYINRNIIGAVVGVQPFGGRGLSGTGPKAGGPLYLGRLVTTAPVP
PQHSSVHTDPVLLDFAKWLDGKGARAEAEAARNAGSSSALGLDLELPGPVGERNLYTLHARGRILLVPATESGLYHQLAA
ALATGNSVAIDAASGLQASLKNLPQTVGLRVSWSKDWAADGPFAGALVEGDAERIRAVNKAIAALPGPLLLVQAASSGEI
ARNPDAYCLNWLVEEVSASINTAAAGGNASLMAIG
;
_entity_poly.pdbx_strand_id   A,B
#
# COMPACT_ATOMS: atom_id res chain seq x y z
N ALA A 16 -33.17 -47.77 -17.47
CA ALA A 16 -32.00 -47.20 -16.82
C ALA A 16 -31.07 -46.57 -17.86
N PRO A 17 -30.98 -45.24 -17.85
CA PRO A 17 -30.19 -44.55 -18.89
C PRO A 17 -28.71 -44.88 -18.78
N ALA A 18 -28.08 -45.08 -19.93
CA ALA A 18 -26.65 -45.35 -19.96
C ALA A 18 -25.89 -44.12 -19.47
N PRO A 19 -24.85 -44.30 -18.65
CA PRO A 19 -24.14 -43.15 -18.09
C PRO A 19 -23.50 -42.30 -19.18
N PHE A 20 -23.75 -41.00 -19.12
CA PHE A 20 -23.16 -39.98 -19.98
C PHE A 20 -23.61 -40.10 -21.43
N ALA A 21 -24.63 -40.92 -21.71
CA ALA A 21 -25.11 -41.07 -23.07
C ALA A 21 -25.74 -39.78 -23.61
N ASP A 22 -26.09 -38.86 -22.72
CA ASP A 22 -26.69 -37.58 -23.12
C ASP A 22 -26.01 -36.43 -22.41
N PHE A 23 -24.69 -36.53 -22.27
CA PHE A 23 -23.98 -35.60 -21.39
C PHE A 23 -24.08 -34.17 -21.89
N ALA A 24 -23.77 -33.94 -23.16
CA ALA A 24 -23.75 -32.57 -23.68
C ALA A 24 -23.80 -32.56 -25.20
N PRO A 25 -24.81 -33.17 -25.81
CA PRO A 25 -24.90 -33.15 -27.27
C PRO A 25 -25.06 -31.73 -27.76
N PRO A 26 -24.35 -31.35 -28.82
CA PRO A 26 -24.51 -29.99 -29.37
C PRO A 26 -25.90 -29.78 -29.94
N VAL A 27 -26.28 -28.49 -29.99
CA VAL A 27 -27.54 -28.09 -30.59
C VAL A 27 -27.71 -28.68 -31.98
N ARG A 28 -26.64 -28.66 -32.77
CA ARG A 28 -26.66 -29.18 -34.13
C ARG A 28 -25.29 -29.73 -34.47
N PRO A 29 -25.19 -30.59 -35.48
CA PRO A 29 -23.85 -31.02 -35.91
C PRO A 29 -23.03 -29.82 -36.34
N GLN A 30 -21.76 -29.83 -35.97
CA GLN A 30 -20.89 -28.68 -36.20
C GLN A 30 -20.40 -28.71 -37.65
N SER A 31 -20.76 -27.70 -38.42
CA SER A 31 -20.29 -27.57 -39.78
C SER A 31 -18.79 -27.30 -39.81
N THR A 32 -18.20 -27.41 -41.00
CA THR A 32 -16.80 -27.04 -41.17
C THR A 32 -16.55 -25.62 -40.70
N LEU A 33 -17.43 -24.70 -41.06
CA LEU A 33 -17.26 -23.31 -40.64
C LEU A 33 -17.41 -23.15 -39.13
N ARG A 34 -18.37 -23.87 -38.53
CA ARG A 34 -18.51 -23.81 -37.07
C ARG A 34 -17.30 -24.39 -36.39
N ARG A 35 -16.77 -25.50 -36.92
CA ARG A 35 -15.61 -26.13 -36.31
C ARG A 35 -14.38 -25.23 -36.38
N ALA A 36 -14.24 -24.42 -37.43
CA ALA A 36 -13.09 -23.54 -37.51
C ALA A 36 -13.18 -22.41 -36.49
N ILE A 37 -14.40 -22.00 -36.13
CA ILE A 37 -14.58 -21.08 -34.99
C ILE A 37 -14.07 -21.71 -33.71
N THR A 38 -14.60 -22.90 -33.39
CA THR A 38 -14.23 -23.55 -32.14
C THR A 38 -12.73 -23.78 -32.05
N ALA A 39 -12.10 -24.13 -33.18
CA ALA A 39 -10.67 -24.39 -33.18
C ALA A 39 -9.84 -23.16 -32.79
N ALA A 40 -10.36 -21.95 -32.99
CA ALA A 40 -9.60 -20.74 -32.72
C ALA A 40 -9.86 -20.18 -31.33
N TYR A 41 -10.70 -20.84 -30.54
CA TYR A 41 -11.20 -20.28 -29.28
C TYR A 41 -10.07 -19.74 -28.40
N ARG A 42 -9.04 -20.54 -28.15
CA ARG A 42 -7.93 -20.12 -27.31
C ARG A 42 -6.60 -20.27 -28.04
N ARG A 43 -6.61 -20.00 -29.34
CA ARG A 43 -5.42 -20.11 -30.17
C ARG A 43 -4.32 -19.18 -29.65
N PRO A 44 -3.06 -19.63 -29.63
CA PRO A 44 -1.99 -18.76 -29.16
C PRO A 44 -1.97 -17.43 -29.89
N GLU A 45 -1.69 -16.36 -29.14
CA GLU A 45 -1.78 -15.02 -29.69
C GLU A 45 -0.80 -14.83 -30.85
N THR A 46 0.39 -15.44 -30.75
CA THR A 46 1.36 -15.35 -31.84
C THR A 46 0.87 -16.03 -33.12
N GLU A 47 -0.07 -16.96 -33.01
CA GLU A 47 -0.61 -17.59 -34.20
C GLU A 47 -1.78 -16.81 -34.80
N CYS A 48 -2.49 -16.06 -33.97
CA CYS A 48 -3.63 -15.30 -34.47
C CYS A 48 -3.19 -14.11 -35.31
N LEU A 49 -2.08 -13.45 -34.94
CA LEU A 49 -1.84 -12.12 -35.48
C LEU A 49 -1.38 -12.09 -36.94
N PRO A 50 -0.47 -12.95 -37.40
CA PRO A 50 0.08 -12.79 -38.77
C PRO A 50 -0.99 -12.76 -39.85
N PRO A 51 -1.99 -13.66 -39.84
CA PRO A 51 -3.04 -13.52 -40.87
C PRO A 51 -3.84 -12.24 -40.74
N LEU A 52 -4.01 -11.72 -39.52
CA LEU A 52 -4.73 -10.45 -39.35
C LEU A 52 -3.90 -9.29 -39.87
N VAL A 53 -2.59 -9.31 -39.59
CA VAL A 53 -1.69 -8.30 -40.16
C VAL A 53 -1.79 -8.29 -41.68
N GLU A 54 -1.79 -9.47 -42.30
CA GLU A 54 -1.84 -9.50 -43.76
C GLU A 54 -3.17 -8.97 -44.26
N ALA A 55 -4.28 -9.40 -43.66
CA ALA A 55 -5.60 -8.98 -44.15
C ALA A 55 -5.82 -7.49 -43.93
N ALA A 56 -5.17 -6.91 -42.93
CA ALA A 56 -5.33 -5.51 -42.58
C ALA A 56 -4.36 -4.59 -43.31
N THR A 57 -3.48 -5.14 -44.15
CA THR A 57 -2.48 -4.33 -44.81
C THR A 57 -3.09 -3.51 -45.92
N GLN A 58 -2.71 -2.23 -46.00
CA GLN A 58 -3.16 -1.35 -47.07
C GLN A 58 -1.96 -0.69 -47.71
N SER A 59 -2.18 -0.10 -48.88
CA SER A 59 -1.10 0.53 -49.61
C SER A 59 -0.54 1.71 -48.84
N LYS A 60 0.72 2.06 -49.14
CA LYS A 60 1.32 3.23 -48.52
C LYS A 60 0.48 4.48 -48.80
N GLU A 61 -0.04 4.60 -50.02
CA GLU A 61 -0.91 5.72 -50.36
C GLU A 61 -2.12 5.78 -49.42
N ILE A 62 -2.75 4.63 -49.18
CA ILE A 62 -3.92 4.61 -48.31
C ILE A 62 -3.53 4.92 -46.87
N ARG A 63 -2.42 4.33 -46.40
CA ARG A 63 -1.98 4.61 -45.03
C ARG A 63 -1.71 6.09 -44.82
N ASP A 64 -1.04 6.73 -45.78
CA ASP A 64 -0.80 8.16 -45.68
C ASP A 64 -2.11 8.94 -45.69
N ALA A 65 -3.04 8.59 -46.58
CA ALA A 65 -4.32 9.29 -46.62
C ALA A 65 -5.11 9.07 -45.35
N ALA A 66 -5.09 7.85 -44.81
CA ALA A 66 -5.80 7.57 -43.56
C ALA A 66 -5.20 8.36 -42.39
N ALA A 67 -3.87 8.45 -42.33
CA ALA A 67 -3.24 9.23 -41.27
C ALA A 67 -3.64 10.69 -41.34
N SER A 68 -3.70 11.24 -42.56
CA SER A 68 -4.10 12.64 -42.70
C SER A 68 -5.55 12.85 -42.30
N THR A 69 -6.44 11.93 -42.69
CA THR A 69 -7.83 11.99 -42.26
C THR A 69 -7.94 11.86 -40.74
N ALA A 70 -7.22 10.89 -40.17
CA ALA A 70 -7.26 10.74 -38.72
C ALA A 70 -6.75 11.99 -38.02
N ARG A 71 -5.63 12.55 -38.51
CA ARG A 71 -5.10 13.78 -37.92
C ARG A 71 -6.10 14.91 -38.00
N LYS A 72 -6.82 15.00 -39.13
CA LYS A 72 -7.82 16.06 -39.29
C LYS A 72 -8.98 15.90 -38.32
N LEU A 73 -9.47 14.67 -38.15
CA LEU A 73 -10.53 14.42 -37.18
C LEU A 73 -10.08 14.73 -35.76
N ILE A 74 -8.86 14.30 -35.40
CA ILE A 74 -8.37 14.50 -34.04
C ILE A 74 -8.11 15.98 -33.77
N GLU A 75 -7.63 16.71 -34.77
CA GLU A 75 -7.45 18.15 -34.59
C GLU A 75 -8.79 18.84 -34.37
N ALA A 76 -9.82 18.41 -35.09
CA ALA A 76 -11.16 18.95 -34.86
C ALA A 76 -11.65 18.60 -33.46
N LEU A 77 -11.41 17.36 -33.01
CA LEU A 77 -11.82 16.94 -31.67
C LEU A 77 -11.15 17.78 -30.60
N ARG A 78 -9.83 17.95 -30.69
CA ARG A 78 -9.11 18.71 -29.68
C ARG A 78 -9.40 20.20 -29.76
N GLY A 79 -9.79 20.70 -30.93
CA GLY A 79 -10.15 22.09 -31.05
C GLY A 79 -11.52 22.46 -30.52
N LYS A 80 -12.27 21.49 -30.01
CA LYS A 80 -13.61 21.74 -29.49
C LYS A 80 -13.85 20.85 -28.28
N GLY A 85 -18.25 19.97 -17.79
CA GLY A 85 -19.47 19.98 -17.00
C GLY A 85 -19.20 19.80 -15.51
N VAL A 86 -18.90 18.56 -15.12
CA VAL A 86 -18.48 18.29 -13.74
C VAL A 86 -17.20 19.05 -13.42
N GLU A 87 -16.28 19.11 -14.39
CA GLU A 87 -15.02 19.82 -14.18
C GLU A 87 -15.27 21.29 -13.87
N GLY A 88 -16.22 21.93 -14.57
CA GLY A 88 -16.49 23.33 -14.31
C GLY A 88 -17.14 23.56 -12.96
N LEU A 89 -17.95 22.60 -12.51
CA LEU A 89 -18.55 22.68 -11.19
C LEU A 89 -17.49 22.55 -10.10
N VAL A 90 -16.62 21.53 -10.21
CA VAL A 90 -15.51 21.37 -9.30
C VAL A 90 -14.67 22.64 -9.23
N GLN A 91 -14.42 23.27 -10.39
CA GLN A 91 -13.62 24.48 -10.42
C GLN A 91 -14.33 25.64 -9.75
N GLU A 92 -15.61 25.83 -10.05
CA GLU A 92 -16.33 27.01 -9.55
C GLU A 92 -16.39 27.01 -8.02
N TYR A 93 -16.58 25.85 -7.41
CA TYR A 93 -16.73 25.77 -5.96
C TYR A 93 -15.50 25.21 -5.27
N SER A 94 -14.38 25.11 -5.99
CA SER A 94 -13.10 24.68 -5.42
C SER A 94 -13.22 23.33 -4.71
N LEU A 95 -13.93 22.39 -5.34
CA LEU A 95 -14.20 21.10 -4.72
C LEU A 95 -12.99 20.17 -4.82
N SER A 96 -12.73 19.44 -3.75
CA SER A 96 -11.84 18.30 -3.87
C SER A 96 -12.54 17.19 -4.66
N SER A 97 -11.78 16.16 -5.02
CA SER A 97 -12.37 15.02 -5.73
C SER A 97 -13.46 14.36 -4.89
N GLN A 98 -13.17 14.11 -3.61
CA GLN A 98 -14.17 13.48 -2.76
C GLN A 98 -15.41 14.35 -2.61
N GLU A 99 -15.23 15.68 -2.54
CA GLU A 99 -16.39 16.58 -2.49
C GLU A 99 -17.21 16.50 -3.76
N GLY A 100 -16.55 16.50 -4.92
CA GLY A 100 -17.29 16.36 -6.16
C GLY A 100 -18.09 15.07 -6.19
N VAL A 101 -17.49 13.95 -5.79
CA VAL A 101 -18.20 12.68 -5.77
C VAL A 101 -19.36 12.73 -4.80
N ALA A 102 -19.11 13.22 -3.58
CA ALA A 102 -20.17 13.31 -2.59
C ALA A 102 -21.31 14.19 -3.07
N LEU A 103 -20.98 15.31 -3.70
CA LEU A 103 -22.01 16.20 -4.23
C LEU A 103 -22.87 15.48 -5.25
N MET A 104 -22.26 14.71 -6.16
CA MET A 104 -23.06 14.03 -7.16
C MET A 104 -23.90 12.92 -6.55
N CYS A 105 -23.39 12.26 -5.49
CA CYS A 105 -24.21 11.27 -4.79
C CYS A 105 -25.41 11.94 -4.14
N LEU A 106 -25.21 13.11 -3.52
CA LEU A 106 -26.33 13.85 -2.96
C LEU A 106 -27.32 14.24 -4.05
N ALA A 107 -26.82 14.77 -5.17
CA ALA A 107 -27.72 15.16 -6.25
C ALA A 107 -28.53 13.97 -6.73
N GLU A 108 -27.87 12.81 -6.90
CA GLU A 108 -28.57 11.58 -7.26
C GLU A 108 -29.71 11.29 -6.29
N ALA A 109 -29.44 11.41 -4.98
CA ALA A 109 -30.46 11.14 -3.97
C ALA A 109 -31.60 12.15 -4.04
N LEU A 110 -31.27 13.44 -4.20
CA LEU A 110 -32.31 14.46 -4.32
C LEU A 110 -33.16 14.25 -5.55
N LEU A 111 -32.58 13.75 -6.64
CA LEU A 111 -33.37 13.48 -7.84
C LEU A 111 -34.30 12.28 -7.67
N ARG A 112 -34.05 11.42 -6.68
CA ARG A 112 -35.00 10.37 -6.35
C ARG A 112 -36.26 10.92 -5.70
N ILE A 113 -36.28 12.19 -5.33
CA ILE A 113 -37.51 12.87 -4.90
C ILE A 113 -38.28 13.26 -6.15
N PRO A 114 -39.45 12.67 -6.39
CA PRO A 114 -40.15 12.88 -7.67
C PRO A 114 -40.64 14.31 -7.86
N ASP A 115 -41.32 14.87 -6.87
CA ASP A 115 -41.86 16.21 -7.02
C ASP A 115 -40.75 17.24 -6.97
N THR A 116 -40.68 18.09 -8.01
CA THR A 116 -39.63 19.10 -8.08
C THR A 116 -39.76 20.11 -6.94
N ALA A 117 -40.98 20.55 -6.63
CA ALA A 117 -41.15 21.53 -5.56
C ALA A 117 -40.78 20.94 -4.21
N THR A 118 -41.14 19.68 -3.95
CA THR A 118 -40.74 19.04 -2.70
C THR A 118 -39.22 18.98 -2.57
N ARG A 119 -38.55 18.67 -3.68
CA ARG A 119 -37.09 18.60 -3.68
C ARG A 119 -36.48 19.96 -3.35
N ASP A 120 -36.96 21.02 -4.01
CA ASP A 120 -36.39 22.35 -3.79
C ASP A 120 -36.62 22.82 -2.36
N ALA A 121 -37.77 22.47 -1.78
CA ALA A 121 -38.02 22.82 -0.39
C ALA A 121 -37.07 22.08 0.54
N LEU A 122 -36.85 20.79 0.30
CA LEU A 122 -35.91 20.04 1.12
C LEU A 122 -34.51 20.62 1.02
N ILE A 123 -34.09 20.98 -0.19
CA ILE A 123 -32.78 21.61 -0.37
C ILE A 123 -32.70 22.91 0.41
N ARG A 124 -33.68 23.79 0.22
CA ARG A 124 -33.60 25.14 0.79
C ARG A 124 -33.73 25.11 2.30
N ASP A 125 -34.67 24.34 2.83
CA ASP A 125 -35.02 24.43 4.25
C ASP A 125 -34.28 23.43 5.11
N LYS A 126 -33.84 22.30 4.56
CA LYS A 126 -33.29 21.22 5.37
C LYS A 126 -31.85 20.87 4.98
N ILE A 127 -31.58 20.58 3.71
CA ILE A 127 -30.24 20.14 3.32
C ILE A 127 -29.24 21.27 3.51
N ALA A 128 -29.52 22.43 2.90
CA ALA A 128 -28.53 23.51 2.90
C ALA A 128 -28.29 24.04 4.30
N ASP A 129 -29.33 24.08 5.13
CA ASP A 129 -29.23 24.73 6.43
C ASP A 129 -28.40 23.92 7.42
N GLY A 130 -28.29 22.61 7.24
CA GLY A 130 -27.50 21.82 8.17
C GLY A 130 -27.38 20.35 7.82
N ASN A 131 -27.91 19.50 8.70
CA ASN A 131 -27.70 18.06 8.61
C ASN A 131 -28.39 17.51 7.37
N TRP A 132 -27.59 17.10 6.38
CA TRP A 132 -28.13 16.32 5.27
C TRP A 132 -28.44 14.90 5.69
N LYS A 133 -27.73 14.39 6.70
CA LYS A 133 -27.92 13.00 7.12
C LYS A 133 -29.30 12.79 7.70
N SER A 134 -29.81 13.76 8.46
CA SER A 134 -31.10 13.60 9.13
C SER A 134 -32.26 13.45 8.15
N HIS A 135 -32.06 13.81 6.88
CA HIS A 135 -33.15 13.79 5.90
C HIS A 135 -32.96 12.82 4.75
N LEU A 136 -31.75 12.34 4.51
CA LEU A 136 -31.49 11.43 3.40
C LEU A 136 -30.57 10.28 3.80
N SER A 139 -32.04 4.17 5.02
CA SER A 139 -31.96 2.73 4.79
C SER A 139 -30.96 2.38 3.70
N ARG A 140 -30.54 3.40 2.94
CA ARG A 140 -29.55 3.23 1.89
C ARG A 140 -28.55 4.38 1.98
N SER A 141 -27.27 4.02 2.06
CA SER A 141 -26.22 5.01 2.02
C SER A 141 -26.43 5.97 0.85
N LEU A 142 -26.22 7.27 1.10
CA LEU A 142 -26.17 8.21 0.00
C LEU A 142 -25.16 7.81 -1.07
N PHE A 143 -24.16 7.03 -0.69
CA PHE A 143 -22.97 6.84 -1.51
C PHE A 143 -22.94 5.45 -2.17
N VAL A 144 -24.09 4.79 -2.27
CA VAL A 144 -24.11 3.44 -2.85
CA VAL A 144 -24.14 3.44 -2.86
C VAL A 144 -23.52 3.42 -4.25
N ASN A 145 -23.74 4.49 -5.02
CA ASN A 145 -23.23 4.54 -6.39
C ASN A 145 -21.99 5.42 -6.53
N ALA A 146 -21.26 5.67 -5.44
CA ALA A 146 -20.12 6.58 -5.50
C ALA A 146 -19.00 6.07 -6.40
N ALA A 147 -18.88 4.76 -6.62
CA ALA A 147 -17.86 4.26 -7.54
C ALA A 147 -18.10 4.80 -8.94
N THR A 148 -19.37 4.86 -9.35
CA THR A 148 -19.71 5.45 -10.64
C THR A 148 -19.40 6.94 -10.68
N TRP A 149 -19.86 7.70 -9.68
CA TRP A 149 -19.56 9.12 -9.66
C TRP A 149 -18.07 9.38 -9.51
N GLY A 150 -17.35 8.50 -8.81
CA GLY A 150 -15.90 8.63 -8.76
C GLY A 150 -15.27 8.55 -10.14
N LEU A 151 -15.79 7.65 -10.98
CA LEU A 151 -15.32 7.59 -12.36
C LEU A 151 -15.63 8.88 -13.10
N VAL A 152 -16.84 9.42 -12.90
CA VAL A 152 -17.22 10.68 -13.55
C VAL A 152 -16.30 11.82 -13.13
N VAL A 153 -16.00 11.90 -11.83
CA VAL A 153 -15.26 13.04 -11.31
C VAL A 153 -13.76 12.88 -11.52
N THR A 154 -13.21 11.70 -11.27
CA THR A 154 -11.77 11.48 -11.27
C THR A 154 -11.27 10.68 -12.47
N GLY A 155 -12.15 10.01 -13.21
CA GLY A 155 -11.70 9.12 -14.26
C GLY A 155 -11.09 7.82 -13.77
N LYS A 156 -11.13 7.55 -12.47
CA LYS A 156 -10.54 6.37 -11.89
C LYS A 156 -11.63 5.58 -11.17
N LEU A 157 -11.49 4.25 -11.21
CA LEU A 157 -12.41 3.33 -10.56
C LEU A 157 -11.84 2.87 -9.23
N THR A 158 -12.63 3.01 -8.16
CA THR A 158 -12.38 2.40 -6.86
C THR A 158 -13.50 1.40 -6.60
N SER A 159 -13.14 0.15 -6.30
CA SER A 159 -14.13 -0.91 -6.27
C SER A 159 -15.12 -0.76 -5.12
N THR A 160 -14.70 -0.18 -4.01
CA THR A 160 -15.57 0.08 -2.88
C THR A 160 -15.51 1.57 -2.53
N VAL A 161 -16.48 1.98 -1.72
CA VAL A 161 -16.75 3.39 -1.44
C VAL A 161 -16.22 3.73 -0.06
N ASN A 162 -15.37 4.75 0.05
CA ASN A 162 -15.00 5.21 1.39
C ASN A 162 -16.12 6.14 1.84
N ASP A 163 -17.15 5.55 2.44
CA ASP A 163 -18.35 6.31 2.74
C ASP A 163 -18.13 7.28 3.90
N ARG A 164 -17.17 7.03 4.78
CA ARG A 164 -16.90 8.03 5.82
CA ARG A 164 -16.88 8.01 5.83
C ARG A 164 -16.15 9.22 5.25
N SER A 165 -15.27 9.01 4.28
CA SER A 165 -14.62 10.13 3.61
C SER A 165 -15.64 10.97 2.85
N LEU A 166 -16.57 10.31 2.15
CA LEU A 166 -17.59 11.03 1.39
C LEU A 166 -18.54 11.79 2.31
N ALA A 167 -18.90 11.19 3.45
CA ALA A 167 -19.77 11.88 4.39
C ALA A 167 -19.09 13.14 4.91
N ALA A 168 -17.81 13.02 5.29
CA ALA A 168 -17.08 14.20 5.75
C ALA A 168 -17.02 15.26 4.65
N ALA A 169 -16.76 14.84 3.41
CA ALA A 169 -16.65 15.79 2.32
C ALA A 169 -17.98 16.48 2.02
N LEU A 170 -19.09 15.74 2.14
CA LEU A 170 -20.39 16.33 1.88
C LEU A 170 -20.74 17.36 2.94
N THR A 171 -20.52 17.01 4.22
CA THR A 171 -20.74 17.99 5.28
C THR A 171 -19.88 19.23 5.03
N ARG A 172 -18.61 19.03 4.69
CA ARG A 172 -17.70 20.16 4.50
C ARG A 172 -18.17 21.05 3.37
N LEU A 173 -18.58 20.46 2.24
CA LEU A 173 -18.89 21.29 1.08
C LEU A 173 -20.21 22.02 1.29
N ILE A 174 -21.19 21.37 1.94
CA ILE A 174 -22.46 22.04 2.21
C ILE A 174 -22.25 23.18 3.20
N SER A 175 -21.49 22.92 4.27
CA SER A 175 -21.26 23.98 5.25
C SER A 175 -20.45 25.12 4.67
N ARG A 176 -19.59 24.83 3.68
CA ARG A 176 -18.79 25.89 3.07
C ARG A 176 -19.58 26.66 2.02
N CYS A 177 -20.35 25.95 1.17
CA CYS A 177 -20.93 26.56 -0.02
C CYS A 177 -22.45 26.57 -0.05
N GLY A 178 -23.12 25.81 0.79
CA GLY A 178 -24.55 26.01 0.97
C GLY A 178 -25.40 25.61 -0.22
N GLU A 179 -26.60 26.20 -0.24
CA GLU A 179 -27.57 25.89 -1.28
C GLU A 179 -27.05 26.06 -2.71
N PRO A 180 -26.28 27.11 -3.06
CA PRO A 180 -25.85 27.24 -4.46
C PRO A 180 -25.11 26.04 -5.02
N VAL A 181 -24.21 25.42 -4.25
CA VAL A 181 -23.50 24.27 -4.80
C VAL A 181 -24.43 23.06 -4.91
N ILE A 182 -25.42 22.94 -4.01
CA ILE A 182 -26.36 21.84 -4.11
C ILE A 182 -27.21 21.99 -5.36
N ARG A 183 -27.70 23.21 -5.59
CA ARG A 183 -28.50 23.48 -6.79
C ARG A 183 -27.72 23.13 -8.05
N ARG A 184 -26.45 23.55 -8.11
CA ARG A 184 -25.64 23.28 -9.30
C ARG A 184 -25.37 21.80 -9.46
N GLY A 185 -25.17 21.09 -8.35
CA GLY A 185 -24.97 19.65 -8.43
C GLY A 185 -26.21 18.92 -8.89
N VAL A 186 -27.38 19.35 -8.39
CA VAL A 186 -28.64 18.73 -8.80
C VAL A 186 -28.86 18.92 -10.30
N ASP A 187 -28.68 20.15 -10.79
CA ASP A 187 -28.91 20.41 -12.21
C ASP A 187 -27.90 19.66 -13.08
N MET A 188 -26.65 19.55 -12.62
CA MET A 188 -25.65 18.78 -13.34
C MET A 188 -26.01 17.30 -13.41
N ALA A 189 -26.34 16.71 -12.26
CA ALA A 189 -26.73 15.30 -12.25
C ALA A 189 -27.95 15.04 -13.10
N MET A 190 -28.93 15.95 -13.05
CA MET A 190 -30.15 15.79 -13.85
C MET A 190 -29.83 15.75 -15.34
N ARG A 191 -28.92 16.63 -15.78
CA ARG A 191 -28.52 16.65 -17.19
C ARG A 191 -27.76 15.39 -17.57
N MET A 192 -26.83 14.95 -16.72
CA MET A 192 -26.05 13.76 -17.04
C MET A 192 -26.92 12.51 -17.05
N MET A 193 -27.76 12.35 -16.03
CA MET A 193 -28.55 11.12 -15.92
C MET A 193 -29.76 11.10 -16.85
N GLY A 194 -30.25 12.26 -17.28
CA GLY A 194 -31.42 12.33 -18.11
C GLY A 194 -31.11 12.51 -19.59
N GLU A 195 -29.92 13.03 -19.90
CA GLU A 195 -29.59 13.43 -21.28
C GLU A 195 -28.25 12.94 -21.79
N GLN A 196 -27.28 12.62 -20.93
CA GLN A 196 -25.94 12.23 -21.36
C GLN A 196 -25.69 10.73 -21.19
N PHE A 197 -26.03 10.16 -20.05
CA PHE A 197 -25.87 8.72 -19.88
C PHE A 197 -26.95 7.94 -20.63
N VAL A 198 -28.11 8.55 -20.83
CA VAL A 198 -29.18 7.94 -21.60
C VAL A 198 -29.67 8.95 -22.62
N THR A 199 -30.15 8.43 -23.75
CA THR A 199 -30.82 9.30 -24.71
C THR A 199 -32.16 9.77 -24.15
N GLY A 200 -32.83 8.93 -23.38
CA GLY A 200 -34.04 9.35 -22.67
C GLY A 200 -34.38 8.35 -21.58
N GLU A 201 -35.24 8.77 -20.66
CA GLU A 201 -35.66 7.87 -19.59
C GLU A 201 -36.62 6.81 -20.10
N THR A 202 -37.40 7.15 -21.11
CA THR A 202 -38.35 6.23 -21.72
C THR A 202 -38.10 6.19 -23.22
N ILE A 203 -38.62 5.16 -23.89
CA ILE A 203 -38.41 5.09 -25.34
C ILE A 203 -39.05 6.29 -26.03
N ARG A 204 -40.21 6.74 -25.55
CA ARG A 204 -40.84 7.92 -26.13
C ARG A 204 -39.97 9.16 -26.01
N GLU A 205 -39.37 9.38 -24.84
CA GLU A 205 -38.47 10.51 -24.67
C GLU A 205 -37.22 10.36 -25.54
N ALA A 206 -36.66 9.16 -25.61
CA ALA A 206 -35.47 8.94 -26.43
C ALA A 206 -35.76 9.21 -27.90
N LEU A 207 -36.92 8.73 -28.38
CA LEU A 207 -37.31 8.99 -29.77
C LEU A 207 -37.49 10.47 -30.03
N LYS A 208 -38.03 11.21 -29.04
CA LYS A 208 -38.20 12.65 -29.23
C LYS A 208 -36.86 13.34 -29.40
N ARG A 209 -35.89 12.97 -28.57
CA ARG A 209 -34.57 13.61 -28.60
C ARG A 209 -33.71 13.12 -29.77
N SER A 210 -34.14 12.09 -30.50
CA SER A 210 -33.35 11.60 -31.62
C SER A 210 -33.58 12.40 -32.90
N LYS A 211 -34.65 13.19 -32.97
CA LYS A 211 -34.99 13.87 -34.22
C LYS A 211 -33.88 14.83 -34.66
N GLU A 212 -33.25 15.52 -33.71
CA GLU A 212 -32.28 16.54 -34.05
C GLU A 212 -31.12 15.98 -34.87
N LEU A 213 -30.50 14.91 -34.39
CA LEU A 213 -29.37 14.33 -35.10
C LEU A 213 -29.78 13.47 -36.28
N GLU A 214 -30.99 12.91 -36.27
CA GLU A 214 -31.47 12.22 -37.47
C GLU A 214 -31.59 13.19 -38.64
N GLU A 215 -32.02 14.41 -38.38
CA GLU A 215 -32.12 15.43 -39.42
C GLU A 215 -30.75 15.80 -39.99
N LYS A 216 -29.68 15.51 -39.26
CA LYS A 216 -28.32 15.76 -39.71
C LYS A 216 -27.69 14.58 -40.44
N GLY A 217 -28.37 13.43 -40.47
CA GLY A 217 -27.87 12.25 -41.14
C GLY A 217 -27.50 11.09 -40.23
N PHE A 218 -27.62 11.25 -38.92
CA PHE A 218 -27.41 10.11 -38.03
C PHE A 218 -28.64 9.22 -38.01
N SER A 219 -28.45 7.99 -37.54
CA SER A 219 -29.53 7.08 -37.23
C SER A 219 -29.35 6.58 -35.81
N TYR A 220 -30.29 5.74 -35.34
CA TYR A 220 -30.30 5.29 -33.96
C TYR A 220 -30.54 3.78 -33.84
N SER A 221 -29.96 3.20 -32.80
CA SER A 221 -30.32 1.86 -32.33
C SER A 221 -30.53 1.96 -30.82
N TYR A 222 -31.71 1.58 -30.35
CA TYR A 222 -32.06 1.80 -28.95
C TYR A 222 -31.80 0.57 -28.11
N ASP A 223 -31.24 0.81 -26.92
CA ASP A 223 -30.86 -0.22 -25.95
C ASP A 223 -31.70 0.02 -24.69
N MET A 224 -32.66 -0.85 -24.45
CA MET A 224 -33.45 -0.79 -23.22
C MET A 224 -32.56 -1.31 -22.09
N LEU A 225 -31.98 -0.38 -21.33
CA LEU A 225 -31.01 -0.74 -20.30
C LEU A 225 -31.62 -1.68 -19.27
N GLY A 226 -30.82 -2.64 -18.82
CA GLY A 226 -31.25 -3.50 -17.72
C GLY A 226 -30.16 -4.47 -17.37
N GLU A 227 -30.40 -5.23 -16.30
CA GLU A 227 -29.50 -6.30 -15.92
C GLU A 227 -29.85 -7.58 -16.69
N ALA A 228 -28.91 -8.53 -16.68
CA ALA A 228 -29.20 -9.85 -17.19
C ALA A 228 -30.23 -10.53 -16.30
N ALA A 229 -31.07 -11.37 -16.89
CA ALA A 229 -32.20 -11.89 -16.14
C ALA A 229 -31.73 -12.93 -15.13
N THR A 230 -32.23 -12.81 -13.91
CA THR A 230 -32.00 -13.78 -12.85
C THR A 230 -33.18 -14.70 -12.64
N THR A 231 -34.38 -14.27 -13.04
CA THR A 231 -35.58 -15.03 -12.82
C THR A 231 -36.40 -15.06 -14.09
N ALA A 232 -37.32 -16.00 -14.15
CA ALA A 232 -38.30 -16.03 -15.25
C ALA A 232 -39.08 -14.73 -15.32
N ALA A 233 -39.52 -14.21 -14.17
CA ALA A 233 -40.32 -13.00 -14.17
C ALA A 233 -39.53 -11.82 -14.72
N ASP A 234 -38.24 -11.75 -14.40
CA ASP A 234 -37.46 -10.63 -14.89
C ASP A 234 -37.17 -10.77 -16.38
N ALA A 235 -36.98 -12.01 -16.86
CA ALA A 235 -36.82 -12.20 -18.30
C ALA A 235 -38.10 -11.81 -19.03
N GLU A 236 -39.25 -12.15 -18.45
CA GLU A 236 -40.52 -11.76 -19.07
C GLU A 236 -40.69 -10.25 -19.06
N ARG A 237 -40.25 -9.58 -17.99
CA ARG A 237 -40.28 -8.11 -17.97
C ARG A 237 -39.40 -7.51 -19.06
N TYR A 238 -38.19 -8.03 -19.22
CA TYR A 238 -37.34 -7.51 -20.29
C TYR A 238 -37.96 -7.77 -21.64
N TYR A 239 -38.61 -8.93 -21.80
CA TYR A 239 -39.29 -9.20 -23.06
C TYR A 239 -40.33 -8.13 -23.35
N ARG A 240 -41.22 -7.85 -22.38
CA ARG A 240 -42.27 -6.88 -22.67
CA ARG A 240 -42.27 -6.87 -22.66
C ARG A 240 -41.70 -5.48 -22.85
N ASP A 241 -40.58 -5.16 -22.21
CA ASP A 241 -39.93 -3.88 -22.45
C ASP A 241 -39.43 -3.78 -23.89
N TYR A 242 -38.77 -4.83 -24.39
CA TYR A 242 -38.31 -4.84 -25.78
C TYR A 242 -39.48 -4.76 -26.75
N GLU A 243 -40.52 -5.55 -26.49
CA GLU A 243 -41.68 -5.55 -27.37
C GLU A 243 -42.30 -4.17 -27.43
N SER A 244 -42.48 -3.52 -26.27
CA SER A 244 -43.07 -2.18 -26.30
C SER A 244 -42.13 -1.18 -26.98
N ALA A 245 -40.82 -1.33 -26.83
CA ALA A 245 -39.89 -0.45 -27.53
C ALA A 245 -39.96 -0.65 -29.05
N ILE A 246 -40.04 -1.90 -29.50
CA ILE A 246 -40.14 -2.14 -30.94
C ILE A 246 -41.36 -1.43 -31.52
N HIS A 247 -42.49 -1.50 -30.82
CA HIS A 247 -43.68 -0.78 -31.31
C HIS A 247 -43.41 0.71 -31.41
N ALA A 248 -42.84 1.32 -30.36
CA ALA A 248 -42.61 2.75 -30.40
C ALA A 248 -41.60 3.12 -31.48
N ILE A 249 -40.53 2.32 -31.62
CA ILE A 249 -39.52 2.60 -32.64
C ILE A 249 -40.10 2.39 -34.04
N GLY A 250 -40.85 1.31 -34.23
CA GLY A 250 -41.44 1.06 -35.53
C GLY A 250 -42.47 2.10 -35.92
N LYS A 251 -43.26 2.58 -34.94
CA LYS A 251 -44.21 3.65 -35.24
C LYS A 251 -43.47 4.91 -35.68
N ALA A 252 -42.37 5.22 -34.99
CA ALA A 252 -41.59 6.42 -35.31
C ALA A 252 -40.82 6.24 -36.60
N SER A 253 -40.30 5.04 -36.85
CA SER A 253 -39.61 4.78 -38.11
C SER A 253 -40.48 5.13 -39.29
N ALA A 254 -41.75 4.74 -39.23
CA ALA A 254 -42.76 5.13 -40.22
C ALA A 254 -42.29 4.83 -41.65
N GLY A 255 -41.80 3.60 -41.85
CA GLY A 255 -41.42 3.18 -43.18
C GLY A 255 -40.09 3.67 -43.69
N ARG A 256 -39.24 4.26 -42.84
CA ARG A 256 -37.91 4.68 -43.32
C ARG A 256 -37.00 3.51 -43.61
N GLY A 257 -37.32 2.30 -43.14
CA GLY A 257 -36.52 1.15 -43.46
C GLY A 257 -35.38 0.92 -42.49
N ILE A 258 -34.60 -0.14 -42.76
CA ILE A 258 -33.63 -0.60 -41.77
C ILE A 258 -32.33 0.19 -41.81
N TYR A 259 -32.05 0.94 -42.87
CA TYR A 259 -30.81 1.69 -42.93
C TYR A 259 -30.98 3.14 -42.50
N GLU A 260 -31.98 3.84 -43.05
CA GLU A 260 -32.22 5.23 -42.66
C GLU A 260 -32.93 5.32 -41.32
N GLY A 261 -33.80 4.36 -41.01
CA GLY A 261 -34.65 4.45 -39.85
C GLY A 261 -34.03 3.77 -38.64
N PRO A 262 -34.64 4.00 -37.49
CA PRO A 262 -34.07 3.50 -36.23
C PRO A 262 -34.28 2.00 -36.10
N GLY A 263 -33.47 1.40 -35.24
CA GLY A 263 -33.63 0.00 -34.91
C GLY A 263 -33.52 -0.25 -33.42
N ILE A 264 -33.53 -1.52 -33.02
CA ILE A 264 -33.39 -1.88 -31.61
C ILE A 264 -32.22 -2.87 -31.50
N SER A 265 -31.59 -2.87 -30.33
CA SER A 265 -30.57 -3.85 -29.99
C SER A 265 -31.02 -4.58 -28.74
N ILE A 266 -30.76 -5.89 -28.70
CA ILE A 266 -31.17 -6.71 -27.57
C ILE A 266 -29.97 -7.50 -27.05
N LYS A 267 -30.01 -7.80 -25.76
CA LYS A 267 -29.01 -8.68 -25.17
C LYS A 267 -29.73 -9.97 -24.79
N LEU A 268 -29.24 -11.09 -25.33
CA LEU A 268 -29.92 -12.36 -25.11
C LEU A 268 -30.00 -12.73 -23.64
N SER A 269 -29.00 -12.34 -22.84
CA SER A 269 -29.03 -12.67 -21.43
C SER A 269 -30.16 -11.94 -20.69
N ALA A 270 -30.72 -10.88 -21.29
CA ALA A 270 -31.89 -10.25 -20.69
C ALA A 270 -33.13 -11.11 -20.83
N LEU A 271 -33.16 -12.02 -21.80
CA LEU A 271 -34.38 -12.68 -22.19
C LEU A 271 -34.49 -14.11 -21.69
N HIS A 272 -33.50 -14.60 -20.94
CA HIS A 272 -33.66 -15.92 -20.35
C HIS A 272 -32.75 -15.98 -19.14
N PRO A 273 -33.20 -16.51 -18.00
CA PRO A 273 -32.35 -16.53 -16.80
C PRO A 273 -31.27 -17.60 -16.83
N ARG A 274 -31.29 -18.54 -17.77
CA ARG A 274 -30.26 -19.57 -17.86
C ARG A 274 -29.67 -19.59 -19.27
N TYR A 275 -29.21 -18.44 -19.73
CA TYR A 275 -28.62 -18.31 -21.06
C TYR A 275 -27.16 -18.76 -20.98
N SER A 276 -26.95 -20.04 -21.25
CA SER A 276 -25.60 -20.62 -21.17
C SER A 276 -25.57 -21.90 -21.98
N ARG A 277 -24.35 -22.27 -22.38
CA ARG A 277 -24.17 -23.52 -23.12
C ARG A 277 -24.64 -24.71 -22.30
N ALA A 278 -24.45 -24.67 -20.97
CA ALA A 278 -24.88 -25.81 -20.15
C ALA A 278 -26.39 -26.01 -20.24
N GLN A 279 -27.13 -24.95 -20.53
CA GLN A 279 -28.59 -25.01 -20.66
C GLN A 279 -29.02 -24.82 -22.11
N ALA A 280 -28.20 -25.31 -23.04
CA ALA A 280 -28.46 -25.03 -24.46
C ALA A 280 -29.86 -25.46 -24.88
N ALA A 281 -30.31 -26.63 -24.42
CA ALA A 281 -31.63 -27.11 -24.83
C ALA A 281 -32.73 -26.16 -24.36
N ARG A 282 -32.63 -25.64 -23.13
CA ARG A 282 -33.61 -24.66 -22.69
C ARG A 282 -33.50 -23.38 -23.49
N VAL A 283 -32.28 -22.98 -23.85
CA VAL A 283 -32.10 -21.76 -24.64
C VAL A 283 -32.81 -21.91 -25.99
N MET A 284 -32.58 -23.03 -26.67
CA MET A 284 -33.23 -23.18 -27.98
C MET A 284 -34.73 -23.37 -27.85
N GLY A 285 -35.19 -24.02 -26.78
CA GLY A 285 -36.61 -24.25 -26.62
C GLY A 285 -37.38 -23.06 -26.12
N GLU A 286 -36.75 -22.22 -25.30
CA GLU A 286 -37.47 -21.16 -24.59
C GLU A 286 -37.05 -19.76 -24.98
N LEU A 287 -35.75 -19.53 -25.18
CA LEU A 287 -35.27 -18.22 -25.57
C LEU A 287 -35.50 -17.96 -27.06
N LEU A 288 -35.18 -18.94 -27.90
CA LEU A 288 -35.33 -18.76 -29.35
C LEU A 288 -36.73 -18.29 -29.76
N PRO A 289 -37.83 -18.91 -29.31
CA PRO A 289 -39.15 -18.39 -29.70
C PRO A 289 -39.38 -16.96 -29.28
N ARG A 290 -38.78 -16.53 -28.17
CA ARG A 290 -38.98 -15.15 -27.73
C ARG A 290 -38.28 -14.19 -28.67
N VAL A 291 -37.04 -14.51 -29.05
CA VAL A 291 -36.33 -13.67 -30.01
C VAL A 291 -37.08 -13.66 -31.33
N LYS A 292 -37.59 -14.82 -31.74
CA LYS A 292 -38.36 -14.88 -32.97
C LYS A 292 -39.56 -13.97 -32.91
N ALA A 293 -40.29 -13.96 -31.79
CA ALA A 293 -41.48 -13.11 -31.69
C ALA A 293 -41.09 -11.64 -31.80
N LEU A 294 -39.99 -11.24 -31.16
CA LEU A 294 -39.54 -9.85 -31.28
C LEU A 294 -39.11 -9.56 -32.71
N ALA A 295 -38.43 -10.53 -33.35
CA ALA A 295 -37.98 -10.34 -34.73
C ALA A 295 -39.16 -10.21 -35.70
N LEU A 296 -40.21 -10.99 -35.48
CA LEU A 296 -41.40 -10.87 -36.33
C LEU A 296 -41.99 -9.47 -36.24
N LEU A 297 -41.96 -8.87 -35.06
CA LEU A 297 -42.49 -7.52 -34.92
C LEU A 297 -41.58 -6.51 -35.60
N ALA A 298 -40.25 -6.65 -35.41
CA ALA A 298 -39.33 -5.78 -36.12
C ALA A 298 -39.49 -5.91 -37.64
N LYS A 299 -39.71 -7.13 -38.13
CA LYS A 299 -39.98 -7.33 -39.55
CA LYS A 299 -39.98 -7.33 -39.55
C LYS A 299 -41.22 -6.57 -40.00
N ASN A 300 -42.30 -6.62 -39.23
CA ASN A 300 -43.52 -5.95 -39.68
C ASN A 300 -43.32 -4.44 -39.79
N TYR A 301 -42.58 -3.85 -38.85
CA TYR A 301 -42.27 -2.43 -38.94
C TYR A 301 -41.10 -2.13 -39.86
N ASP A 302 -40.38 -3.15 -40.31
CA ASP A 302 -39.15 -3.01 -41.11
C ASP A 302 -38.11 -2.13 -40.41
N ILE A 303 -37.76 -2.54 -39.20
CA ILE A 303 -36.68 -1.90 -38.45
C ILE A 303 -35.58 -2.93 -38.20
N GLY A 304 -34.40 -2.43 -37.87
CA GLY A 304 -33.33 -3.33 -37.50
C GLY A 304 -33.55 -3.91 -36.11
N LEU A 305 -33.11 -5.16 -35.93
CA LEU A 305 -33.08 -5.81 -34.62
C LEU A 305 -31.72 -6.47 -34.51
N ASN A 306 -30.88 -5.98 -33.60
CA ASN A 306 -29.50 -6.42 -33.49
C ASN A 306 -29.33 -7.25 -32.22
N ILE A 307 -28.66 -8.39 -32.34
CA ILE A 307 -28.27 -9.20 -31.19
C ILE A 307 -26.89 -8.76 -30.73
N ASP A 308 -26.83 -8.17 -29.52
CA ASP A 308 -25.57 -7.72 -28.95
C ASP A 308 -24.73 -8.91 -28.51
N ALA A 309 -23.41 -8.70 -28.46
CA ALA A 309 -22.48 -9.76 -28.10
C ALA A 309 -22.05 -9.63 -26.64
N GLU A 310 -21.97 -10.77 -25.95
CA GLU A 310 -21.69 -10.72 -24.52
C GLU A 310 -20.41 -11.49 -24.21
N GLU A 311 -20.42 -12.34 -23.17
CA GLU A 311 -19.19 -12.99 -22.76
C GLU A 311 -18.73 -14.01 -23.79
N ALA A 312 -17.46 -14.36 -23.73
CA ALA A 312 -16.92 -15.25 -24.75
C ALA A 312 -17.59 -16.62 -24.74
N ASP A 313 -18.03 -17.09 -23.57
CA ASP A 313 -18.65 -18.41 -23.51
C ASP A 313 -20.11 -18.40 -23.98
N ARG A 314 -20.60 -17.26 -24.47
CA ARG A 314 -21.92 -17.19 -25.09
C ARG A 314 -21.86 -17.00 -26.59
N LEU A 315 -20.66 -16.79 -27.16
CA LEU A 315 -20.54 -16.51 -28.58
C LEU A 315 -21.12 -17.62 -29.42
N GLU A 316 -20.58 -18.84 -29.29
CA GLU A 316 -20.98 -19.89 -30.22
C GLU A 316 -22.43 -20.31 -29.97
N LEU A 317 -22.87 -20.29 -28.72
CA LEU A 317 -24.29 -20.52 -28.42
C LEU A 317 -25.18 -19.55 -29.20
N SER A 318 -24.81 -18.26 -29.21
CA SER A 318 -25.63 -17.28 -29.91
C SER A 318 -25.69 -17.54 -31.41
N LEU A 319 -24.66 -18.19 -31.97
CA LEU A 319 -24.68 -18.53 -33.39
C LEU A 319 -25.78 -19.53 -33.72
N ASP A 320 -26.13 -20.40 -32.78
CA ASP A 320 -27.22 -21.33 -33.07
C ASP A 320 -28.55 -20.59 -33.13
N LEU A 321 -28.74 -19.57 -32.30
CA LEU A 321 -29.96 -18.77 -32.44
C LEU A 321 -29.95 -17.99 -33.74
N LEU A 322 -28.82 -17.39 -34.09
CA LEU A 322 -28.74 -16.65 -35.36
C LEU A 322 -29.04 -17.56 -36.54
N GLU A 323 -28.50 -18.77 -36.52
CA GLU A 323 -28.73 -19.72 -37.62
C GLU A 323 -30.21 -20.02 -37.78
N VAL A 324 -30.88 -20.42 -36.70
CA VAL A 324 -32.29 -20.79 -36.82
C VAL A 324 -33.12 -19.60 -37.28
N LEU A 325 -32.85 -18.42 -36.72
CA LEU A 325 -33.65 -17.25 -37.09
C LEU A 325 -33.48 -16.91 -38.57
N CYS A 326 -32.24 -16.95 -39.06
CA CYS A 326 -32.01 -16.59 -40.46
C CYS A 326 -32.56 -17.63 -41.41
N LEU A 327 -32.77 -18.87 -40.96
CA LEU A 327 -33.33 -19.94 -41.76
C LEU A 327 -34.85 -20.06 -41.62
N ASP A 328 -35.44 -19.31 -40.71
CA ASP A 328 -36.87 -19.42 -40.43
C ASP A 328 -37.65 -18.65 -41.48
N GLY A 329 -38.43 -19.35 -42.29
CA GLY A 329 -39.15 -18.71 -43.37
C GLY A 329 -40.12 -17.65 -42.92
N ASP A 330 -40.60 -17.72 -41.66
CA ASP A 330 -41.53 -16.71 -41.17
C ASP A 330 -40.90 -15.32 -41.11
N LEU A 331 -39.56 -15.24 -41.08
CA LEU A 331 -38.87 -13.97 -41.04
C LEU A 331 -38.36 -13.53 -42.41
N SER A 332 -38.67 -14.28 -43.47
CA SER A 332 -38.14 -13.94 -44.77
C SER A 332 -38.74 -12.63 -45.28
N GLY A 333 -37.99 -11.97 -46.16
CA GLY A 333 -38.39 -10.68 -46.69
C GLY A 333 -37.86 -9.51 -45.92
N TRP A 334 -37.24 -9.74 -44.78
CA TRP A 334 -36.75 -8.69 -43.90
C TRP A 334 -35.25 -8.86 -43.73
N ASN A 335 -34.50 -7.77 -43.94
CA ASN A 335 -33.04 -7.78 -43.81
C ASN A 335 -32.56 -7.09 -42.54
N GLY A 336 -33.45 -6.88 -41.58
CA GLY A 336 -33.11 -6.15 -40.38
C GLY A 336 -32.41 -6.93 -39.28
N MET A 337 -32.30 -8.25 -39.39
CA MET A 337 -31.62 -9.02 -38.34
CA MET A 337 -31.61 -9.00 -38.33
C MET A 337 -30.13 -8.64 -38.30
N GLY A 338 -29.65 -8.28 -37.10
CA GLY A 338 -28.28 -7.86 -36.94
C GLY A 338 -27.60 -8.66 -35.84
N PHE A 339 -26.27 -8.61 -35.87
CA PHE A 339 -25.46 -9.45 -34.99
C PHE A 339 -24.11 -8.80 -34.76
N VAL A 340 -23.68 -8.73 -33.51
CA VAL A 340 -22.39 -8.15 -33.15
C VAL A 340 -21.31 -9.22 -33.14
N VAL A 341 -20.13 -8.89 -33.65
CA VAL A 341 -18.93 -9.69 -33.43
C VAL A 341 -17.85 -8.80 -32.82
N GLN A 342 -17.06 -9.39 -31.92
CA GLN A 342 -16.11 -8.66 -31.08
C GLN A 342 -14.69 -8.91 -31.59
N ALA A 343 -14.07 -7.85 -32.11
CA ALA A 343 -12.75 -7.97 -32.71
C ALA A 343 -11.66 -8.31 -31.70
N TYR A 344 -11.91 -8.10 -30.40
CA TYR A 344 -10.89 -8.55 -29.46
C TYR A 344 -10.90 -10.06 -29.29
N GLY A 345 -11.83 -10.76 -29.91
CA GLY A 345 -11.92 -12.20 -29.77
C GLY A 345 -11.14 -12.93 -30.84
N LYS A 346 -10.45 -13.99 -30.43
CA LYS A 346 -9.61 -14.76 -31.36
C LYS A 346 -10.42 -15.47 -32.42
N ARG A 347 -11.70 -15.69 -32.19
CA ARG A 347 -12.54 -16.35 -33.18
C ARG A 347 -13.17 -15.38 -34.19
N CYS A 348 -13.00 -14.07 -34.02
CA CYS A 348 -13.76 -13.09 -34.82
C CYS A 348 -13.73 -13.32 -36.33
N PRO A 349 -12.58 -13.46 -36.99
CA PRO A 349 -12.64 -13.65 -38.46
C PRO A 349 -13.36 -14.92 -38.86
N PHE A 350 -13.25 -15.97 -38.05
CA PHE A 350 -13.93 -17.23 -38.37
C PHE A 350 -15.42 -17.13 -38.12
N VAL A 351 -15.80 -16.35 -37.11
CA VAL A 351 -17.21 -16.06 -36.89
C VAL A 351 -17.77 -15.30 -38.09
N LEU A 352 -17.01 -14.34 -38.61
CA LEU A 352 -17.46 -13.59 -39.76
C LEU A 352 -17.60 -14.49 -40.98
N ASP A 353 -16.66 -15.42 -41.18
CA ASP A 353 -16.80 -16.37 -42.28
C ASP A 353 -18.11 -17.15 -42.14
N PHE A 354 -18.44 -17.56 -40.92
CA PHE A 354 -19.69 -18.29 -40.69
C PHE A 354 -20.90 -17.43 -41.01
N ILE A 355 -20.89 -16.19 -40.51
CA ILE A 355 -22.04 -15.30 -40.72
C ILE A 355 -22.19 -14.95 -42.19
N ILE A 356 -21.09 -14.65 -42.88
CA ILE A 356 -21.19 -14.32 -44.30
C ILE A 356 -21.75 -15.49 -45.07
N ASP A 357 -21.33 -16.71 -44.72
CA ASP A 357 -21.88 -17.88 -45.39
C ASP A 357 -23.34 -18.07 -45.06
N LEU A 358 -23.72 -17.84 -43.79
CA LEU A 358 -25.12 -17.94 -43.41
C LEU A 358 -25.96 -16.91 -44.16
N ALA A 359 -25.41 -15.72 -44.37
CA ALA A 359 -26.13 -14.72 -45.14
C ALA A 359 -26.33 -15.20 -46.58
N ARG A 360 -25.31 -15.83 -47.15
CA ARG A 360 -25.44 -16.36 -48.52
C ARG A 360 -26.50 -17.46 -48.58
N ARG A 361 -26.41 -18.42 -47.65
CA ARG A 361 -27.36 -19.54 -47.64
C ARG A 361 -28.79 -19.06 -47.42
N SER A 362 -28.99 -18.15 -46.47
CA SER A 362 -30.33 -17.68 -46.14
C SER A 362 -30.83 -16.61 -47.10
N GLY A 363 -29.94 -15.98 -47.86
CA GLY A 363 -30.34 -14.84 -48.65
C GLY A 363 -30.70 -13.60 -47.86
N ARG A 364 -30.35 -13.55 -46.58
CA ARG A 364 -30.62 -12.41 -45.70
C ARG A 364 -29.34 -11.58 -45.58
N ARG A 365 -29.48 -10.27 -45.80
CA ARG A 365 -28.33 -9.37 -45.70
C ARG A 365 -28.13 -9.04 -44.23
N ILE A 366 -27.36 -9.89 -43.55
CA ILE A 366 -27.19 -9.75 -42.11
C ILE A 366 -26.45 -8.46 -41.79
N MET A 367 -27.00 -7.69 -40.85
CA MET A 367 -26.33 -6.48 -40.38
C MET A 367 -25.30 -6.90 -39.35
N VAL A 368 -24.03 -6.66 -39.62
CA VAL A 368 -22.96 -7.15 -38.77
C VAL A 368 -22.30 -5.94 -38.12
N ARG A 369 -22.48 -5.80 -36.82
CA ARG A 369 -21.84 -4.72 -36.07
C ARG A 369 -20.51 -5.23 -35.54
N LEU A 370 -19.43 -4.64 -36.03
CA LEU A 370 -18.09 -4.98 -35.57
C LEU A 370 -17.74 -4.03 -34.41
N VAL A 371 -17.49 -4.60 -33.25
CA VAL A 371 -17.05 -3.85 -32.08
C VAL A 371 -15.71 -4.42 -31.67
N LYS A 372 -15.02 -3.71 -30.78
CA LYS A 372 -13.79 -4.31 -30.29
C LYS A 372 -14.06 -5.30 -29.16
N GLY A 373 -14.81 -4.89 -28.14
CA GLY A 373 -15.26 -5.82 -27.11
C GLY A 373 -15.33 -5.18 -25.74
N ALA A 374 -16.37 -5.49 -24.95
CA ALA A 374 -16.65 -4.74 -23.74
C ALA A 374 -16.31 -5.48 -22.45
N TYR A 375 -15.85 -6.74 -22.53
CA TYR A 375 -15.69 -7.56 -21.34
C TYR A 375 -14.24 -7.95 -21.07
N TRP A 376 -13.29 -7.13 -21.52
CA TRP A 376 -11.91 -7.58 -21.58
C TRP A 376 -11.40 -8.02 -20.21
N ASP A 377 -11.53 -7.15 -19.19
CA ASP A 377 -11.01 -7.48 -17.87
CA ASP A 377 -10.95 -7.53 -17.91
C ASP A 377 -11.67 -8.73 -17.31
N ALA A 378 -12.98 -8.86 -17.55
CA ALA A 378 -13.71 -10.02 -17.04
C ALA A 378 -13.24 -11.29 -17.72
N GLU A 379 -12.92 -11.22 -19.02
CA GLU A 379 -12.45 -12.42 -19.71
C GLU A 379 -11.09 -12.86 -19.20
N ILE A 380 -10.20 -11.90 -18.90
CA ILE A 380 -8.89 -12.27 -18.35
C ILE A 380 -9.06 -12.98 -17.00
N LYS A 381 -9.87 -12.38 -16.11
CA LYS A 381 -10.09 -13.00 -14.81
C LYS A 381 -10.70 -14.39 -14.95
N ARG A 382 -11.69 -14.53 -15.82
CA ARG A 382 -12.40 -15.80 -15.94
C ARG A 382 -11.48 -16.92 -16.42
N ALA A 383 -10.63 -16.64 -17.40
CA ALA A 383 -9.73 -17.68 -17.90
C ALA A 383 -8.74 -18.08 -16.83
N GLN A 384 -8.25 -17.10 -16.05
CA GLN A 384 -7.33 -17.42 -14.98
C GLN A 384 -8.01 -18.26 -13.91
N LEU A 385 -9.22 -17.87 -13.51
CA LEU A 385 -9.93 -18.63 -12.49
C LEU A 385 -10.17 -20.06 -12.93
N ASP A 386 -10.48 -20.25 -14.21
CA ASP A 386 -10.84 -21.57 -14.70
C ASP A 386 -9.63 -22.39 -15.12
N GLY A 387 -8.42 -21.83 -14.97
CA GLY A 387 -7.21 -22.56 -15.32
C GLY A 387 -7.17 -23.04 -16.75
N LEU A 388 -7.59 -22.20 -17.69
CA LEU A 388 -7.67 -22.65 -19.08
C LEU A 388 -6.37 -22.36 -19.82
N ALA A 389 -6.25 -22.97 -21.00
CA ALA A 389 -4.97 -22.96 -21.70
C ALA A 389 -4.55 -21.56 -22.12
N ASP A 390 -5.51 -20.70 -22.44
CA ASP A 390 -5.18 -19.38 -22.95
C ASP A 390 -6.43 -18.52 -22.85
N PHE A 391 -6.30 -17.27 -23.25
CA PHE A 391 -7.44 -16.37 -23.21
C PHE A 391 -8.23 -16.46 -24.50
N PRO A 392 -9.54 -16.18 -24.45
CA PRO A 392 -10.35 -16.10 -25.67
C PRO A 392 -10.35 -14.74 -26.33
N VAL A 393 -9.58 -13.81 -25.77
CA VAL A 393 -9.41 -12.45 -26.26
C VAL A 393 -7.92 -12.17 -26.36
N PHE A 394 -7.58 -11.15 -27.14
CA PHE A 394 -6.20 -10.71 -27.19
C PHE A 394 -5.81 -10.06 -25.86
N THR A 395 -4.51 -9.94 -25.62
CA THR A 395 -4.02 -9.34 -24.40
C THR A 395 -3.26 -8.04 -24.60
N ARG A 396 -2.94 -7.69 -25.84
CA ARG A 396 -2.43 -6.36 -26.16
C ARG A 396 -3.48 -5.60 -26.95
N LYS A 397 -3.76 -4.37 -26.53
CA LYS A 397 -4.80 -3.58 -27.17
C LYS A 397 -4.54 -3.41 -28.65
N ILE A 398 -3.27 -3.30 -29.05
CA ILE A 398 -2.96 -3.09 -30.44
C ILE A 398 -3.35 -4.30 -31.28
N HIS A 399 -3.36 -5.50 -30.68
CA HIS A 399 -3.79 -6.69 -31.42
C HIS A 399 -5.27 -6.62 -31.76
N THR A 400 -6.08 -6.18 -30.81
CA THR A 400 -7.50 -5.94 -31.09
C THR A 400 -7.68 -4.94 -32.22
N ASP A 401 -6.87 -3.88 -32.25
CA ASP A 401 -6.99 -2.91 -33.33
C ASP A 401 -6.68 -3.55 -34.69
N VAL A 402 -5.61 -4.35 -34.75
CA VAL A 402 -5.28 -5.03 -36.00
C VAL A 402 -6.38 -6.01 -36.38
N SER A 403 -6.87 -6.76 -35.40
CA SER A 403 -7.98 -7.67 -35.64
C SER A 403 -9.19 -6.93 -36.20
N TYR A 404 -9.50 -5.77 -35.62
CA TYR A 404 -10.65 -4.99 -36.08
C TYR A 404 -10.48 -4.60 -37.55
N ILE A 405 -9.29 -4.11 -37.91
CA ILE A 405 -9.08 -3.65 -39.28
C ILE A 405 -9.07 -4.83 -40.25
N ALA A 406 -8.48 -5.96 -39.85
CA ALA A 406 -8.51 -7.15 -40.70
C ALA A 406 -9.93 -7.63 -40.93
N CYS A 407 -10.75 -7.63 -39.87
CA CYS A 407 -12.14 -8.07 -39.99
C CYS A 407 -12.97 -7.09 -40.79
N ALA A 408 -12.61 -5.80 -40.75
CA ALA A 408 -13.28 -4.82 -41.59
C ALA A 408 -12.97 -5.07 -43.06
N ALA A 409 -11.75 -5.47 -43.37
CA ALA A 409 -11.42 -5.82 -44.76
C ALA A 409 -12.27 -6.99 -45.24
N LYS A 410 -12.48 -7.99 -44.37
CA LYS A 410 -13.31 -9.13 -44.73
C LYS A 410 -14.76 -8.69 -44.96
N LEU A 411 -15.30 -7.87 -44.06
CA LEU A 411 -16.66 -7.37 -44.22
C LEU A 411 -16.81 -6.52 -45.47
N LEU A 412 -15.84 -5.64 -45.74
CA LEU A 412 -15.98 -4.76 -46.89
C LEU A 412 -15.89 -5.50 -48.21
N ALA A 413 -15.38 -6.73 -48.21
CA ALA A 413 -15.37 -7.56 -49.42
C ALA A 413 -16.70 -8.30 -49.62
N ALA A 414 -17.63 -8.21 -48.67
CA ALA A 414 -18.88 -8.95 -48.74
C ALA A 414 -20.09 -8.05 -48.54
N THR A 415 -20.00 -6.77 -48.94
CA THR A 415 -21.14 -5.87 -48.76
C THR A 415 -22.34 -6.26 -49.60
N ASP A 416 -22.19 -7.13 -50.59
CA ASP A 416 -23.37 -7.59 -51.32
C ASP A 416 -24.22 -8.52 -50.46
N VAL A 417 -23.64 -9.21 -49.48
CA VAL A 417 -24.39 -10.19 -48.71
C VAL A 417 -24.54 -9.83 -47.23
N VAL A 418 -23.73 -8.92 -46.69
CA VAL A 418 -23.92 -8.41 -45.33
C VAL A 418 -23.81 -6.90 -45.33
N PHE A 419 -24.32 -6.30 -44.27
CA PHE A 419 -24.27 -4.85 -44.07
C PHE A 419 -23.31 -4.55 -42.93
N PRO A 420 -22.07 -4.13 -43.22
CA PRO A 420 -21.11 -3.87 -42.14
C PRO A 420 -21.43 -2.60 -41.38
N GLN A 421 -21.25 -2.66 -40.07
CA GLN A 421 -21.53 -1.54 -39.18
C GLN A 421 -20.33 -1.41 -38.26
N PHE A 422 -19.52 -0.37 -38.47
CA PHE A 422 -18.23 -0.27 -37.80
C PHE A 422 -18.39 0.62 -36.58
N ALA A 423 -18.54 -0.04 -35.43
CA ALA A 423 -18.77 0.62 -34.15
C ALA A 423 -17.41 0.96 -33.55
N THR A 424 -17.06 2.23 -33.53
CA THR A 424 -15.80 2.63 -32.93
C THR A 424 -15.82 4.13 -32.69
N HIS A 425 -15.13 4.54 -31.62
CA HIS A 425 -14.84 5.95 -31.36
C HIS A 425 -13.39 6.30 -31.63
N ASN A 426 -12.63 5.39 -32.20
CA ASN A 426 -11.21 5.58 -32.45
C ASN A 426 -11.04 6.22 -33.82
N ALA A 427 -10.56 7.47 -33.86
CA ALA A 427 -10.46 8.18 -35.13
C ALA A 427 -9.47 7.52 -36.08
N GLN A 428 -8.45 6.83 -35.56
CA GLN A 428 -7.52 6.13 -36.41
C GLN A 428 -8.17 4.91 -37.06
N THR A 429 -8.90 4.14 -36.25
CA THR A 429 -9.67 3.01 -36.77
C THR A 429 -10.65 3.48 -37.84
N LEU A 430 -11.39 4.55 -37.52
CA LEU A 430 -12.37 5.09 -38.45
C LEU A 430 -11.72 5.47 -39.78
N ALA A 431 -10.64 6.26 -39.72
CA ALA A 431 -9.98 6.72 -40.92
C ALA A 431 -9.48 5.57 -41.77
N ALA A 432 -8.93 4.53 -41.13
CA ALA A 432 -8.40 3.39 -41.86
C ALA A 432 -9.50 2.68 -42.64
N ILE A 433 -10.68 2.56 -42.05
CA ILE A 433 -11.78 1.88 -42.72
C ILE A 433 -12.43 2.78 -43.75
N TYR A 434 -12.55 4.08 -43.44
CA TYR A 434 -13.07 5.03 -44.41
C TYR A 434 -12.29 4.98 -45.72
N HIS A 435 -10.97 4.93 -45.66
CA HIS A 435 -10.19 4.85 -46.88
C HIS A 435 -10.17 3.44 -47.45
N MET A 436 -10.27 2.42 -46.60
CA MET A 436 -10.35 1.05 -47.07
C MET A 436 -11.59 0.83 -47.92
N ALA A 437 -12.71 1.46 -47.52
CA ALA A 437 -13.98 1.26 -48.21
C ALA A 437 -14.01 1.97 -49.56
N GLY A 438 -13.14 2.95 -49.78
CA GLY A 438 -13.00 3.55 -51.08
C GLY A 438 -14.07 4.60 -51.38
N LYS A 439 -14.07 5.03 -52.65
CA LYS A 439 -14.84 6.20 -53.06
C LYS A 439 -16.29 5.88 -53.38
N ASP A 440 -16.59 4.67 -53.83
CA ASP A 440 -17.97 4.30 -54.11
C ASP A 440 -18.73 4.13 -52.81
N PHE A 441 -19.72 4.98 -52.59
CA PHE A 441 -20.57 4.80 -51.42
C PHE A 441 -22.02 5.09 -51.77
N HIS A 442 -22.90 4.32 -51.15
CA HIS A 442 -24.32 4.58 -51.13
C HIS A 442 -24.84 4.19 -49.77
N VAL A 443 -25.87 4.90 -49.30
CA VAL A 443 -26.47 4.52 -48.03
C VAL A 443 -27.03 3.11 -48.15
N GLY A 444 -26.66 2.26 -47.19
CA GLY A 444 -26.91 0.84 -47.27
C GLY A 444 -25.68 0.01 -47.57
N LYS A 445 -24.59 0.63 -48.04
CA LYS A 445 -23.40 -0.15 -48.29
C LYS A 445 -22.74 -0.56 -46.99
N TYR A 446 -22.49 0.41 -46.12
CA TYR A 446 -21.99 0.16 -44.78
C TYR A 446 -22.27 1.41 -43.95
N GLU A 447 -22.06 1.31 -42.65
CA GLU A 447 -22.18 2.50 -41.82
C GLU A 447 -21.18 2.41 -40.69
N PHE A 448 -20.99 3.53 -40.02
CA PHE A 448 -20.31 3.59 -38.74
C PHE A 448 -21.33 3.60 -37.61
N GLN A 449 -20.87 3.31 -36.39
CA GLN A 449 -21.73 3.39 -35.21
C GLN A 449 -20.94 3.94 -34.04
N CYS A 450 -21.68 4.51 -33.09
CA CYS A 450 -21.06 5.08 -31.90
C CYS A 450 -22.07 5.02 -30.75
N LEU A 451 -21.58 5.35 -29.56
CA LEU A 451 -22.43 5.38 -28.37
C LEU A 451 -22.94 6.81 -28.16
N HIS A 452 -24.20 6.91 -27.75
CA HIS A 452 -24.78 8.20 -27.39
C HIS A 452 -23.89 8.91 -26.37
N GLY A 453 -23.75 10.22 -26.55
CA GLY A 453 -23.03 11.05 -25.60
C GLY A 453 -21.53 10.83 -25.55
N MET A 454 -20.98 9.97 -26.37
CA MET A 454 -19.55 9.74 -26.41
C MET A 454 -18.99 9.92 -27.81
N GLY A 455 -19.72 9.51 -28.83
CA GLY A 455 -19.18 9.55 -30.18
C GLY A 455 -19.64 10.70 -31.04
N GLU A 456 -20.62 11.48 -30.55
CA GLU A 456 -21.10 12.60 -31.36
C GLU A 456 -20.01 13.60 -31.74
N PRO A 457 -19.10 14.01 -30.86
CA PRO A 457 -18.02 14.92 -31.31
C PRO A 457 -17.25 14.39 -32.50
N LEU A 458 -16.83 13.12 -32.44
CA LEU A 458 -16.11 12.53 -33.57
C LEU A 458 -17.00 12.47 -34.81
N TYR A 459 -18.21 11.93 -34.67
CA TYR A 459 -18.99 11.69 -35.88
C TYR A 459 -19.67 12.94 -36.42
N GLU A 460 -19.72 14.03 -35.66
CA GLU A 460 -20.09 15.31 -36.25
C GLU A 460 -19.06 15.77 -37.27
N GLU A 461 -17.86 15.21 -37.25
CA GLU A 461 -16.83 15.44 -38.26
C GLU A 461 -16.87 14.40 -39.37
N VAL A 462 -17.84 13.51 -39.37
CA VAL A 462 -17.95 12.42 -40.33
C VAL A 462 -19.25 12.50 -41.12
N VAL A 463 -20.38 12.56 -40.42
CA VAL A 463 -21.68 12.57 -41.06
C VAL A 463 -21.88 13.86 -41.83
N GLY A 464 -22.48 13.75 -43.02
CA GLY A 464 -22.86 14.94 -43.75
C GLY A 464 -21.95 15.20 -44.93
N ARG A 465 -22.54 15.78 -45.98
CA ARG A 465 -21.78 16.08 -47.20
C ARG A 465 -20.64 17.04 -46.93
N GLY A 466 -20.76 17.89 -45.91
CA GLY A 466 -19.69 18.80 -45.55
C GLY A 466 -18.53 18.14 -44.83
N LYS A 467 -18.65 16.85 -44.50
CA LYS A 467 -17.58 16.14 -43.80
C LYS A 467 -17.17 14.98 -44.69
N LEU A 468 -17.22 13.74 -44.18
CA LEU A 468 -16.87 12.56 -44.96
C LEU A 468 -18.09 11.95 -45.66
N ASP A 469 -19.29 12.41 -45.34
CA ASP A 469 -20.52 11.95 -45.97
C ASP A 469 -20.69 10.43 -45.81
N ARG A 470 -20.45 9.97 -44.58
CA ARG A 470 -20.71 8.61 -44.19
C ARG A 470 -21.66 8.60 -43.00
N PRO A 471 -22.63 7.71 -42.99
CA PRO A 471 -23.64 7.71 -41.92
C PRO A 471 -23.11 7.06 -40.66
N CYS A 472 -23.74 7.44 -39.54
CA CYS A 472 -23.41 6.88 -38.24
C CYS A 472 -24.69 6.57 -37.51
N ARG A 473 -24.77 5.37 -36.93
CA ARG A 473 -25.90 4.97 -36.12
C ARG A 473 -25.50 5.12 -34.65
N ILE A 474 -26.26 5.92 -33.92
CA ILE A 474 -25.99 6.17 -32.50
C ILE A 474 -26.66 5.09 -31.68
N TYR A 475 -25.88 4.43 -30.82
CA TYR A 475 -26.41 3.43 -29.90
C TYR A 475 -26.95 4.16 -28.69
N ALA A 476 -28.27 4.10 -28.49
CA ALA A 476 -28.94 4.99 -27.54
C ALA A 476 -29.47 4.21 -26.34
N PRO A 477 -28.86 4.32 -25.16
CA PRO A 477 -29.42 3.67 -23.99
C PRO A 477 -30.68 4.37 -23.54
N VAL A 478 -31.65 3.59 -23.07
CA VAL A 478 -32.94 4.11 -22.64
C VAL A 478 -33.23 3.51 -21.26
N GLY A 479 -33.54 4.37 -20.31
CA GLY A 479 -33.90 3.86 -19.00
C GLY A 479 -33.88 4.94 -17.95
N THR A 480 -34.50 4.62 -16.82
CA THR A 480 -34.57 5.55 -15.70
C THR A 480 -33.21 5.67 -15.02
N HIS A 481 -33.13 6.61 -14.07
CA HIS A 481 -31.89 6.81 -13.32
C HIS A 481 -31.49 5.54 -12.58
N GLU A 482 -32.46 4.86 -11.96
CA GLU A 482 -32.15 3.62 -11.25
C GLU A 482 -31.58 2.57 -12.19
N THR A 483 -32.18 2.42 -13.37
CA THR A 483 -31.70 1.41 -14.32
C THR A 483 -30.35 1.78 -14.92
N LEU A 484 -30.08 3.08 -15.09
CA LEU A 484 -28.83 3.50 -15.71
C LEU A 484 -27.63 3.23 -14.79
N LEU A 485 -27.77 3.52 -13.51
CA LEU A 485 -26.67 3.35 -12.57
C LEU A 485 -26.25 1.89 -12.41
N ALA A 486 -27.06 0.94 -12.90
CA ALA A 486 -26.80 -0.48 -12.66
C ALA A 486 -25.45 -0.90 -13.22
N TYR A 487 -25.12 -0.47 -14.44
CA TYR A 487 -23.88 -0.89 -15.08
C TYR A 487 -23.31 0.23 -15.95
N LEU A 488 -23.25 1.45 -15.39
CA LEU A 488 -22.58 2.55 -16.08
C LEU A 488 -21.07 2.51 -15.93
N VAL A 489 -20.53 1.66 -15.03
CA VAL A 489 -19.10 1.62 -14.79
C VAL A 489 -18.34 1.13 -16.02
N ARG A 490 -18.98 0.29 -16.85
CA ARG A 490 -18.27 -0.31 -17.98
C ARG A 490 -17.78 0.75 -18.96
N ARG A 491 -18.68 1.60 -19.44
CA ARG A 491 -18.30 2.63 -20.41
C ARG A 491 -17.33 3.63 -19.79
N LEU A 492 -17.58 4.04 -18.54
CA LEU A 492 -16.72 5.03 -17.90
C LEU A 492 -15.33 4.47 -17.64
N LEU A 493 -15.24 3.21 -17.19
CA LEU A 493 -13.93 2.59 -16.99
C LEU A 493 -13.19 2.42 -18.31
N GLU A 494 -13.92 2.13 -19.38
CA GLU A 494 -13.29 2.02 -20.69
C GLU A 494 -12.66 3.36 -21.10
N ASN A 495 -13.47 4.42 -21.15
CA ASN A 495 -13.00 5.75 -21.56
C ASN A 495 -11.96 6.33 -20.60
N GLY A 496 -11.63 5.65 -19.51
CA GLY A 496 -10.61 6.14 -18.59
C GLY A 496 -9.33 5.34 -18.63
N ALA A 497 -9.35 4.19 -19.28
CA ALA A 497 -8.16 3.36 -19.39
C ALA A 497 -7.15 4.03 -20.31
N ASN A 498 -5.87 4.03 -19.90
CA ASN A 498 -4.83 4.68 -20.68
C ASN A 498 -4.71 4.10 -22.08
N SER A 499 -5.22 2.90 -22.31
CA SER A 499 -5.24 2.34 -23.66
C SER A 499 -6.38 2.90 -24.51
N SER A 500 -7.39 3.49 -23.90
CA SER A 500 -8.58 3.93 -24.64
C SER A 500 -8.31 5.20 -25.43
N PHE A 501 -8.76 5.21 -26.69
CA PHE A 501 -8.65 6.39 -27.53
C PHE A 501 -9.30 7.61 -26.86
N VAL A 502 -10.46 7.42 -26.23
CA VAL A 502 -11.16 8.56 -25.64
C VAL A 502 -10.33 9.18 -24.53
N HIS A 503 -9.70 8.35 -23.70
CA HIS A 503 -8.80 8.87 -22.66
C HIS A 503 -7.59 9.55 -23.27
N ARG A 504 -6.99 8.93 -24.29
CA ARG A 504 -5.77 9.48 -24.86
C ARG A 504 -6.05 10.78 -25.62
N ILE A 505 -7.20 10.87 -26.31
CA ILE A 505 -7.53 12.09 -27.04
C ILE A 505 -7.55 13.30 -26.09
N ASN A 506 -7.91 13.08 -24.83
CA ASN A 506 -7.92 14.14 -23.83
C ASN A 506 -6.58 14.32 -23.13
N ASP A 507 -5.73 13.31 -23.11
CA ASP A 507 -4.45 13.39 -22.45
C ASP A 507 -3.52 14.31 -23.22
N PRO A 508 -3.14 15.47 -22.68
CA PRO A 508 -2.22 16.35 -23.41
C PRO A 508 -0.85 15.75 -23.63
N LYS A 509 -0.46 14.77 -22.80
CA LYS A 509 0.86 14.16 -22.92
C LYS A 509 1.00 13.25 -24.13
N VAL A 510 -0.09 12.97 -24.86
CA VAL A 510 -0.02 12.13 -26.05
C VAL A 510 -0.25 13.00 -27.28
N SER A 511 0.63 12.86 -28.26
CA SER A 511 0.58 13.69 -29.45
C SER A 511 -0.42 13.12 -30.45
N ILE A 512 -0.78 13.95 -31.43
CA ILE A 512 -1.61 13.46 -32.53
C ILE A 512 -0.87 12.40 -33.32
N ASP A 513 0.45 12.55 -33.46
CA ASP A 513 1.28 11.53 -34.10
C ASP A 513 1.11 10.17 -33.43
N GLU A 514 1.12 10.14 -32.09
CA GLU A 514 0.93 8.88 -31.39
C GLU A 514 -0.49 8.35 -31.56
N LEU A 515 -1.46 9.24 -31.74
CA LEU A 515 -2.85 8.80 -31.88
C LEU A 515 -3.14 8.30 -33.30
N ILE A 516 -2.42 8.79 -34.29
CA ILE A 516 -2.61 8.35 -35.67
C ILE A 516 -1.60 7.26 -36.05
N ALA A 517 -0.83 6.76 -35.09
CA ALA A 517 0.05 5.63 -35.34
C ALA A 517 -0.76 4.44 -35.85
N ASP A 518 -0.28 3.83 -36.92
CA ASP A 518 -0.92 2.69 -37.55
C ASP A 518 -0.66 1.42 -36.77
N PRO A 519 -1.68 0.82 -36.16
CA PRO A 519 -1.43 -0.40 -35.37
C PRO A 519 -0.97 -1.58 -36.23
N VAL A 520 -1.36 -1.63 -37.49
CA VAL A 520 -0.96 -2.73 -38.36
C VAL A 520 0.54 -2.74 -38.55
N GLU A 521 1.12 -1.57 -38.88
CA GLU A 521 2.55 -1.51 -39.10
C GLU A 521 3.33 -1.63 -37.80
N VAL A 522 2.78 -1.14 -36.69
CA VAL A 522 3.47 -1.29 -35.41
C VAL A 522 3.55 -2.75 -35.01
N VAL A 523 2.47 -3.51 -35.21
CA VAL A 523 2.51 -4.93 -34.90
C VAL A 523 3.44 -5.66 -35.85
N ARG A 524 3.40 -5.30 -37.14
CA ARG A 524 4.23 -6.01 -38.13
C ARG A 524 5.71 -5.91 -37.81
N ALA A 525 6.14 -4.79 -37.22
CA ALA A 525 7.54 -4.53 -36.92
C ALA A 525 7.97 -5.03 -35.55
N MET A 526 7.04 -5.54 -34.74
CA MET A 526 7.42 -6.08 -33.45
CA MET A 526 7.41 -6.09 -33.45
C MET A 526 8.36 -7.28 -33.64
N PRO A 527 9.28 -7.50 -32.69
CA PRO A 527 10.24 -8.61 -32.87
C PRO A 527 9.56 -9.96 -32.89
N VAL A 528 8.59 -10.17 -32.02
CA VAL A 528 7.73 -11.35 -32.05
C VAL A 528 6.33 -10.83 -32.34
N VAL A 529 5.80 -11.17 -33.51
CA VAL A 529 4.48 -10.70 -33.88
C VAL A 529 3.44 -11.42 -33.03
N GLY A 530 2.63 -10.65 -32.32
CA GLY A 530 1.53 -11.21 -31.55
C GLY A 530 1.87 -11.78 -30.20
N ALA A 531 3.01 -11.40 -29.61
CA ALA A 531 3.35 -11.89 -28.28
C ALA A 531 2.30 -11.48 -27.24
N LYS A 532 2.03 -12.38 -26.30
CA LYS A 532 1.18 -12.07 -25.16
C LYS A 532 1.71 -10.85 -24.42
N HIS A 533 0.78 -10.06 -23.86
CA HIS A 533 1.16 -8.99 -22.95
C HIS A 533 2.11 -9.50 -21.88
N ASP A 534 3.20 -8.75 -21.65
CA ASP A 534 4.21 -9.18 -20.68
C ASP A 534 3.68 -9.22 -19.26
N ARG A 535 2.68 -8.41 -18.93
CA ARG A 535 2.24 -8.27 -17.55
C ARG A 535 0.94 -9.02 -17.26
N ILE A 536 0.52 -9.93 -18.15
CA ILE A 536 -0.66 -10.73 -17.92
C ILE A 536 -0.23 -12.19 -17.88
N ALA A 537 -0.51 -12.87 -16.79
CA ALA A 537 -0.09 -14.26 -16.64
C ALA A 537 -1.08 -15.20 -17.34
N LEU A 538 -0.56 -16.15 -18.11
CA LEU A 538 -1.41 -17.25 -18.53
C LEU A 538 -1.92 -17.97 -17.29
N PRO A 539 -3.08 -18.62 -17.36
CA PRO A 539 -3.61 -19.25 -16.14
C PRO A 539 -2.65 -20.24 -15.50
N ALA A 540 -1.93 -21.00 -16.32
CA ALA A 540 -0.95 -21.96 -15.78
C ALA A 540 0.16 -21.29 -14.99
N GLU A 541 0.40 -20.00 -15.21
CA GLU A 541 1.56 -19.34 -14.64
C GLU A 541 1.16 -18.38 -13.51
N LEU A 542 -0.04 -18.55 -12.96
CA LEU A 542 -0.52 -17.66 -11.90
C LEU A 542 0.43 -17.58 -10.73
N PHE A 543 1.12 -18.68 -10.42
CA PHE A 543 2.01 -18.72 -9.27
C PHE A 543 3.47 -18.64 -9.66
N GLY A 544 3.76 -18.36 -10.92
CA GLY A 544 5.13 -18.12 -11.34
C GLY A 544 6.03 -19.30 -11.02
N ASP A 545 7.20 -19.00 -10.46
CA ASP A 545 8.22 -20.02 -10.22
C ASP A 545 7.87 -20.97 -9.09
N ALA A 546 6.90 -20.61 -8.25
CA ALA A 546 6.58 -21.43 -7.09
C ALA A 546 6.04 -22.80 -7.51
N ARG A 547 5.06 -22.81 -8.41
CA ARG A 547 4.47 -24.07 -8.84
C ARG A 547 3.57 -23.81 -10.03
N THR A 548 3.23 -24.90 -10.72
CA THR A 548 2.37 -24.84 -11.88
C THR A 548 0.92 -24.94 -11.44
N ASN A 549 0.12 -23.97 -11.89
CA ASN A 549 -1.31 -24.02 -11.60
C ASN A 549 -1.93 -25.25 -12.24
N SER A 550 -2.90 -25.84 -11.56
CA SER A 550 -3.69 -26.90 -12.17
C SER A 550 -4.47 -26.33 -13.34
N ALA A 551 -4.79 -27.20 -14.30
CA ALA A 551 -5.54 -26.82 -15.49
C ALA A 551 -6.97 -27.34 -15.40
N GLY A 552 -7.91 -26.53 -15.86
CA GLY A 552 -9.30 -26.92 -15.93
C GLY A 552 -9.70 -27.32 -17.34
N LEU A 553 -11.01 -27.28 -17.59
CA LEU A 553 -11.55 -27.65 -18.89
C LEU A 553 -12.66 -26.68 -19.22
N ASP A 554 -12.77 -26.34 -20.51
CA ASP A 554 -13.74 -25.33 -20.95
C ASP A 554 -15.00 -26.06 -21.38
N LEU A 555 -16.03 -26.00 -20.53
CA LEU A 555 -17.27 -26.71 -20.83
C LEU A 555 -18.16 -25.94 -21.81
N SER A 556 -17.67 -24.82 -22.35
CA SER A 556 -18.34 -24.15 -23.45
C SER A 556 -17.72 -24.50 -24.79
N ASN A 557 -16.65 -25.29 -24.79
CA ASN A 557 -15.91 -25.64 -26.01
C ASN A 557 -16.43 -26.97 -26.53
N GLU A 558 -16.99 -26.97 -27.76
CA GLU A 558 -17.60 -28.19 -28.27
C GLU A 558 -16.58 -29.31 -28.45
N GLU A 559 -15.34 -28.98 -28.83
CA GLU A 559 -14.31 -30.02 -28.90
C GLU A 559 -14.09 -30.64 -27.53
N THR A 560 -13.96 -29.80 -26.51
CA THR A 560 -13.80 -30.31 -25.16
C THR A 560 -14.99 -31.16 -24.74
N LEU A 561 -16.20 -30.69 -25.04
CA LEU A 561 -17.38 -31.45 -24.65
C LEU A 561 -17.45 -32.79 -25.37
N ALA A 562 -17.09 -32.82 -26.65
CA ALA A 562 -17.13 -34.07 -27.38
C ALA A 562 -16.07 -35.05 -26.87
N SER A 563 -14.86 -34.55 -26.61
CA SER A 563 -13.82 -35.42 -26.07
C SER A 563 -14.17 -35.90 -24.68
N LEU A 564 -14.70 -35.00 -23.84
CA LEU A 564 -15.08 -35.37 -22.48
C LEU A 564 -16.22 -36.39 -22.49
N THR A 565 -17.19 -36.22 -23.39
CA THR A 565 -18.27 -37.18 -23.49
C THR A 565 -17.74 -38.60 -23.65
N GLU A 566 -16.77 -38.78 -24.55
CA GLU A 566 -16.24 -40.12 -24.77
C GLU A 566 -15.45 -40.60 -23.55
N ALA A 567 -14.61 -39.74 -22.99
CA ALA A 567 -13.83 -40.15 -21.83
C ALA A 567 -14.73 -40.49 -20.65
N LEU A 568 -15.80 -39.72 -20.47
CA LEU A 568 -16.73 -39.97 -19.36
C LEU A 568 -17.46 -41.29 -19.56
N ARG A 569 -17.94 -41.53 -20.78
CA ARG A 569 -18.56 -42.82 -21.07
C ARG A 569 -17.59 -43.97 -20.82
N GLU A 570 -16.34 -43.81 -21.25
CA GLU A 570 -15.35 -44.85 -21.06
C GLU A 570 -15.08 -45.07 -19.57
N SER A 571 -15.12 -44.00 -18.77
CA SER A 571 -14.91 -44.17 -17.34
C SER A 571 -16.02 -44.99 -16.70
N ALA A 572 -17.23 -44.90 -17.26
CA ALA A 572 -18.33 -45.70 -16.72
C ALA A 572 -18.25 -47.17 -17.12
N ALA A 573 -17.36 -47.52 -18.05
CA ALA A 573 -17.15 -48.91 -18.43
C ALA A 573 -15.98 -49.54 -17.69
N MET A 574 -15.31 -48.80 -16.82
CA MET A 574 -14.20 -49.36 -16.06
C MET A 574 -14.72 -50.07 -14.82
N LYS A 575 -14.00 -51.11 -14.41
CA LYS A 575 -14.35 -51.90 -13.23
C LYS A 575 -13.64 -51.35 -12.00
N TRP A 576 -14.16 -50.21 -11.54
CA TRP A 576 -13.59 -49.53 -10.37
C TRP A 576 -13.73 -50.39 -9.13
N THR A 577 -12.63 -50.55 -8.39
CA THR A 577 -12.65 -51.23 -7.11
C THR A 577 -11.84 -50.44 -6.08
N ALA A 578 -12.12 -50.71 -4.82
CA ALA A 578 -11.34 -50.24 -3.69
C ALA A 578 -11.13 -51.41 -2.74
N LEU A 579 -9.88 -51.67 -2.39
CA LEU A 579 -9.52 -52.81 -1.57
C LEU A 579 -8.64 -52.33 -0.42
N PRO A 580 -8.58 -53.09 0.69
CA PRO A 580 -7.60 -52.79 1.72
C PRO A 580 -6.21 -53.05 1.18
N GLN A 581 -5.45 -51.98 0.92
CA GLN A 581 -4.13 -52.09 0.30
C GLN A 581 -3.08 -51.96 1.38
N LEU A 582 -2.83 -53.08 2.07
CA LEU A 582 -1.83 -53.13 3.10
C LEU A 582 -0.43 -53.14 2.49
N ALA A 583 0.58 -52.93 3.34
CA ALA A 583 1.96 -52.88 2.85
C ALA A 583 2.34 -54.17 2.15
N THR A 584 1.75 -55.29 2.57
CA THR A 584 2.07 -56.61 2.06
C THR A 584 1.28 -56.98 0.81
N GLY A 585 0.26 -56.21 0.46
CA GLY A 585 -0.61 -56.51 -0.67
C GLY A 585 -2.06 -56.38 -0.29
N PRO A 586 -2.96 -56.52 -1.26
CA PRO A 586 -4.39 -56.36 -0.96
C PRO A 586 -4.87 -57.43 0.00
N ALA A 587 -5.78 -57.05 0.89
CA ALA A 587 -6.30 -57.97 1.89
C ALA A 587 -7.74 -58.33 1.57
N ALA A 588 -8.14 -59.51 2.00
CA ALA A 588 -9.53 -59.92 1.86
C ALA A 588 -10.39 -59.20 2.89
N GLY A 589 -11.69 -59.15 2.61
CA GLY A 589 -12.62 -58.49 3.50
C GLY A 589 -14.03 -58.61 2.98
N GLU A 590 -14.95 -57.90 3.62
CA GLU A 590 -16.34 -57.88 3.19
C GLU A 590 -16.49 -56.96 1.98
N THR A 591 -17.08 -57.48 0.91
CA THR A 591 -17.20 -56.75 -0.35
C THR A 591 -18.65 -56.39 -0.64
N ARG A 592 -18.87 -55.16 -1.10
CA ARG A 592 -20.21 -54.70 -1.47
C ARG A 592 -20.10 -53.77 -2.67
N THR A 593 -21.24 -53.52 -3.31
CA THR A 593 -21.23 -52.59 -4.43
C THR A 593 -21.23 -51.14 -3.94
N VAL A 594 -20.77 -50.25 -4.82
CA VAL A 594 -20.86 -48.81 -4.62
C VAL A 594 -21.84 -48.28 -5.66
N LEU A 595 -22.92 -47.66 -5.19
CA LEU A 595 -24.01 -47.24 -6.06
C LEU A 595 -23.98 -45.73 -6.28
N ASN A 596 -24.37 -45.31 -7.48
CA ASN A 596 -24.50 -43.89 -7.81
C ASN A 596 -25.59 -43.26 -6.93
N PRO A 597 -25.26 -42.22 -6.15
CA PRO A 597 -26.30 -41.61 -5.28
C PRO A 597 -27.46 -41.00 -6.06
N GLY A 598 -27.27 -40.68 -7.32
CA GLY A 598 -28.35 -40.14 -8.12
C GLY A 598 -29.18 -41.17 -8.84
N ASP A 599 -28.80 -42.44 -8.75
CA ASP A 599 -29.51 -43.54 -9.40
C ASP A 599 -28.90 -44.85 -8.92
N HIS A 600 -29.52 -45.46 -7.91
CA HIS A 600 -28.96 -46.65 -7.29
C HIS A 600 -28.89 -47.84 -8.25
N ARG A 601 -29.57 -47.76 -9.39
CA ARG A 601 -29.45 -48.78 -10.43
C ARG A 601 -28.08 -48.76 -11.08
N ASP A 602 -27.36 -47.64 -11.01
CA ASP A 602 -26.07 -47.47 -11.65
C ASP A 602 -24.99 -47.91 -10.68
N VAL A 603 -24.46 -49.11 -10.88
CA VAL A 603 -23.41 -49.63 -10.01
C VAL A 603 -22.08 -49.04 -10.48
N VAL A 604 -21.42 -48.29 -9.61
CA VAL A 604 -20.19 -47.62 -9.99
C VAL A 604 -18.98 -48.53 -9.79
N GLY A 605 -19.00 -49.37 -8.77
CA GLY A 605 -17.87 -50.23 -8.52
C GLY A 605 -18.11 -51.08 -7.31
N SER A 606 -17.02 -51.61 -6.77
CA SER A 606 -17.08 -52.52 -5.64
C SER A 606 -15.99 -52.17 -4.65
N VAL A 607 -16.33 -52.22 -3.37
CA VAL A 607 -15.40 -51.90 -2.31
C VAL A 607 -15.28 -53.11 -1.40
N THR A 608 -14.05 -53.49 -1.10
CA THR A 608 -13.76 -54.47 -0.07
C THR A 608 -13.29 -53.72 1.16
N GLU A 609 -14.03 -53.84 2.26
CA GLU A 609 -13.72 -53.04 3.42
C GLU A 609 -12.77 -53.77 4.37
N THR A 610 -12.15 -53.01 5.24
CA THR A 610 -11.02 -53.47 6.06
C THR A 610 -11.53 -54.03 7.38
N SER A 611 -11.07 -55.22 7.73
CA SER A 611 -11.33 -55.74 9.06
C SER A 611 -10.60 -54.90 10.09
N GLU A 612 -11.12 -54.90 11.32
CA GLU A 612 -10.43 -54.16 12.38
C GLU A 612 -9.07 -54.78 12.68
N GLU A 613 -8.93 -56.09 12.49
CA GLU A 613 -7.63 -56.74 12.66
C GLU A 613 -6.63 -56.22 11.63
N ASP A 614 -7.05 -56.08 10.37
CA ASP A 614 -6.13 -55.62 9.33
C ASP A 614 -5.81 -54.15 9.48
N ALA A 615 -6.75 -53.36 10.00
CA ALA A 615 -6.47 -51.95 10.25
C ALA A 615 -5.35 -51.82 11.27
N ARG A 616 -5.44 -52.59 12.36
CA ARG A 616 -4.38 -52.58 13.37
C ARG A 616 -3.07 -53.13 12.79
N ARG A 617 -3.15 -54.16 11.95
CA ARG A 617 -1.95 -54.66 11.29
C ARG A 617 -1.33 -53.59 10.38
N ALA A 618 -2.16 -52.85 9.64
CA ALA A 618 -1.63 -51.82 8.76
C ALA A 618 -0.82 -50.80 9.54
N VAL A 619 -1.29 -50.41 10.73
CA VAL A 619 -0.55 -49.43 11.53
C VAL A 619 0.81 -50.01 11.94
N ARG A 620 0.83 -51.29 12.28
CA ARG A 620 2.10 -51.92 12.64
C ARG A 620 3.07 -51.92 11.47
N LEU A 621 2.56 -52.23 10.26
CA LEU A 621 3.41 -52.22 9.09
C LEU A 621 3.89 -50.82 8.77
N ALA A 622 3.02 -49.81 8.96
CA ALA A 622 3.45 -48.42 8.80
C ALA A 622 4.56 -48.08 9.80
N ALA A 623 4.40 -48.48 11.06
CA ALA A 623 5.44 -48.22 12.06
C ALA A 623 6.75 -48.88 11.67
N ASP A 624 6.69 -50.12 11.19
CA ASP A 624 7.90 -50.82 10.76
C ASP A 624 8.55 -50.12 9.58
N ALA A 625 7.75 -49.58 8.67
CA ALA A 625 8.25 -48.93 7.48
C ALA A 625 8.59 -47.46 7.67
N ALA A 626 8.27 -46.88 8.82
CA ALA A 626 8.47 -45.44 8.99
C ALA A 626 9.91 -44.99 8.80
N PRO A 627 10.94 -45.66 9.32
CA PRO A 627 12.31 -45.20 9.06
C PRO A 627 12.65 -45.14 7.58
N ASP A 628 12.24 -46.14 6.80
CA ASP A 628 12.60 -46.18 5.39
C ASP A 628 11.98 -45.02 4.63
N TRP A 629 10.76 -44.61 4.99
CA TRP A 629 10.13 -43.51 4.28
C TRP A 629 10.69 -42.17 4.74
N ALA A 630 10.98 -42.02 6.04
CA ALA A 630 11.59 -40.80 6.53
C ALA A 630 12.95 -40.55 5.89
N ALA A 631 13.65 -41.62 5.51
CA ALA A 631 14.98 -41.49 4.92
C ALA A 631 14.93 -41.07 3.45
N VAL A 632 13.77 -41.14 2.81
CA VAL A 632 13.64 -40.58 1.47
C VAL A 632 13.75 -39.07 1.63
N PRO A 633 14.72 -38.42 0.98
CA PRO A 633 14.93 -36.99 1.22
C PRO A 633 13.67 -36.20 0.89
N PRO A 634 13.43 -35.10 1.60
CA PRO A 634 12.21 -34.32 1.34
C PRO A 634 12.03 -33.92 -0.12
N SER A 635 13.11 -33.56 -0.79
CA SER A 635 13.01 -33.17 -2.20
C SER A 635 12.45 -34.32 -3.05
N GLU A 636 12.85 -35.55 -2.75
CA GLU A 636 12.36 -36.69 -3.53
C GLU A 636 10.94 -37.05 -3.14
N ARG A 637 10.58 -36.90 -1.86
CA ARG A 637 9.17 -37.03 -1.49
C ARG A 637 8.32 -36.02 -2.22
N ALA A 638 8.78 -34.76 -2.28
CA ALA A 638 8.05 -33.75 -3.04
C ALA A 638 7.99 -34.10 -4.52
N ALA A 639 9.03 -34.75 -5.05
CA ALA A 639 9.00 -35.18 -6.45
C ALA A 639 7.89 -36.20 -6.68
N CYS A 640 7.66 -37.09 -5.71
CA CYS A 640 6.53 -38.02 -5.85
C CYS A 640 5.21 -37.26 -5.93
N LEU A 641 5.03 -36.25 -5.08
CA LEU A 641 3.81 -35.46 -5.13
C LEU A 641 3.65 -34.78 -6.49
N ASP A 642 4.73 -34.20 -7.01
CA ASP A 642 4.63 -33.53 -8.30
C ASP A 642 4.30 -34.52 -9.41
N ARG A 643 4.87 -35.73 -9.34
CA ARG A 643 4.54 -36.74 -10.34
C ARG A 643 3.08 -37.17 -10.23
N ALA A 644 2.57 -37.29 -9.01
CA ALA A 644 1.16 -37.62 -8.83
C ALA A 644 0.27 -36.51 -9.40
N ALA A 645 0.68 -35.26 -9.25
CA ALA A 645 -0.08 -34.15 -9.81
C ALA A 645 -0.13 -34.23 -11.34
N GLU A 646 0.99 -34.54 -11.98
CA GLU A 646 1.00 -34.71 -13.43
C GLU A 646 0.07 -35.85 -13.85
N LEU A 647 0.11 -36.96 -13.10
CA LEU A 647 -0.75 -38.09 -13.42
C LEU A 647 -2.22 -37.70 -13.27
N MET A 648 -2.58 -36.99 -12.20
CA MET A 648 -3.98 -36.61 -12.03
C MET A 648 -4.40 -35.63 -13.09
N GLN A 649 -3.53 -34.70 -13.47
CA GLN A 649 -3.89 -33.77 -14.54
C GLN A 649 -4.18 -34.52 -15.83
N ALA A 650 -3.32 -35.48 -16.17
CA ALA A 650 -3.50 -36.23 -17.41
C ALA A 650 -4.75 -37.10 -17.37
N ARG A 651 -5.10 -37.60 -16.19
CA ARG A 651 -6.23 -38.50 -16.02
C ARG A 651 -7.51 -37.77 -15.64
N MET A 652 -7.50 -36.44 -15.62
CA MET A 652 -8.66 -35.69 -15.14
C MET A 652 -9.97 -36.14 -15.78
N PRO A 653 -10.08 -36.32 -17.11
CA PRO A 653 -11.38 -36.72 -17.66
C PRO A 653 -11.94 -37.99 -17.04
N THR A 654 -11.08 -39.01 -16.89
CA THR A 654 -11.50 -40.25 -16.25
C THR A 654 -11.83 -40.02 -14.77
N LEU A 655 -11.01 -39.25 -14.05
CA LEU A 655 -11.33 -38.92 -12.67
C LEU A 655 -12.66 -38.19 -12.56
N LEU A 656 -12.94 -37.25 -13.47
CA LEU A 656 -14.23 -36.56 -13.47
C LEU A 656 -15.38 -37.56 -13.51
N GLY A 657 -15.29 -38.52 -14.44
CA GLY A 657 -16.37 -39.49 -14.58
C GLY A 657 -16.63 -40.28 -13.32
N LEU A 658 -15.55 -40.67 -12.62
CA LEU A 658 -15.71 -41.42 -11.39
C LEU A 658 -16.37 -40.54 -10.32
N ILE A 659 -15.84 -39.34 -10.12
CA ILE A 659 -16.36 -38.45 -9.09
C ILE A 659 -17.82 -38.10 -9.37
N ILE A 660 -18.15 -37.85 -10.65
CA ILE A 660 -19.52 -37.54 -11.03
C ILE A 660 -20.46 -38.65 -10.57
N ARG A 661 -20.09 -39.90 -10.85
CA ARG A 661 -21.00 -41.02 -10.57
C ARG A 661 -20.92 -41.50 -9.13
N GLU A 662 -19.75 -41.44 -8.50
CA GLU A 662 -19.64 -41.94 -7.14
C GLU A 662 -20.18 -40.95 -6.09
N ALA A 663 -20.00 -39.65 -6.32
CA ALA A 663 -20.18 -38.66 -5.26
C ALA A 663 -21.25 -37.61 -5.57
N GLY A 664 -22.02 -37.79 -6.63
CA GLY A 664 -23.10 -36.84 -6.89
C GLY A 664 -22.66 -35.48 -7.37
N LYS A 665 -21.50 -35.39 -7.98
CA LYS A 665 -20.96 -34.10 -8.40
C LYS A 665 -21.31 -33.84 -9.85
N SER A 666 -21.57 -32.57 -10.16
CA SER A 666 -21.64 -32.13 -11.54
C SER A 666 -20.25 -32.12 -12.16
N ALA A 667 -20.19 -31.98 -13.48
CA ALA A 667 -18.92 -31.90 -14.17
C ALA A 667 -18.09 -30.73 -13.64
N LEU A 668 -18.71 -29.57 -13.50
CA LEU A 668 -18.00 -28.40 -12.95
C LEU A 668 -17.44 -28.70 -11.58
N ASN A 669 -18.27 -29.26 -10.68
CA ASN A 669 -17.78 -29.63 -9.34
C ASN A 669 -16.60 -30.58 -9.43
N ALA A 670 -16.69 -31.58 -10.32
CA ALA A 670 -15.65 -32.58 -10.41
C ALA A 670 -14.35 -31.99 -10.93
N ILE A 671 -14.43 -31.07 -11.89
CA ILE A 671 -13.21 -30.41 -12.36
C ILE A 671 -12.54 -29.67 -11.20
N ALA A 672 -13.33 -28.92 -10.44
CA ALA A 672 -12.79 -28.20 -9.29
C ALA A 672 -12.18 -29.17 -8.28
N GLU A 673 -12.84 -30.32 -8.09
CA GLU A 673 -12.34 -31.33 -7.16
C GLU A 673 -10.97 -31.84 -7.57
N VAL A 674 -10.81 -32.19 -8.86
CA VAL A 674 -9.53 -32.73 -9.30
C VAL A 674 -8.47 -31.64 -9.34
N ARG A 675 -8.84 -30.44 -9.78
CA ARG A 675 -7.90 -29.32 -9.74
C ARG A 675 -7.39 -29.10 -8.32
N GLU A 676 -8.28 -29.22 -7.34
CA GLU A 676 -7.85 -28.98 -5.95
C GLU A 676 -6.87 -30.04 -5.50
N ALA A 677 -7.09 -31.30 -5.86
CA ALA A 677 -6.13 -32.34 -5.51
C ALA A 677 -4.79 -32.08 -6.16
N ILE A 678 -4.79 -31.67 -7.42
CA ILE A 678 -3.55 -31.33 -8.12
C ILE A 678 -2.83 -30.20 -7.40
N ASP A 679 -3.60 -29.18 -6.97
CA ASP A 679 -3.02 -28.02 -6.30
C ASP A 679 -2.48 -28.39 -4.93
N PHE A 680 -3.19 -29.23 -4.17
CA PHE A 680 -2.63 -29.74 -2.91
C PHE A 680 -1.28 -30.40 -3.15
N LEU A 681 -1.22 -31.35 -4.09
CA LEU A 681 0.03 -32.06 -4.35
C LEU A 681 1.15 -31.08 -4.66
N ARG A 682 0.90 -30.13 -5.55
CA ARG A 682 1.97 -29.23 -5.96
C ARG A 682 2.30 -28.20 -4.89
N TYR A 683 1.31 -27.79 -4.11
CA TYR A 683 1.56 -26.81 -3.07
C TYR A 683 2.37 -27.42 -1.94
N TYR A 684 1.97 -28.61 -1.48
CA TYR A 684 2.73 -29.22 -0.39
C TYR A 684 4.13 -29.63 -0.85
N ALA A 685 4.28 -29.98 -2.13
CA ALA A 685 5.60 -30.26 -2.65
C ALA A 685 6.49 -29.02 -2.61
N GLU A 686 5.97 -27.89 -3.07
CA GLU A 686 6.76 -26.67 -3.03
C GLU A 686 7.04 -26.24 -1.58
N GLN A 687 6.01 -26.32 -0.72
CA GLN A 687 6.23 -25.92 0.67
C GLN A 687 7.29 -26.81 1.31
N THR A 688 7.30 -28.09 0.95
CA THR A 688 8.37 -28.98 1.42
C THR A 688 9.73 -28.50 0.96
N ARG A 689 9.86 -28.21 -0.33
CA ARG A 689 11.12 -27.74 -0.88
C ARG A 689 11.55 -26.43 -0.24
N ARG A 690 10.60 -25.66 0.27
CA ARG A 690 10.96 -24.43 0.95
C ARG A 690 11.38 -24.63 2.39
N THR A 691 11.03 -25.76 3.03
CA THR A 691 11.19 -25.79 4.48
C THR A 691 11.93 -26.99 5.07
N LEU A 692 11.64 -28.20 4.63
CA LEU A 692 11.95 -29.36 5.46
C LEU A 692 13.42 -29.77 5.37
N GLY A 693 14.04 -29.92 6.54
CA GLY A 693 15.41 -30.34 6.64
C GLY A 693 15.56 -31.48 7.62
N PRO A 694 16.80 -31.88 7.89
CA PRO A 694 17.04 -33.05 8.75
C PRO A 694 16.45 -32.96 10.14
N GLY A 695 16.38 -31.75 10.72
CA GLY A 695 15.85 -31.61 12.07
C GLY A 695 14.35 -31.61 12.20
N HIS A 696 13.61 -31.65 11.08
CA HIS A 696 12.15 -31.68 11.15
C HIS A 696 11.73 -33.13 10.96
N GLY A 697 11.86 -33.89 12.05
CA GLY A 697 11.61 -35.31 12.00
C GLY A 697 10.14 -35.59 11.90
N PRO A 698 9.78 -36.64 11.18
CA PRO A 698 8.37 -36.99 11.06
C PRO A 698 7.80 -37.46 12.38
N LEU A 699 6.48 -37.33 12.51
CA LEU A 699 5.79 -37.85 13.69
C LEU A 699 5.87 -39.37 13.73
N GLY A 700 5.66 -40.03 12.60
CA GLY A 700 5.46 -41.46 12.56
C GLY A 700 4.18 -41.74 11.81
N PRO A 701 3.61 -42.93 11.99
CA PRO A 701 2.39 -43.29 11.25
C PRO A 701 1.27 -42.29 11.51
N ILE A 702 0.71 -41.74 10.44
CA ILE A 702 -0.37 -40.77 10.55
C ILE A 702 -1.63 -41.38 9.93
N VAL A 703 -2.71 -41.31 10.69
CA VAL A 703 -4.01 -41.79 10.24
C VAL A 703 -4.73 -40.62 9.60
N CYS A 704 -5.07 -40.76 8.31
CA CYS A 704 -5.76 -39.72 7.55
C CYS A 704 -7.19 -40.19 7.34
N ILE A 705 -8.14 -39.48 7.93
CA ILE A 705 -9.56 -39.83 7.85
C ILE A 705 -10.27 -38.68 7.15
N SER A 706 -10.99 -38.99 6.08
CA SER A 706 -11.46 -37.95 5.19
C SER A 706 -12.96 -38.06 4.97
N PRO A 707 -13.60 -36.97 4.56
CA PRO A 707 -15.06 -36.95 4.39
C PRO A 707 -15.46 -37.42 2.99
N TRP A 708 -16.75 -37.72 2.85
CA TRP A 708 -17.23 -38.15 1.54
C TRP A 708 -17.33 -36.99 0.56
N ASN A 709 -17.49 -35.75 1.03
CA ASN A 709 -18.04 -34.72 0.14
C ASN A 709 -16.99 -34.10 -0.76
N PHE A 710 -15.72 -34.15 -0.39
CA PHE A 710 -14.62 -33.78 -1.28
C PHE A 710 -13.76 -35.04 -1.37
N PRO A 711 -14.23 -36.05 -2.10
CA PRO A 711 -13.70 -37.41 -1.94
C PRO A 711 -12.33 -37.63 -2.57
N LEU A 712 -11.88 -36.72 -3.42
CA LEU A 712 -10.52 -36.77 -3.93
C LEU A 712 -9.65 -35.66 -3.38
N ALA A 713 -10.19 -34.44 -3.27
CA ALA A 713 -9.36 -33.28 -2.93
C ALA A 713 -8.88 -33.34 -1.50
N ILE A 714 -9.80 -33.41 -0.53
CA ILE A 714 -9.37 -33.43 0.87
C ILE A 714 -8.64 -34.72 1.18
N PHE A 715 -9.14 -35.83 0.61
CA PHE A 715 -8.43 -37.10 0.71
C PHE A 715 -6.97 -36.96 0.31
N THR A 716 -6.72 -36.44 -0.90
CA THR A 716 -5.36 -36.29 -1.41
C THR A 716 -4.57 -35.29 -0.57
N GLY A 717 -5.21 -34.19 -0.19
CA GLY A 717 -4.49 -33.15 0.54
C GLY A 717 -3.90 -33.65 1.84
N GLN A 718 -4.71 -34.33 2.66
CA GLN A 718 -4.19 -34.79 3.95
C GLN A 718 -3.06 -35.79 3.75
N ILE A 719 -3.27 -36.76 2.86
CA ILE A 719 -2.29 -37.81 2.65
C ILE A 719 -1.00 -37.25 2.09
N ALA A 720 -1.10 -36.36 1.10
CA ALA A 720 0.08 -35.77 0.48
C ALA A 720 0.91 -35.01 1.51
N ALA A 721 0.25 -34.20 2.32
CA ALA A 721 0.94 -33.45 3.36
C ALA A 721 1.66 -34.38 4.32
N ALA A 722 0.95 -35.39 4.83
CA ALA A 722 1.57 -36.32 5.77
C ALA A 722 2.75 -37.05 5.13
N LEU A 723 2.56 -37.55 3.91
CA LEU A 723 3.64 -38.27 3.22
C LEU A 723 4.84 -37.38 2.98
N VAL A 724 4.60 -36.15 2.49
CA VAL A 724 5.74 -35.35 2.09
C VAL A 724 6.51 -34.89 3.32
N ALA A 725 5.84 -34.78 4.47
CA ALA A 725 6.50 -34.49 5.73
C ALA A 725 7.28 -35.68 6.26
N GLY A 726 7.27 -36.82 5.56
CA GLY A 726 8.05 -37.97 5.97
C GLY A 726 7.33 -39.02 6.78
N ASN A 727 6.01 -38.97 6.85
CA ASN A 727 5.21 -39.90 7.64
C ASN A 727 4.59 -40.96 6.75
N PRO A 728 4.64 -42.23 7.12
CA PRO A 728 3.79 -43.21 6.43
C PRO A 728 2.34 -42.98 6.82
N VAL A 729 1.45 -43.30 5.91
CA VAL A 729 0.05 -42.91 6.01
C VAL A 729 -0.84 -44.14 5.97
N LEU A 730 -1.81 -44.16 6.86
CA LEU A 730 -2.97 -45.03 6.79
C LEU A 730 -4.12 -44.16 6.31
N ALA A 731 -4.61 -44.43 5.10
CA ALA A 731 -5.63 -43.62 4.46
C ALA A 731 -6.99 -44.29 4.64
N LYS A 732 -7.86 -43.66 5.43
CA LYS A 732 -9.20 -44.21 5.64
C LYS A 732 -10.22 -43.30 4.96
N PRO A 733 -10.64 -43.61 3.75
CA PRO A 733 -11.63 -42.75 3.08
C PRO A 733 -13.03 -42.98 3.63
N ALA A 734 -13.88 -41.98 3.42
CA ALA A 734 -15.27 -42.10 3.80
C ALA A 734 -15.88 -43.35 3.18
N GLU A 735 -16.77 -44.01 3.92
CA GLU A 735 -17.37 -45.24 3.42
C GLU A 735 -18.20 -45.00 2.17
N GLU A 736 -18.70 -43.78 1.96
CA GLU A 736 -19.54 -43.50 0.80
C GLU A 736 -18.74 -43.42 -0.50
N THR A 737 -17.46 -43.04 -0.43
CA THR A 737 -16.68 -42.70 -1.63
C THR A 737 -15.30 -43.37 -1.62
N PRO A 738 -15.24 -44.71 -1.57
CA PRO A 738 -13.93 -45.39 -1.56
C PRO A 738 -13.26 -45.49 -2.91
N LEU A 739 -14.03 -45.43 -4.01
CA LEU A 739 -13.45 -45.74 -5.32
C LEU A 739 -12.47 -44.67 -5.78
N ILE A 740 -12.90 -43.40 -5.73
CA ILE A 740 -11.98 -42.33 -6.15
C ILE A 740 -10.81 -42.27 -5.20
N ALA A 741 -11.03 -42.62 -3.93
CA ALA A 741 -9.94 -42.73 -2.97
C ALA A 741 -8.93 -43.78 -3.40
N ALA A 742 -9.40 -44.97 -3.79
CA ALA A 742 -8.50 -46.02 -4.21
C ALA A 742 -7.73 -45.60 -5.46
N GLU A 743 -8.38 -44.87 -6.36
CA GLU A 743 -7.71 -44.39 -7.56
C GLU A 743 -6.63 -43.36 -7.23
N GLY A 744 -6.90 -42.46 -6.26
CA GLY A 744 -5.89 -41.52 -5.85
C GLY A 744 -4.68 -42.21 -5.24
N VAL A 745 -4.92 -43.23 -4.41
CA VAL A 745 -3.82 -44.02 -3.86
C VAL A 745 -3.06 -44.74 -4.96
N ARG A 746 -3.79 -45.26 -5.96
CA ARG A 746 -3.10 -45.91 -7.08
C ARG A 746 -2.19 -44.94 -7.79
N ILE A 747 -2.66 -43.70 -8.00
CA ILE A 747 -1.86 -42.67 -8.66
C ILE A 747 -0.65 -42.29 -7.81
N LEU A 748 -0.85 -42.12 -6.50
CA LEU A 748 0.27 -41.78 -5.63
C LEU A 748 1.32 -42.88 -5.63
N ARG A 749 0.87 -44.15 -5.62
CA ARG A 749 1.82 -45.25 -5.69
C ARG A 749 2.52 -45.30 -7.04
N GLU A 750 1.79 -45.07 -8.13
CA GLU A 750 2.44 -45.00 -9.44
C GLU A 750 3.49 -43.91 -9.47
N ALA A 751 3.22 -42.79 -8.79
CA ALA A 751 4.12 -41.64 -8.75
C ALA A 751 5.36 -41.92 -7.90
N GLY A 752 5.40 -43.04 -7.20
CA GLY A 752 6.59 -43.46 -6.48
C GLY A 752 6.44 -43.59 -4.98
N ILE A 753 5.28 -43.30 -4.40
CA ILE A 753 5.08 -43.55 -2.97
C ILE A 753 5.08 -45.05 -2.73
N PRO A 754 5.96 -45.56 -1.87
CA PRO A 754 5.99 -47.01 -1.63
C PRO A 754 4.69 -47.50 -1.01
N ALA A 755 4.35 -48.76 -1.30
CA ALA A 755 3.16 -49.37 -0.71
C ALA A 755 3.23 -49.37 0.82
N SER A 756 4.43 -49.49 1.37
CA SER A 756 4.56 -49.46 2.82
C SER A 756 4.33 -48.06 3.38
N ALA A 757 4.52 -47.01 2.58
CA ALA A 757 4.32 -45.65 3.04
C ALA A 757 2.88 -45.17 2.89
N LEU A 758 2.07 -45.84 2.07
CA LEU A 758 0.70 -45.42 1.80
C LEU A 758 -0.19 -46.64 1.67
N GLN A 759 -0.97 -46.90 2.71
CA GLN A 759 -1.90 -48.02 2.76
C GLN A 759 -3.32 -47.49 2.76
N LEU A 760 -4.17 -48.11 1.96
CA LEU A 760 -5.56 -47.71 1.83
C LEU A 760 -6.43 -48.67 2.62
N LEU A 761 -7.26 -48.14 3.51
CA LEU A 761 -8.11 -48.98 4.38
C LEU A 761 -9.55 -48.53 4.21
N PRO A 762 -10.26 -49.05 3.21
CA PRO A 762 -11.66 -48.69 3.06
C PRO A 762 -12.49 -49.22 4.22
N GLY A 763 -13.59 -48.54 4.48
CA GLY A 763 -14.51 -48.98 5.51
C GLY A 763 -15.17 -47.79 6.18
N ASP A 764 -15.98 -48.10 7.19
CA ASP A 764 -16.77 -47.08 7.87
C ASP A 764 -16.00 -46.56 9.09
N GLY A 765 -16.71 -45.91 10.01
CA GLY A 765 -16.08 -45.30 11.16
C GLY A 765 -15.36 -46.27 12.07
N ARG A 766 -15.74 -47.55 12.04
CA ARG A 766 -15.02 -48.55 12.82
C ARG A 766 -13.58 -48.68 12.37
N VAL A 767 -13.35 -48.65 11.06
CA VAL A 767 -11.97 -48.69 10.55
C VAL A 767 -11.23 -47.44 10.97
N GLY A 768 -11.88 -46.28 10.86
CA GLY A 768 -11.26 -45.06 11.35
C GLY A 768 -10.90 -45.15 12.81
N ALA A 769 -11.85 -45.61 13.64
CA ALA A 769 -11.64 -45.67 15.07
C ALA A 769 -10.54 -46.67 15.42
N ALA A 770 -10.50 -47.81 14.72
CA ALA A 770 -9.48 -48.80 15.00
C ALA A 770 -8.10 -48.27 14.64
N LEU A 771 -8.01 -47.44 13.60
CA LEU A 771 -6.73 -46.81 13.25
C LEU A 771 -6.31 -45.78 14.29
N VAL A 772 -7.25 -44.93 14.72
CA VAL A 772 -6.94 -43.93 15.73
C VAL A 772 -6.45 -44.60 17.01
N ALA A 773 -7.09 -45.68 17.42
CA ALA A 773 -6.75 -46.30 18.69
C ALA A 773 -5.47 -47.13 18.66
N ALA A 774 -4.91 -47.40 17.48
CA ALA A 774 -3.77 -48.31 17.38
C ALA A 774 -2.53 -47.71 18.04
N ALA A 775 -1.73 -48.57 18.67
CA ALA A 775 -0.69 -48.10 19.57
C ALA A 775 0.32 -47.20 18.86
N GLU A 776 0.68 -47.53 17.63
CA GLU A 776 1.75 -46.82 16.93
C GLU A 776 1.26 -45.58 16.19
N THR A 777 -0.03 -45.25 16.26
CA THR A 777 -0.52 -44.06 15.58
C THR A 777 0.09 -42.82 16.22
N ALA A 778 0.79 -42.04 15.41
CA ALA A 778 1.57 -40.91 15.91
C ALA A 778 0.92 -39.57 15.62
N GLY A 779 -0.10 -39.53 14.78
CA GLY A 779 -0.79 -38.29 14.49
C GLY A 779 -2.04 -38.63 13.72
N VAL A 780 -3.05 -37.77 13.81
CA VAL A 780 -4.31 -37.99 13.14
C VAL A 780 -4.69 -36.72 12.40
N MET A 781 -5.04 -36.87 11.12
CA MET A 781 -5.57 -35.77 10.32
C MET A 781 -7.01 -36.15 9.98
N PHE A 782 -7.96 -35.39 10.51
CA PHE A 782 -9.38 -35.65 10.37
C PHE A 782 -10.05 -34.46 9.71
N THR A 783 -10.86 -34.74 8.70
CA THR A 783 -11.80 -33.76 8.18
C THR A 783 -13.16 -34.46 8.14
N GLY A 784 -14.17 -33.81 8.69
CA GLY A 784 -15.46 -34.46 8.86
C GLY A 784 -16.32 -33.67 9.82
N SER A 785 -17.36 -34.31 10.33
CA SER A 785 -18.28 -33.63 11.23
C SER A 785 -17.63 -33.32 12.58
N THR A 786 -18.09 -32.24 13.20
CA THR A 786 -17.61 -31.88 14.52
C THR A 786 -17.86 -32.98 15.54
N GLU A 787 -19.01 -33.65 15.43
CA GLU A 787 -19.37 -34.70 16.37
C GLU A 787 -18.41 -35.87 16.29
N VAL A 788 -18.03 -36.28 15.08
CA VAL A 788 -17.07 -37.38 14.96
C VAL A 788 -15.70 -36.94 15.44
N ALA A 789 -15.29 -35.71 15.13
CA ALA A 789 -14.01 -35.23 15.61
C ALA A 789 -13.95 -35.26 17.12
N ARG A 790 -15.07 -34.96 17.79
CA ARG A 790 -15.11 -35.00 19.24
C ARG A 790 -14.92 -36.42 19.77
N LEU A 791 -15.42 -37.43 19.03
CA LEU A 791 -15.16 -38.80 19.44
C LEU A 791 -13.68 -39.15 19.26
N ILE A 792 -13.06 -38.69 18.17
CA ILE A 792 -11.63 -38.94 18.00
C ILE A 792 -10.82 -38.22 19.07
N GLN A 793 -11.17 -36.96 19.36
CA GLN A 793 -10.51 -36.23 20.43
C GLN A 793 -10.58 -36.99 21.75
N ALA A 794 -11.75 -37.58 22.06
CA ALA A 794 -11.87 -38.35 23.29
C ALA A 794 -10.99 -39.59 23.27
N GLN A 795 -10.92 -40.27 22.14
CA GLN A 795 -10.08 -41.47 22.06
C GLN A 795 -8.60 -41.12 22.23
N LEU A 796 -8.16 -40.01 21.65
CA LEU A 796 -6.75 -39.62 21.76
C LEU A 796 -6.41 -39.08 23.14
N ALA A 797 -7.40 -38.61 23.91
CA ALA A 797 -7.09 -38.04 25.21
C ALA A 797 -6.47 -39.08 26.15
N ASP A 798 -6.72 -40.37 25.91
CA ASP A 798 -6.08 -41.44 26.66
C ASP A 798 -4.61 -41.59 26.34
N ARG A 799 -4.16 -41.05 25.20
CA ARG A 799 -2.96 -41.51 24.54
C ARG A 799 -1.82 -40.51 24.70
N LEU A 800 -0.60 -41.05 24.79
CA LEU A 800 0.61 -40.25 24.72
C LEU A 800 1.59 -40.89 23.75
N SER A 801 2.43 -40.06 23.14
CA SER A 801 3.51 -40.55 22.31
C SER A 801 4.53 -41.29 23.18
N PRO A 802 5.44 -42.06 22.58
CA PRO A 802 6.52 -42.65 23.39
C PRO A 802 7.30 -41.61 24.17
N ALA A 803 7.44 -40.40 23.64
CA ALA A 803 8.03 -39.30 24.40
C ALA A 803 7.11 -38.78 25.50
N GLY A 804 5.88 -39.28 25.60
CA GLY A 804 4.96 -38.80 26.62
C GLY A 804 4.30 -37.47 26.33
N ARG A 805 3.95 -37.21 25.06
CA ARG A 805 3.34 -35.97 24.64
C ARG A 805 2.07 -36.28 23.86
N PRO A 806 1.12 -35.33 23.81
CA PRO A 806 -0.14 -35.60 23.10
C PRO A 806 0.08 -35.96 21.64
N ILE A 807 -0.78 -36.85 21.15
CA ILE A 807 -0.79 -37.21 19.73
C ILE A 807 -1.43 -36.08 18.95
N PRO A 808 -0.70 -35.44 18.03
CA PRO A 808 -1.29 -34.30 17.30
C PRO A 808 -2.53 -34.70 16.52
N LEU A 809 -3.54 -33.83 16.60
CA LEU A 809 -4.79 -33.98 15.88
C LEU A 809 -5.06 -32.71 15.09
N ILE A 810 -5.21 -32.83 13.77
CA ILE A 810 -5.77 -31.78 12.96
C ILE A 810 -7.21 -32.20 12.71
N ALA A 811 -8.16 -31.38 13.14
CA ALA A 811 -9.58 -31.74 13.06
C ALA A 811 -10.32 -30.57 12.42
N GLU A 812 -10.65 -30.72 11.15
CA GLU A 812 -11.28 -29.65 10.38
C GLU A 812 -12.73 -30.06 10.17
N THR A 813 -13.64 -29.26 10.73
CA THR A 813 -14.99 -29.74 10.93
C THR A 813 -16.06 -28.84 10.34
N GLY A 814 -17.28 -28.86 10.89
CA GLY A 814 -18.42 -28.28 10.22
C GLY A 814 -18.48 -26.75 10.28
N GLY A 815 -19.48 -26.21 9.59
CA GLY A 815 -19.67 -24.78 9.57
C GLY A 815 -21.15 -24.43 9.71
N GLN A 816 -21.41 -23.17 10.05
CA GLN A 816 -22.76 -22.62 10.08
C GLN A 816 -22.64 -21.26 9.40
N ASN A 817 -22.35 -21.30 8.11
CA ASN A 817 -21.72 -20.18 7.45
C ASN A 817 -22.76 -19.15 7.04
N ALA A 818 -22.48 -17.89 7.33
CA ALA A 818 -23.39 -16.79 7.07
C ALA A 818 -22.84 -15.90 5.96
N MET A 819 -23.76 -15.20 5.31
CA MET A 819 -23.44 -14.09 4.43
C MET A 819 -24.30 -12.90 4.83
N ILE A 820 -23.68 -11.75 5.02
CA ILE A 820 -24.41 -10.52 5.35
C ILE A 820 -24.47 -9.64 4.11
N VAL A 821 -25.68 -9.19 3.79
CA VAL A 821 -25.92 -8.38 2.60
C VAL A 821 -26.60 -7.10 3.06
N ASP A 822 -26.03 -5.96 2.70
CA ASP A 822 -26.67 -4.69 3.07
C ASP A 822 -27.30 -4.07 1.82
N SER A 823 -27.88 -2.89 2.01
CA SER A 823 -28.66 -2.26 0.94
C SER A 823 -27.79 -1.63 -0.16
N SER A 824 -26.47 -1.65 -0.04
CA SER A 824 -25.62 -1.15 -1.11
C SER A 824 -25.21 -2.24 -2.09
N ALA A 825 -25.48 -3.50 -1.76
CA ALA A 825 -25.08 -4.60 -2.62
C ALA A 825 -25.98 -4.66 -3.85
N LEU A 826 -25.46 -5.29 -4.91
CA LEU A 826 -26.21 -5.42 -6.17
C LEU A 826 -26.97 -6.74 -6.13
N ALA A 827 -28.30 -6.66 -6.19
CA ALA A 827 -29.14 -7.84 -5.93
C ALA A 827 -28.79 -9.00 -6.86
N GLU A 828 -28.62 -8.72 -8.16
CA GLU A 828 -28.32 -9.79 -9.09
C GLU A 828 -27.00 -10.49 -8.74
N GLN A 829 -25.99 -9.71 -8.35
CA GLN A 829 -24.73 -10.29 -7.89
C GLN A 829 -24.93 -11.15 -6.65
N VAL A 830 -25.64 -10.61 -5.66
CA VAL A 830 -25.93 -11.36 -4.44
C VAL A 830 -26.62 -12.68 -4.77
N VAL A 831 -27.67 -12.63 -5.59
CA VAL A 831 -28.47 -13.83 -5.83
C VAL A 831 -27.61 -14.91 -6.48
N GLY A 832 -26.79 -14.53 -7.47
CA GLY A 832 -25.91 -15.52 -8.08
C GLY A 832 -24.95 -16.13 -7.08
N ASP A 833 -24.36 -15.30 -6.22
CA ASP A 833 -23.41 -15.84 -5.25
C ASP A 833 -24.11 -16.67 -4.18
N VAL A 834 -25.35 -16.33 -3.84
CA VAL A 834 -26.11 -17.09 -2.85
C VAL A 834 -26.52 -18.43 -3.43
N ILE A 835 -27.07 -18.43 -4.66
CA ILE A 835 -27.48 -19.67 -5.30
C ILE A 835 -26.29 -20.62 -5.40
N THR A 836 -25.16 -20.11 -5.85
CA THR A 836 -23.96 -20.94 -5.95
C THR A 836 -23.51 -21.40 -4.56
N SER A 837 -23.41 -20.48 -3.60
CA SER A 837 -22.82 -20.86 -2.32
C SER A 837 -23.71 -21.82 -1.54
N ALA A 838 -25.04 -21.67 -1.64
CA ALA A 838 -25.94 -22.48 -0.86
C ALA A 838 -26.22 -23.83 -1.50
N PHE A 839 -26.33 -23.87 -2.84
CA PHE A 839 -26.86 -25.07 -3.48
C PHE A 839 -25.92 -25.79 -4.41
N ASP A 840 -24.75 -25.23 -4.73
CA ASP A 840 -23.72 -25.99 -5.41
C ASP A 840 -23.46 -27.28 -4.65
N SER A 841 -23.33 -28.37 -5.38
CA SER A 841 -23.13 -29.69 -4.76
C SER A 841 -24.23 -30.03 -3.76
N ALA A 842 -25.43 -29.50 -4.01
CA ALA A 842 -26.57 -29.69 -3.12
C ALA A 842 -26.23 -29.31 -1.68
N GLY A 843 -25.46 -28.23 -1.52
CA GLY A 843 -25.13 -27.76 -0.19
C GLY A 843 -24.14 -28.63 0.55
N GLN A 844 -23.56 -29.63 -0.10
CA GLN A 844 -22.65 -30.57 0.55
C GLN A 844 -21.20 -30.14 0.39
N ARG A 845 -20.96 -28.88 0.73
CA ARG A 845 -19.64 -28.33 0.96
C ARG A 845 -19.60 -27.85 2.39
N CYS A 846 -18.48 -28.07 3.08
CA CYS A 846 -18.39 -27.53 4.43
C CYS A 846 -18.48 -26.00 4.41
N SER A 847 -18.09 -25.39 3.30
CA SER A 847 -18.08 -23.95 3.08
C SER A 847 -19.44 -23.39 2.69
N ALA A 848 -20.43 -24.25 2.47
CA ALA A 848 -21.68 -23.81 1.86
C ALA A 848 -22.39 -22.76 2.71
N LEU A 849 -23.10 -21.86 2.03
CA LEU A 849 -23.84 -20.82 2.72
C LEU A 849 -25.07 -21.43 3.38
N ARG A 850 -25.16 -21.26 4.71
CA ARG A 850 -26.27 -21.78 5.50
C ARG A 850 -27.25 -20.72 5.95
N VAL A 851 -26.81 -19.49 6.18
CA VAL A 851 -27.66 -18.42 6.73
C VAL A 851 -27.38 -17.16 5.95
N LEU A 852 -28.37 -16.69 5.19
CA LEU A 852 -28.27 -15.44 4.46
C LEU A 852 -28.95 -14.37 5.29
N CYS A 853 -28.25 -13.26 5.51
CA CYS A 853 -28.72 -12.19 6.39
C CYS A 853 -28.93 -10.95 5.54
N LEU A 854 -30.19 -10.52 5.40
CA LEU A 854 -30.57 -9.47 4.47
C LEU A 854 -30.99 -8.23 5.21
N GLN A 855 -30.40 -7.09 4.86
CA GLN A 855 -30.83 -5.86 5.47
C GLN A 855 -32.30 -5.61 5.13
N GLU A 856 -33.07 -5.18 6.13
CA GLU A 856 -34.53 -5.18 6.03
C GLU A 856 -35.02 -4.43 4.80
N ASP A 857 -34.38 -3.31 4.46
CA ASP A 857 -34.85 -2.46 3.38
C ASP A 857 -34.79 -3.12 2.01
N VAL A 858 -33.90 -4.11 1.83
CA VAL A 858 -33.77 -4.81 0.56
C VAL A 858 -34.17 -6.27 0.64
N ALA A 859 -34.61 -6.74 1.80
CA ALA A 859 -34.82 -8.18 1.98
C ALA A 859 -35.91 -8.71 1.05
N ASP A 860 -37.02 -7.98 0.91
CA ASP A 860 -38.12 -8.49 0.11
C ASP A 860 -37.72 -8.62 -1.36
N ARG A 861 -37.05 -7.61 -1.89
CA ARG A 861 -36.64 -7.63 -3.30
C ARG A 861 -35.64 -8.76 -3.55
N ILE A 862 -34.64 -8.89 -2.69
CA ILE A 862 -33.64 -9.93 -2.90
C ILE A 862 -34.27 -11.32 -2.73
N LEU A 863 -35.13 -11.48 -1.73
CA LEU A 863 -35.77 -12.77 -1.49
C LEU A 863 -36.63 -13.18 -2.68
N THR A 864 -37.38 -12.24 -3.25
CA THR A 864 -38.17 -12.57 -4.44
C THR A 864 -37.26 -13.00 -5.58
N MET A 865 -36.17 -12.26 -5.80
CA MET A 865 -35.24 -12.65 -6.86
C MET A 865 -34.61 -14.00 -6.55
N LEU A 866 -34.25 -14.23 -5.28
CA LEU A 866 -33.64 -15.49 -4.89
C LEU A 866 -34.58 -16.68 -5.14
N LYS A 867 -35.85 -16.56 -4.75
CA LYS A 867 -36.79 -17.64 -4.99
C LYS A 867 -36.98 -17.87 -6.48
N GLY A 868 -37.02 -16.80 -7.26
CA GLY A 868 -37.12 -16.97 -8.71
C GLY A 868 -35.93 -17.71 -9.28
N ALA A 869 -34.72 -17.39 -8.78
CA ALA A 869 -33.53 -18.05 -9.27
C ALA A 869 -33.49 -19.52 -8.83
N LEU A 870 -33.97 -19.78 -7.60
CA LEU A 870 -34.06 -21.15 -7.12
C LEU A 870 -34.77 -22.05 -8.12
N HIS A 871 -35.87 -21.57 -8.68
CA HIS A 871 -36.70 -22.40 -9.54
C HIS A 871 -36.13 -22.59 -10.93
N GLU A 872 -35.01 -21.94 -11.24
CA GLU A 872 -34.31 -22.17 -12.50
C GLU A 872 -33.26 -23.27 -12.40
N LEU A 873 -33.10 -23.88 -11.23
CA LEU A 873 -32.11 -24.93 -11.05
C LEU A 873 -32.62 -26.28 -11.55
N HIS A 874 -31.74 -27.04 -12.19
CA HIS A 874 -32.04 -28.37 -12.69
C HIS A 874 -31.40 -29.38 -11.75
N ILE A 875 -32.23 -30.21 -11.11
CA ILE A 875 -31.78 -31.22 -10.17
C ILE A 875 -31.92 -32.58 -10.84
N GLY A 876 -30.89 -33.41 -10.72
CA GLY A 876 -30.98 -34.74 -11.30
C GLY A 876 -29.66 -35.47 -11.26
N ARG A 877 -29.65 -36.64 -11.89
CA ARG A 877 -28.43 -37.42 -12.01
C ARG A 877 -27.39 -36.60 -12.76
N THR A 878 -26.16 -36.59 -12.25
CA THR A 878 -25.21 -35.56 -12.62
C THR A 878 -24.42 -35.87 -13.88
N ASP A 879 -24.71 -36.96 -14.58
CA ASP A 879 -24.02 -37.25 -15.83
C ASP A 879 -24.64 -36.52 -17.02
N ARG A 880 -25.29 -35.37 -16.78
CA ARG A 880 -25.79 -34.48 -17.81
C ARG A 880 -25.26 -33.08 -17.50
N LEU A 881 -24.69 -32.42 -18.52
CA LEU A 881 -24.16 -31.07 -18.32
C LEU A 881 -25.23 -30.10 -17.85
N SER A 882 -26.49 -30.35 -18.22
CA SER A 882 -27.56 -29.44 -17.84
C SER A 882 -27.95 -29.55 -16.38
N VAL A 883 -27.42 -30.52 -15.64
CA VAL A 883 -27.78 -30.68 -14.24
C VAL A 883 -26.95 -29.72 -13.40
N ASP A 884 -27.64 -28.92 -12.58
CA ASP A 884 -26.98 -27.97 -11.70
C ASP A 884 -26.69 -28.55 -10.33
N VAL A 885 -27.63 -29.33 -9.80
CA VAL A 885 -27.63 -29.78 -8.42
C VAL A 885 -27.88 -31.28 -8.45
N GLY A 886 -26.96 -32.04 -7.87
CA GLY A 886 -27.08 -33.48 -7.84
C GLY A 886 -27.71 -33.99 -6.56
N PRO A 887 -27.55 -35.29 -6.31
CA PRO A 887 -28.21 -35.90 -5.15
C PRO A 887 -27.45 -35.61 -3.86
N VAL A 888 -28.13 -35.88 -2.76
CA VAL A 888 -27.43 -36.05 -1.49
C VAL A 888 -26.89 -37.47 -1.41
N ILE A 889 -25.86 -37.66 -0.56
CA ILE A 889 -24.99 -38.81 -0.73
C ILE A 889 -25.68 -40.12 -0.38
N THR A 890 -26.57 -40.10 0.63
CA THR A 890 -27.21 -41.33 1.09
C THR A 890 -28.67 -41.05 1.46
N SER A 891 -29.42 -42.14 1.62
CA SER A 891 -30.79 -42.04 2.13
CA SER A 891 -30.79 -42.01 2.11
C SER A 891 -30.81 -41.51 3.56
N GLU A 892 -29.79 -41.86 4.35
CA GLU A 892 -29.72 -41.37 5.72
C GLU A 892 -29.50 -39.86 5.74
N ALA A 893 -28.61 -39.37 4.87
CA ALA A 893 -28.42 -37.93 4.77
C ALA A 893 -29.71 -37.25 4.34
N LYS A 894 -30.39 -37.83 3.34
CA LYS A 894 -31.67 -37.29 2.91
C LYS A 894 -32.66 -37.22 4.06
N ASP A 895 -32.77 -38.30 4.83
CA ASP A 895 -33.73 -38.32 5.93
C ASP A 895 -33.39 -37.25 6.98
N ASN A 896 -32.10 -37.09 7.30
CA ASN A 896 -31.70 -36.10 8.28
C ASN A 896 -32.04 -34.69 7.79
N ILE A 897 -31.75 -34.39 6.53
CA ILE A 897 -32.01 -33.07 5.98
C ILE A 897 -33.52 -32.82 5.96
N GLU A 898 -34.29 -33.81 5.48
CA GLU A 898 -35.73 -33.64 5.38
C GLU A 898 -36.37 -33.47 6.76
N LYS A 899 -35.85 -34.16 7.77
CA LYS A 899 -36.37 -33.99 9.12
C LYS A 899 -36.20 -32.55 9.58
N HIS A 900 -35.05 -31.93 9.26
CA HIS A 900 -34.85 -30.54 9.64
C HIS A 900 -35.82 -29.63 8.92
N ILE A 901 -35.99 -29.83 7.61
CA ILE A 901 -36.91 -29.01 6.84
C ILE A 901 -38.31 -29.08 7.43
N GLU A 902 -38.76 -30.29 7.77
CA GLU A 902 -40.12 -30.43 8.27
C GLU A 902 -40.29 -29.87 9.67
N ARG A 903 -39.25 -29.97 10.50
CA ARG A 903 -39.27 -29.28 11.79
C ARG A 903 -39.46 -27.77 11.60
N MET A 904 -38.68 -27.16 10.72
CA MET A 904 -38.84 -25.74 10.42
C MET A 904 -40.24 -25.43 9.92
N ARG A 905 -40.73 -26.23 8.96
CA ARG A 905 -42.07 -26.02 8.44
C ARG A 905 -43.10 -26.15 9.55
N GLY A 906 -42.88 -27.07 10.49
CA GLY A 906 -43.81 -27.27 11.58
C GLY A 906 -43.89 -26.08 12.53
N LEU A 907 -42.82 -25.29 12.62
CA LEU A 907 -42.84 -24.09 13.43
C LEU A 907 -43.50 -22.91 12.74
N GLY A 908 -43.97 -23.09 11.50
CA GLY A 908 -44.58 -22.02 10.75
C GLY A 908 -43.64 -21.21 9.88
N ARG A 909 -42.36 -21.57 9.82
CA ARG A 909 -41.42 -20.84 8.97
C ARG A 909 -41.75 -21.06 7.50
N LYS A 910 -41.61 -20.00 6.71
CA LYS A 910 -41.89 -20.09 5.27
C LYS A 910 -40.81 -20.92 4.58
N VAL A 911 -41.24 -21.90 3.79
CA VAL A 911 -40.35 -22.83 3.12
C VAL A 911 -40.64 -22.80 1.64
N GLU A 912 -39.59 -22.57 0.85
CA GLU A 912 -39.64 -22.58 -0.60
C GLU A 912 -38.83 -23.76 -1.10
N GLN A 913 -39.42 -24.60 -1.95
CA GLN A 913 -38.70 -25.73 -2.49
C GLN A 913 -38.98 -25.89 -3.98
N ILE A 914 -37.93 -26.24 -4.74
CA ILE A 914 -38.11 -26.65 -6.13
C ILE A 914 -38.83 -27.99 -6.16
N GLY A 915 -39.70 -28.16 -7.14
CA GLY A 915 -40.26 -29.48 -7.39
C GLY A 915 -39.24 -30.34 -8.10
N LEU A 916 -39.16 -31.60 -7.68
CA LEU A 916 -38.21 -32.54 -8.25
C LEU A 916 -38.87 -33.35 -9.36
N ALA A 917 -38.07 -33.69 -10.37
CA ALA A 917 -38.58 -34.52 -11.45
C ALA A 917 -38.75 -35.96 -10.98
N SER A 918 -39.67 -36.67 -11.64
CA SER A 918 -39.94 -38.05 -11.27
C SER A 918 -38.69 -38.92 -11.33
N GLU A 919 -37.76 -38.61 -12.23
CA GLU A 919 -36.55 -39.40 -12.40
C GLU A 919 -35.68 -39.41 -11.15
N THR A 920 -35.83 -38.44 -10.26
CA THR A 920 -35.02 -38.44 -9.05
C THR A 920 -35.38 -39.58 -8.11
N GLY A 921 -36.54 -40.22 -8.31
CA GLY A 921 -36.98 -41.24 -7.39
C GLY A 921 -36.02 -42.42 -7.27
N VAL A 922 -35.23 -42.68 -8.32
CA VAL A 922 -34.28 -43.79 -8.28
C VAL A 922 -33.03 -43.47 -7.48
N GLY A 923 -32.82 -42.21 -7.07
CA GLY A 923 -31.68 -41.83 -6.25
C GLY A 923 -32.12 -41.18 -4.95
N THR A 924 -31.21 -40.47 -4.27
CA THR A 924 -31.54 -39.81 -3.00
C THR A 924 -31.32 -38.31 -3.18
N PHE A 925 -32.41 -37.59 -3.43
CA PHE A 925 -32.36 -36.16 -3.71
C PHE A 925 -33.15 -35.38 -2.67
N VAL A 926 -32.66 -34.20 -2.34
CA VAL A 926 -33.36 -33.21 -1.55
C VAL A 926 -33.45 -31.95 -2.40
N PRO A 927 -34.62 -31.38 -2.63
CA PRO A 927 -34.69 -30.18 -3.47
C PRO A 927 -34.05 -29.01 -2.76
N PRO A 928 -33.34 -28.16 -3.50
CA PRO A 928 -32.91 -26.87 -2.94
C PRO A 928 -34.07 -26.18 -2.24
N THR A 929 -33.79 -25.67 -1.05
CA THR A 929 -34.79 -25.23 -0.10
C THR A 929 -34.34 -23.91 0.52
N ILE A 930 -35.28 -22.97 0.62
CA ILE A 930 -35.08 -21.70 1.33
C ILE A 930 -36.03 -21.68 2.51
N ILE A 931 -35.50 -21.42 3.70
CA ILE A 931 -36.27 -21.39 4.93
C ILE A 931 -36.10 -20.02 5.55
N GLU A 932 -37.19 -19.32 5.80
CA GLU A 932 -37.12 -17.98 6.38
C GLU A 932 -37.21 -18.08 7.89
N LEU A 933 -36.15 -17.69 8.57
CA LEU A 933 -36.10 -17.78 10.02
C LEU A 933 -36.38 -16.42 10.65
N GLU A 934 -36.81 -16.47 11.92
CA GLU A 934 -36.97 -15.26 12.71
C GLU A 934 -35.65 -14.82 13.34
N LYS A 935 -34.96 -15.76 13.99
CA LYS A 935 -33.70 -15.48 14.66
C LYS A 935 -32.67 -16.54 14.25
N LEU A 936 -31.40 -16.14 14.23
CA LEU A 936 -30.33 -17.09 13.93
C LEU A 936 -30.32 -18.24 14.94
N SER A 937 -30.82 -18.00 16.15
CA SER A 937 -30.93 -19.06 17.16
C SER A 937 -31.91 -20.15 16.77
N ASP A 938 -32.73 -19.93 15.73
CA ASP A 938 -33.59 -21.00 15.22
C ASP A 938 -32.79 -22.19 14.71
N LEU A 939 -31.51 -22.00 14.41
CA LEU A 939 -30.64 -23.08 13.97
C LEU A 939 -29.83 -23.62 15.14
N GLN A 940 -29.66 -24.95 15.18
CA GLN A 940 -28.96 -25.62 16.26
C GLN A 940 -27.62 -26.19 15.85
N ARG A 941 -27.58 -26.97 14.78
CA ARG A 941 -26.33 -27.57 14.30
C ARG A 941 -26.32 -27.55 12.78
N GLU A 942 -25.14 -27.80 12.21
CA GLU A 942 -24.97 -27.78 10.77
C GLU A 942 -25.93 -28.77 10.10
N VAL A 943 -26.63 -28.30 9.06
CA VAL A 943 -27.49 -29.15 8.24
C VAL A 943 -26.82 -29.26 6.87
N PHE A 944 -26.20 -30.42 6.61
CA PHE A 944 -25.29 -30.59 5.50
C PHE A 944 -26.09 -30.98 4.26
N GLY A 945 -26.77 -30.00 3.69
CA GLY A 945 -27.63 -30.25 2.56
C GLY A 945 -28.01 -28.96 1.90
N PRO A 946 -28.89 -29.04 0.90
CA PRO A 946 -29.23 -27.85 0.11
C PRO A 946 -30.34 -27.02 0.77
N VAL A 947 -30.02 -26.47 1.95
CA VAL A 947 -31.00 -25.77 2.77
C VAL A 947 -30.43 -24.42 3.17
N LEU A 948 -30.96 -23.37 2.57
CA LEU A 948 -30.55 -22.00 2.87
C LEU A 948 -31.56 -21.41 3.84
N HIS A 949 -31.05 -20.81 4.90
CA HIS A 949 -31.89 -20.11 5.86
C HIS A 949 -31.71 -18.62 5.65
N VAL A 950 -32.79 -17.87 5.79
CA VAL A 950 -32.77 -16.44 5.52
C VAL A 950 -33.24 -15.71 6.76
N ILE A 951 -32.46 -14.73 7.19
CA ILE A 951 -32.89 -13.87 8.29
C ILE A 951 -32.73 -12.42 7.84
N ARG A 952 -33.51 -11.54 8.45
CA ARG A 952 -33.52 -10.13 8.13
C ARG A 952 -32.99 -9.33 9.32
N TYR A 953 -32.36 -8.20 9.04
CA TYR A 953 -31.83 -7.37 10.12
C TYR A 953 -31.97 -5.90 9.77
N ARG A 954 -32.19 -5.09 10.82
CA ARG A 954 -32.15 -3.64 10.69
C ARG A 954 -30.71 -3.15 10.73
N ARG A 955 -30.40 -2.11 9.94
CA ARG A 955 -29.01 -1.70 9.78
C ARG A 955 -28.37 -1.37 11.11
N ASP A 956 -29.09 -0.70 12.01
CA ASP A 956 -28.50 -0.37 13.30
C ASP A 956 -28.14 -1.61 14.11
N ASP A 957 -28.72 -2.77 13.79
CA ASP A 957 -28.45 -4.01 14.49
C ASP A 957 -27.36 -4.85 13.83
N LEU A 958 -26.57 -4.25 12.92
CA LEU A 958 -25.53 -5.02 12.24
C LEU A 958 -24.52 -5.60 13.23
N ASP A 959 -24.09 -4.81 14.21
CA ASP A 959 -23.09 -5.33 15.14
C ASP A 959 -23.64 -6.48 15.95
N ARG A 960 -24.91 -6.38 16.37
CA ARG A 960 -25.53 -7.48 17.12
C ARG A 960 -25.67 -8.72 16.23
N LEU A 961 -25.95 -8.51 14.94
CA LEU A 961 -26.03 -9.63 14.01
C LEU A 961 -24.70 -10.37 13.92
N VAL A 962 -23.60 -9.62 13.79
CA VAL A 962 -22.28 -10.27 13.77
C VAL A 962 -22.06 -11.06 15.05
N ASP A 963 -22.45 -10.50 16.20
CA ASP A 963 -22.43 -11.26 17.45
C ASP A 963 -23.21 -12.57 17.31
N ASP A 964 -24.43 -12.47 16.78
CA ASP A 964 -25.26 -13.66 16.61
C ASP A 964 -24.59 -14.71 15.73
N VAL A 965 -23.95 -14.27 14.65
CA VAL A 965 -23.23 -15.20 13.78
C VAL A 965 -22.10 -15.87 14.54
N ASN A 966 -21.31 -15.07 15.29
CA ASN A 966 -20.24 -15.65 16.08
C ASN A 966 -20.77 -16.56 17.16
N ALA A 967 -21.98 -16.29 17.67
CA ALA A 967 -22.51 -16.98 18.84
C ALA A 967 -22.80 -18.44 18.60
N THR A 968 -22.90 -18.87 17.33
CA THR A 968 -23.11 -20.29 17.06
C THR A 968 -21.92 -21.13 17.53
N GLY A 969 -20.75 -20.52 17.68
CA GLY A 969 -19.53 -21.24 17.98
C GLY A 969 -18.80 -21.78 16.76
N TYR A 970 -19.42 -21.76 15.59
CA TYR A 970 -18.71 -22.13 14.38
C TYR A 970 -17.88 -20.94 13.88
N GLY A 971 -17.08 -21.19 12.85
CA GLY A 971 -16.26 -20.12 12.31
C GLY A 971 -15.50 -20.54 11.07
N LEU A 972 -16.23 -21.02 10.07
CA LEU A 972 -15.58 -21.55 8.88
C LEU A 972 -15.55 -20.50 7.77
N THR A 973 -16.60 -20.43 6.95
CA THR A 973 -16.64 -19.40 5.93
C THR A 973 -17.65 -18.32 6.30
N PHE A 974 -17.45 -17.15 5.71
CA PHE A 974 -18.30 -16.00 5.98
C PHE A 974 -18.25 -15.09 4.77
N GLY A 975 -19.41 -14.58 4.36
CA GLY A 975 -19.48 -13.66 3.24
C GLY A 975 -20.06 -12.32 3.63
N LEU A 976 -19.60 -11.28 2.93
CA LEU A 976 -20.18 -9.95 3.08
C LEU A 976 -20.33 -9.32 1.71
N HIS A 977 -21.54 -8.87 1.40
CA HIS A 977 -21.81 -8.11 0.19
C HIS A 977 -22.14 -6.69 0.59
N THR A 978 -21.24 -5.77 0.25
CA THR A 978 -21.43 -4.35 0.52
C THR A 978 -20.47 -3.58 -0.39
N ARG A 979 -20.83 -2.34 -0.67
CA ARG A 979 -19.92 -1.45 -1.36
C ARG A 979 -19.23 -0.46 -0.42
N LEU A 980 -19.50 -0.52 0.87
CA LEU A 980 -19.19 0.56 1.81
C LEU A 980 -18.01 0.16 2.71
N ASP A 981 -16.94 0.95 2.65
CA ASP A 981 -15.73 0.62 3.41
C ASP A 981 -15.99 0.56 4.90
N GLU A 982 -16.84 1.46 5.42
CA GLU A 982 -17.11 1.44 6.85
C GLU A 982 -17.70 0.10 7.26
N THR A 983 -18.58 -0.44 6.41
CA THR A 983 -19.22 -1.71 6.72
C THR A 983 -18.22 -2.87 6.59
N ILE A 984 -17.37 -2.83 5.56
CA ILE A 984 -16.33 -3.85 5.45
C ILE A 984 -15.45 -3.85 6.68
N ALA A 985 -14.99 -2.66 7.09
CA ALA A 985 -14.06 -2.59 8.21
C ALA A 985 -14.73 -3.10 9.48
N HIS A 986 -15.96 -2.66 9.73
CA HIS A 986 -16.71 -3.08 10.91
C HIS A 986 -16.91 -4.59 10.93
N VAL A 987 -17.53 -5.12 9.87
CA VAL A 987 -17.89 -6.54 9.86
C VAL A 987 -16.64 -7.42 9.91
N THR A 988 -15.64 -7.12 9.08
CA THR A 988 -14.48 -8.03 9.05
C THR A 988 -13.66 -7.95 10.33
N SER A 989 -13.72 -6.83 11.04
CA SER A 989 -12.98 -6.75 12.29
C SER A 989 -13.69 -7.49 13.41
N ARG A 990 -15.00 -7.68 13.32
CA ARG A 990 -15.78 -8.26 14.41
C ARG A 990 -16.14 -9.71 14.18
N ILE A 991 -16.22 -10.15 12.92
CA ILE A 991 -16.51 -11.55 12.63
C ILE A 991 -15.33 -12.41 13.05
N LYS A 992 -15.63 -13.63 13.48
CA LYS A 992 -14.61 -14.60 13.87
C LYS A 992 -14.77 -15.85 13.01
N ALA A 993 -14.10 -15.86 11.85
CA ALA A 993 -14.18 -17.00 10.95
C ALA A 993 -12.87 -17.10 10.18
N GLY A 994 -12.58 -18.31 9.71
CA GLY A 994 -11.29 -18.57 9.09
C GLY A 994 -11.19 -18.13 7.64
N ASN A 995 -12.30 -18.11 6.91
CA ASN A 995 -12.29 -17.76 5.49
C ASN A 995 -13.37 -16.71 5.25
N LEU A 996 -12.94 -15.49 4.92
CA LEU A 996 -13.83 -14.38 4.62
C LEU A 996 -13.87 -14.11 3.13
N TYR A 997 -15.04 -13.70 2.65
CA TYR A 997 -15.23 -13.44 1.23
C TYR A 997 -16.05 -12.18 1.06
N ILE A 998 -15.54 -11.22 0.30
CA ILE A 998 -16.16 -9.92 0.14
C ILE A 998 -16.63 -9.80 -1.31
N ASN A 999 -17.94 -9.66 -1.49
CA ASN A 999 -18.55 -9.39 -2.80
C ASN A 999 -18.32 -10.53 -3.78
N ARG A 1000 -18.38 -11.77 -3.28
CA ARG A 1000 -18.22 -12.96 -4.09
C ARG A 1000 -18.88 -14.11 -3.35
N ASN A 1001 -18.86 -15.30 -3.96
CA ASN A 1001 -19.38 -16.46 -3.26
C ASN A 1001 -18.41 -16.86 -2.14
N ILE A 1002 -18.84 -17.77 -1.28
N ILE A 1002 -18.83 -17.78 -1.29
CA ILE A 1002 -18.09 -18.12 -0.07
CA ILE A 1002 -18.03 -18.21 -0.15
C ILE A 1002 -17.58 -19.56 -0.11
C ILE A 1002 -17.51 -19.64 -0.33
N ILE A 1003 -17.49 -20.16 -1.29
N ILE A 1003 -17.43 -20.14 -1.56
CA ILE A 1003 -17.03 -21.55 -1.38
CA ILE A 1003 -17.04 -21.52 -1.79
C ILE A 1003 -15.60 -21.64 -1.90
C ILE A 1003 -15.89 -21.60 -2.80
N GLY A 1004 -14.86 -20.53 -1.87
N GLY A 1004 -15.39 -22.81 -2.99
CA GLY A 1004 -13.50 -20.51 -2.39
CA GLY A 1004 -14.31 -23.05 -3.92
C GLY A 1004 -12.53 -21.21 -1.45
C GLY A 1004 -12.98 -22.41 -3.54
N ALA A 1005 -11.75 -22.13 -1.99
N ALA A 1005 -12.64 -22.39 -2.25
CA ALA A 1005 -10.70 -22.78 -1.19
CA ALA A 1005 -11.36 -21.84 -1.83
C ALA A 1005 -9.46 -23.01 -2.03
C ALA A 1005 -10.21 -22.51 -2.58
N VAL A 1006 -9.14 -22.07 -2.92
N VAL A 1006 -9.22 -21.71 -2.95
CA VAL A 1006 -8.02 -22.24 -3.84
CA VAL A 1006 -8.10 -22.16 -3.78
C VAL A 1006 -6.74 -22.40 -3.04
C VAL A 1006 -6.88 -22.39 -2.90
N VAL A 1007 -6.12 -23.57 -3.16
N VAL A 1007 -6.19 -23.49 -3.16
CA VAL A 1007 -4.93 -23.91 -2.40
CA VAL A 1007 -5.00 -23.85 -2.39
C VAL A 1007 -3.87 -22.83 -2.56
C VAL A 1007 -3.93 -22.78 -2.55
N GLY A 1008 -3.32 -22.38 -1.43
CA GLY A 1008 -2.28 -21.37 -1.45
C GLY A 1008 -2.75 -19.97 -1.81
N VAL A 1009 -4.05 -19.77 -2.01
CA VAL A 1009 -4.63 -18.48 -2.35
C VAL A 1009 -5.69 -18.07 -1.35
N GLN A 1010 -6.63 -18.98 -1.05
CA GLN A 1010 -7.45 -18.93 0.15
C GLN A 1010 -7.13 -20.18 0.95
N PRO A 1011 -6.00 -20.20 1.67
CA PRO A 1011 -5.78 -21.28 2.64
C PRO A 1011 -7.05 -21.45 3.46
N PHE A 1012 -7.50 -22.70 3.60
CA PHE A 1012 -8.86 -22.96 4.01
C PHE A 1012 -8.89 -23.64 5.37
N GLY A 1013 -9.73 -23.13 6.25
CA GLY A 1013 -9.94 -23.77 7.54
C GLY A 1013 -10.39 -22.73 8.54
N GLY A 1014 -11.20 -23.18 9.48
CA GLY A 1014 -11.84 -22.30 10.43
C GLY A 1014 -11.46 -22.55 11.88
N ARG A 1015 -12.24 -21.96 12.77
CA ARG A 1015 -11.96 -21.90 14.19
C ARG A 1015 -13.19 -22.36 14.97
N GLY A 1016 -13.06 -22.42 16.29
CA GLY A 1016 -14.20 -22.80 17.10
C GLY A 1016 -14.63 -24.22 16.77
N LEU A 1017 -15.94 -24.40 16.62
CA LEU A 1017 -16.48 -25.71 16.26
C LEU A 1017 -16.10 -26.12 14.84
N SER A 1018 -15.42 -25.24 14.07
CA SER A 1018 -15.10 -25.53 12.68
C SER A 1018 -13.68 -26.04 12.49
N GLY A 1019 -12.84 -26.02 13.51
CA GLY A 1019 -11.49 -26.49 13.26
C GLY A 1019 -10.50 -26.22 14.35
N THR A 1020 -9.45 -27.04 14.37
CA THR A 1020 -8.28 -26.79 15.20
C THR A 1020 -7.23 -26.00 14.44
N GLY A 1021 -7.26 -26.06 13.12
CA GLY A 1021 -6.13 -25.65 12.34
C GLY A 1021 -4.97 -26.61 12.55
N PRO A 1022 -3.85 -26.34 11.87
CA PRO A 1022 -3.65 -25.23 10.93
C PRO A 1022 -4.39 -25.45 9.63
N LYS A 1023 -4.51 -24.41 8.81
CA LYS A 1023 -5.28 -24.50 7.57
C LYS A 1023 -4.64 -25.43 6.55
N ALA A 1024 -5.45 -26.32 5.96
CA ALA A 1024 -5.07 -27.00 4.73
C ALA A 1024 -4.83 -25.98 3.63
N GLY A 1025 -3.86 -26.29 2.76
CA GLY A 1025 -3.52 -25.36 1.69
C GLY A 1025 -2.91 -24.07 2.16
N GLY A 1026 -2.36 -24.07 3.38
CA GLY A 1026 -1.69 -22.92 3.91
C GLY A 1026 -0.30 -23.31 4.41
N PRO A 1027 0.48 -22.30 4.82
CA PRO A 1027 1.92 -22.54 5.04
C PRO A 1027 2.26 -23.09 6.42
N LEU A 1028 1.30 -23.16 7.33
CA LEU A 1028 1.54 -23.74 8.65
C LEU A 1028 1.23 -25.23 8.70
N TYR A 1029 0.70 -25.78 7.61
CA TYR A 1029 0.14 -27.14 7.64
C TYR A 1029 1.22 -28.18 7.83
N LEU A 1030 2.25 -28.17 6.98
CA LEU A 1030 3.26 -29.22 7.07
C LEU A 1030 3.96 -29.22 8.42
N GLY A 1031 4.11 -28.05 9.03
CA GLY A 1031 4.83 -27.97 10.29
C GLY A 1031 4.16 -28.71 11.43
N ARG A 1032 2.87 -29.01 11.31
CA ARG A 1032 2.16 -29.76 12.32
C ARG A 1032 2.43 -31.26 12.22
N LEU A 1033 3.00 -31.70 11.10
CA LEU A 1033 3.18 -33.13 10.81
C LEU A 1033 4.61 -33.58 11.04
N VAL A 1034 5.40 -32.76 11.75
CA VAL A 1034 6.77 -33.08 12.10
C VAL A 1034 6.94 -32.73 13.57
N THR A 1035 7.99 -33.31 14.18
CA THR A 1035 8.17 -33.12 15.61
C THR A 1035 8.66 -31.70 15.94
N THR A 1036 9.47 -31.11 15.07
CA THR A 1036 9.97 -29.75 15.24
C THR A 1036 9.52 -28.95 14.02
N ALA A 1037 8.66 -27.96 14.25
CA ALA A 1037 8.08 -27.25 13.13
C ALA A 1037 9.14 -26.36 12.47
N PRO A 1038 9.20 -26.35 11.15
CA PRO A 1038 10.09 -25.40 10.46
C PRO A 1038 9.48 -24.00 10.48
N VAL A 1039 10.26 -23.04 10.02
CA VAL A 1039 9.79 -21.67 9.82
C VAL A 1039 9.18 -21.59 8.42
N PRO A 1040 7.86 -21.37 8.30
CA PRO A 1040 7.24 -21.33 6.98
C PRO A 1040 7.75 -20.16 6.17
N PRO A 1041 7.64 -20.23 4.84
CA PRO A 1041 7.95 -19.06 4.02
C PRO A 1041 7.11 -17.87 4.46
N GLN A 1042 7.74 -16.70 4.44
CA GLN A 1042 7.15 -15.40 4.76
C GLN A 1042 6.59 -15.31 6.18
N HIS A 1043 6.90 -16.28 7.05
CA HIS A 1043 6.28 -16.35 8.37
C HIS A 1043 7.12 -15.57 9.37
N SER A 1044 6.73 -14.31 9.60
CA SER A 1044 7.37 -13.43 10.58
C SER A 1044 6.48 -12.21 10.76
N SER A 1045 6.76 -11.44 11.81
CA SER A 1045 6.05 -10.18 12.02
C SER A 1045 6.98 -9.23 12.75
N VAL A 1046 7.00 -7.97 12.30
CA VAL A 1046 7.79 -6.98 13.02
C VAL A 1046 7.04 -6.40 14.21
N HIS A 1047 5.81 -6.82 14.45
CA HIS A 1047 5.00 -6.25 15.51
C HIS A 1047 5.13 -7.06 16.79
N THR A 1048 5.20 -6.36 17.91
CA THR A 1048 5.34 -7.00 19.22
C THR A 1048 4.09 -6.73 20.04
N ASP A 1049 3.51 -7.77 20.60
CA ASP A 1049 2.32 -7.59 21.40
C ASP A 1049 2.63 -6.71 22.60
N PRO A 1050 1.84 -5.68 22.87
CA PRO A 1050 2.22 -4.74 23.92
C PRO A 1050 1.97 -5.27 25.33
N VAL A 1051 1.01 -6.19 25.45
CA VAL A 1051 0.78 -6.82 26.74
C VAL A 1051 1.93 -7.77 27.05
N LEU A 1052 2.44 -8.48 26.03
CA LEU A 1052 3.65 -9.27 26.21
C LEU A 1052 4.77 -8.38 26.72
N LEU A 1053 4.97 -7.22 26.08
CA LEU A 1053 6.02 -6.31 26.52
C LEU A 1053 5.81 -5.87 27.97
N ASP A 1054 4.56 -5.58 28.35
CA ASP A 1054 4.30 -5.19 29.74
C ASP A 1054 4.61 -6.34 30.68
N PHE A 1055 4.29 -7.57 30.27
CA PHE A 1055 4.56 -8.73 31.11
C PHE A 1055 6.06 -8.95 31.27
N ALA A 1056 6.83 -8.81 30.18
CA ALA A 1056 8.28 -8.95 30.29
C ALA A 1056 8.87 -7.94 31.26
N LYS A 1057 8.40 -6.69 31.22
CA LYS A 1057 8.85 -5.70 32.20
C LYS A 1057 8.45 -6.09 33.61
N TRP A 1058 7.22 -6.56 33.78
CA TRP A 1058 6.78 -7.02 35.09
C TRP A 1058 7.67 -8.14 35.61
N LEU A 1059 8.04 -9.08 34.73
CA LEU A 1059 8.92 -10.17 35.14
C LEU A 1059 10.28 -9.64 35.58
N ASP A 1060 10.84 -8.67 34.86
CA ASP A 1060 12.12 -8.10 35.27
C ASP A 1060 11.99 -7.39 36.61
N GLY A 1061 10.83 -6.77 36.88
CA GLY A 1061 10.60 -6.14 38.18
C GLY A 1061 10.49 -7.14 39.31
N LYS A 1062 9.97 -8.34 39.03
CA LYS A 1062 9.86 -9.38 40.06
C LYS A 1062 11.16 -10.16 40.24
N GLY A 1063 12.20 -9.89 39.46
CA GLY A 1063 13.45 -10.63 39.58
C GLY A 1063 13.56 -11.84 38.69
N ALA A 1064 12.52 -12.17 37.91
CA ALA A 1064 12.49 -13.33 37.02
C ALA A 1064 13.19 -12.98 35.71
N ARG A 1065 14.51 -12.79 35.81
CA ARG A 1065 15.28 -12.25 34.70
C ARG A 1065 15.28 -13.19 33.50
N ALA A 1066 15.48 -14.49 33.73
CA ALA A 1066 15.51 -15.43 32.62
C ALA A 1066 14.15 -15.51 31.94
N GLU A 1067 13.07 -15.49 32.71
CA GLU A 1067 11.74 -15.57 32.11
C GLU A 1067 11.40 -14.30 31.35
N ALA A 1068 11.85 -13.15 31.86
CA ALA A 1068 11.66 -11.88 31.14
C ALA A 1068 12.37 -11.92 29.79
N GLU A 1069 13.58 -12.47 29.76
CA GLU A 1069 14.26 -12.65 28.48
C GLU A 1069 13.50 -13.58 27.56
N ALA A 1070 13.02 -14.70 28.10
CA ALA A 1070 12.25 -15.63 27.27
C ALA A 1070 10.97 -14.97 26.78
N ALA A 1071 10.37 -14.12 27.60
CA ALA A 1071 9.18 -13.40 27.18
C ALA A 1071 9.49 -12.46 26.03
N ARG A 1072 10.59 -11.71 26.11
CA ARG A 1072 10.98 -10.84 25.00
C ARG A 1072 11.26 -11.67 23.75
N ASN A 1073 11.93 -12.81 23.89
CA ASN A 1073 12.18 -13.65 22.73
C ASN A 1073 10.89 -14.15 22.11
N ALA A 1074 9.91 -14.52 22.94
CA ALA A 1074 8.62 -14.94 22.42
C ALA A 1074 7.93 -13.80 21.68
N GLY A 1075 8.02 -12.58 22.23
CA GLY A 1075 7.45 -11.42 21.55
C GLY A 1075 8.01 -11.23 20.15
N SER A 1076 9.32 -11.43 19.99
CA SER A 1076 9.94 -11.29 18.67
C SER A 1076 9.63 -12.47 17.78
N SER A 1077 9.62 -13.68 18.35
CA SER A 1077 9.40 -14.88 17.53
CA SER A 1077 9.39 -14.90 17.57
C SER A 1077 7.95 -15.00 17.07
N SER A 1078 7.02 -14.41 17.81
CA SER A 1078 5.62 -14.48 17.43
C SER A 1078 5.41 -13.88 16.04
N ALA A 1079 4.57 -14.53 15.24
CA ALA A 1079 4.22 -14.00 13.94
C ALA A 1079 2.86 -13.33 13.97
N LEU A 1080 2.33 -13.06 15.15
CA LEU A 1080 1.10 -12.31 15.26
C LEU A 1080 1.23 -11.00 14.51
N GLY A 1081 0.24 -10.68 13.67
CA GLY A 1081 0.32 -9.46 12.91
C GLY A 1081 0.83 -9.64 11.51
N LEU A 1082 1.29 -10.83 11.16
CA LEU A 1082 1.60 -11.15 9.76
C LEU A 1082 0.41 -10.77 8.89
N ASP A 1083 0.68 -10.11 7.78
CA ASP A 1083 -0.39 -9.55 6.95
C ASP A 1083 0.10 -9.57 5.50
N LEU A 1084 -0.32 -10.57 4.75
CA LEU A 1084 0.23 -10.84 3.43
C LEU A 1084 -0.85 -10.81 2.37
N GLU A 1085 -0.46 -10.46 1.16
CA GLU A 1085 -1.31 -10.69 -0.01
C GLU A 1085 -0.71 -11.82 -0.81
N LEU A 1086 -1.51 -12.81 -1.11
CA LEU A 1086 -1.07 -14.02 -1.80
C LEU A 1086 -1.33 -13.90 -3.30
N PRO A 1087 -0.40 -14.37 -4.12
CA PRO A 1087 -0.60 -14.32 -5.58
C PRO A 1087 -1.82 -15.13 -6.00
N GLY A 1088 -2.57 -14.57 -6.96
CA GLY A 1088 -3.75 -15.23 -7.45
C GLY A 1088 -4.24 -14.57 -8.72
N PRO A 1089 -5.50 -14.77 -9.04
CA PRO A 1089 -6.05 -14.22 -10.28
C PRO A 1089 -6.22 -12.70 -10.20
N VAL A 1090 -6.20 -12.07 -11.38
CA VAL A 1090 -6.55 -10.66 -11.43
C VAL A 1090 -7.99 -10.47 -10.96
N GLY A 1091 -8.31 -9.23 -10.57
CA GLY A 1091 -9.66 -8.94 -10.16
C GLY A 1091 -10.03 -9.46 -8.80
N GLU A 1092 -9.06 -9.87 -8.00
CA GLU A 1092 -9.29 -10.39 -6.66
C GLU A 1092 -8.08 -10.02 -5.82
N ARG A 1093 -8.31 -9.68 -4.56
CA ARG A 1093 -7.22 -9.51 -3.60
C ARG A 1093 -7.37 -10.60 -2.54
N ASN A 1094 -6.33 -11.40 -2.36
CA ASN A 1094 -6.40 -12.55 -1.48
C ASN A 1094 -5.40 -12.34 -0.35
N LEU A 1095 -5.93 -12.21 0.87
CA LEU A 1095 -5.15 -11.78 2.01
C LEU A 1095 -5.06 -12.90 3.03
N TYR A 1096 -3.93 -12.92 3.73
CA TYR A 1096 -3.66 -13.97 4.70
C TYR A 1096 -3.04 -13.28 5.90
N THR A 1097 -3.67 -13.43 7.06
CA THR A 1097 -3.24 -12.71 8.24
C THR A 1097 -3.23 -13.63 9.45
N LEU A 1098 -2.35 -13.34 10.42
CA LEU A 1098 -2.26 -14.12 11.65
C LEU A 1098 -2.76 -13.27 12.81
N HIS A 1099 -3.76 -13.79 13.52
CA HIS A 1099 -4.43 -13.14 14.63
C HIS A 1099 -4.25 -13.94 15.92
N ALA A 1100 -4.69 -13.37 17.03
CA ALA A 1100 -4.79 -14.16 18.24
C ALA A 1100 -5.86 -15.24 18.08
N ARG A 1101 -5.66 -16.36 18.76
CA ARG A 1101 -6.66 -17.43 18.76
CA ARG A 1101 -6.67 -17.41 18.75
C ARG A 1101 -7.86 -17.04 19.63
N GLY A 1102 -7.60 -16.41 20.77
CA GLY A 1102 -8.67 -16.11 21.69
C GLY A 1102 -8.18 -16.26 23.11
N ARG A 1103 -8.88 -17.04 23.92
CA ARG A 1103 -8.48 -17.28 25.30
C ARG A 1103 -7.87 -18.66 25.39
N ILE A 1104 -6.61 -18.73 25.85
CA ILE A 1104 -5.87 -19.98 25.93
C ILE A 1104 -5.95 -20.48 27.37
N LEU A 1105 -6.33 -21.75 27.54
CA LEU A 1105 -6.31 -22.37 28.87
C LEU A 1105 -4.88 -22.72 29.24
N LEU A 1106 -4.39 -22.18 30.35
CA LEU A 1106 -3.07 -22.48 30.86
C LEU A 1106 -3.21 -23.45 32.02
N VAL A 1107 -2.50 -24.56 31.95
CA VAL A 1107 -2.48 -25.53 33.05
C VAL A 1107 -1.03 -25.70 33.48
N PRO A 1108 -0.51 -24.78 34.29
CA PRO A 1108 0.89 -24.86 34.71
C PRO A 1108 1.07 -25.81 35.87
N ALA A 1109 2.33 -26.19 36.10
CA ALA A 1109 2.74 -26.91 37.30
C ALA A 1109 3.72 -26.14 38.17
N THR A 1110 4.57 -25.31 37.57
CA THR A 1110 5.58 -24.56 38.29
C THR A 1110 5.45 -23.08 37.97
N GLU A 1111 6.06 -22.25 38.83
CA GLU A 1111 6.06 -20.81 38.59
C GLU A 1111 6.73 -20.47 37.26
N SER A 1112 7.94 -21.00 37.02
CA SER A 1112 8.61 -20.74 35.75
C SER A 1112 7.81 -21.28 34.57
N GLY A 1113 7.20 -22.45 34.74
CA GLY A 1113 6.35 -22.96 33.68
C GLY A 1113 5.20 -22.01 33.38
N LEU A 1114 4.57 -21.47 34.41
CA LEU A 1114 3.50 -20.50 34.20
C LEU A 1114 4.00 -19.27 33.46
N TYR A 1115 5.16 -18.74 33.86
CA TYR A 1115 5.68 -17.55 33.19
C TYR A 1115 5.94 -17.82 31.71
N HIS A 1116 6.53 -18.98 31.39
CA HIS A 1116 6.75 -19.37 30.00
C HIS A 1116 5.43 -19.54 29.25
N GLN A 1117 4.43 -20.16 29.90
CA GLN A 1117 3.13 -20.32 29.26
C GLN A 1117 2.50 -18.98 28.97
N LEU A 1118 2.52 -18.09 29.97
CA LEU A 1118 1.92 -16.77 29.78
CA LEU A 1118 1.94 -16.77 29.79
C LEU A 1118 2.65 -15.99 28.70
N ALA A 1119 3.98 -16.06 28.68
CA ALA A 1119 4.74 -15.36 27.65
C ALA A 1119 4.35 -15.86 26.27
N ALA A 1120 4.24 -17.19 26.10
CA ALA A 1120 3.86 -17.71 24.79
C ALA A 1120 2.48 -17.23 24.38
N ALA A 1121 1.52 -17.26 25.32
CA ALA A 1121 0.16 -16.88 24.99
C ALA A 1121 0.02 -15.38 24.73
N LEU A 1122 0.64 -14.57 25.56
CA LEU A 1122 0.56 -13.11 25.36
C LEU A 1122 1.29 -12.67 24.10
N ALA A 1123 2.44 -13.27 23.81
CA ALA A 1123 3.19 -12.87 22.61
C ALA A 1123 2.39 -13.10 21.34
N THR A 1124 1.40 -14.01 21.40
CA THR A 1124 0.58 -14.31 20.24
C THR A 1124 -0.80 -13.67 20.35
N GLY A 1125 -0.96 -12.70 21.26
CA GLY A 1125 -2.12 -11.83 21.28
C GLY A 1125 -3.28 -12.36 22.10
N ASN A 1126 -3.11 -13.50 22.75
CA ASN A 1126 -4.21 -14.18 23.42
C ASN A 1126 -4.41 -13.65 24.83
N SER A 1127 -5.63 -13.85 25.33
CA SER A 1127 -5.86 -13.83 26.76
C SER A 1127 -5.72 -15.24 27.29
N VAL A 1128 -5.80 -15.40 28.60
CA VAL A 1128 -5.58 -16.71 29.20
C VAL A 1128 -6.59 -16.94 30.33
N ALA A 1129 -6.90 -18.22 30.55
CA ALA A 1129 -7.51 -18.65 31.80
C ALA A 1129 -6.54 -19.62 32.44
N ILE A 1130 -6.09 -19.31 33.65
CA ILE A 1130 -5.07 -20.10 34.33
C ILE A 1130 -5.77 -21.03 35.32
N ASP A 1131 -5.40 -22.31 35.29
CA ASP A 1131 -5.93 -23.30 36.22
C ASP A 1131 -5.70 -22.88 37.67
N ALA A 1132 -6.78 -22.59 38.40
CA ALA A 1132 -6.65 -22.17 39.80
C ALA A 1132 -6.18 -23.32 40.69
N ALA A 1133 -6.39 -24.57 40.26
CA ALA A 1133 -5.93 -25.72 41.03
C ALA A 1133 -4.42 -25.87 41.02
N SER A 1134 -3.72 -25.10 40.17
CA SER A 1134 -2.26 -25.12 40.19
C SER A 1134 -1.70 -24.55 41.47
N GLY A 1135 -2.46 -23.74 42.18
CA GLY A 1135 -1.97 -23.10 43.39
C GLY A 1135 -0.90 -22.04 43.16
N LEU A 1136 -0.80 -21.51 41.94
CA LEU A 1136 0.28 -20.58 41.60
C LEU A 1136 -0.18 -19.12 41.64
N GLN A 1137 -1.33 -18.84 42.25
CA GLN A 1137 -1.85 -17.47 42.31
C GLN A 1137 -0.79 -16.49 42.82
N ALA A 1138 -0.04 -16.88 43.86
CA ALA A 1138 0.93 -15.94 44.42
C ALA A 1138 2.09 -15.65 43.49
N SER A 1139 2.27 -16.41 42.40
CA SER A 1139 3.31 -16.10 41.43
C SER A 1139 2.95 -14.94 40.52
N LEU A 1140 1.71 -14.46 40.53
CA LEU A 1140 1.25 -13.41 39.63
C LEU A 1140 0.67 -12.22 40.38
N LYS A 1141 1.33 -11.82 41.46
CA LYS A 1141 0.89 -10.67 42.25
C LYS A 1141 1.30 -9.36 41.60
N ASN A 1142 0.41 -8.37 41.67
CA ASN A 1142 0.70 -6.99 41.25
C ASN A 1142 0.92 -6.89 39.73
N LEU A 1143 0.12 -7.60 38.95
CA LEU A 1143 0.27 -7.48 37.50
C LEU A 1143 -0.10 -6.08 37.02
N PRO A 1144 0.56 -5.59 35.98
CA PRO A 1144 0.07 -4.40 35.29
C PRO A 1144 -1.37 -4.62 34.85
N GLN A 1145 -2.17 -3.55 34.92
CA GLN A 1145 -3.57 -3.68 34.53
C GLN A 1145 -3.71 -4.20 33.10
N THR A 1146 -2.80 -3.83 32.20
CA THR A 1146 -2.89 -4.32 30.82
C THR A 1146 -2.78 -5.84 30.77
N VAL A 1147 -1.93 -6.41 31.61
CA VAL A 1147 -1.79 -7.85 31.65
C VAL A 1147 -2.95 -8.48 32.42
N GLY A 1148 -3.31 -7.89 33.57
CA GLY A 1148 -4.46 -8.36 34.30
C GLY A 1148 -5.72 -8.45 33.46
N LEU A 1149 -5.91 -7.50 32.54
CA LEU A 1149 -7.07 -7.55 31.67
C LEU A 1149 -7.11 -8.82 30.85
N ARG A 1150 -5.94 -9.39 30.56
CA ARG A 1150 -5.84 -10.62 29.76
C ARG A 1150 -5.86 -11.88 30.59
N VAL A 1151 -5.84 -11.78 31.91
CA VAL A 1151 -5.63 -12.92 32.79
C VAL A 1151 -6.87 -13.17 33.62
N SER A 1152 -7.38 -14.40 33.57
CA SER A 1152 -8.38 -14.86 34.52
C SER A 1152 -7.90 -16.17 35.11
N TRP A 1153 -8.40 -16.47 36.31
CA TRP A 1153 -8.14 -17.74 36.96
C TRP A 1153 -9.41 -18.58 36.90
N SER A 1154 -9.25 -19.86 36.58
CA SER A 1154 -10.39 -20.75 36.35
C SER A 1154 -10.31 -21.93 37.31
N LYS A 1155 -11.36 -22.10 38.12
CA LYS A 1155 -11.55 -23.32 38.89
C LYS A 1155 -12.37 -24.34 38.12
N ASP A 1156 -13.41 -23.90 37.41
CA ASP A 1156 -14.25 -24.75 36.59
C ASP A 1156 -13.98 -24.40 35.13
N TRP A 1157 -13.09 -25.16 34.49
CA TRP A 1157 -12.71 -24.85 33.11
C TRP A 1157 -13.92 -24.87 32.18
N ALA A 1158 -14.85 -25.80 32.39
CA ALA A 1158 -15.98 -25.91 31.48
C ALA A 1158 -16.89 -24.69 31.56
N ALA A 1159 -16.88 -23.98 32.68
CA ALA A 1159 -17.71 -22.79 32.85
C ALA A 1159 -17.10 -21.55 32.19
N ASP A 1160 -15.78 -21.54 31.99
CA ASP A 1160 -15.06 -20.34 31.59
C ASP A 1160 -14.66 -20.35 30.12
N GLY A 1161 -15.08 -21.36 29.36
CA GLY A 1161 -14.79 -21.44 27.96
C GLY A 1161 -15.77 -20.62 27.13
N PRO A 1162 -15.71 -20.76 25.79
CA PRO A 1162 -14.85 -21.66 25.03
C PRO A 1162 -13.42 -21.15 24.99
N PHE A 1163 -12.47 -22.06 25.07
CA PHE A 1163 -11.08 -21.70 24.87
C PHE A 1163 -10.71 -21.90 23.42
N ALA A 1164 -9.55 -21.38 23.04
CA ALA A 1164 -9.09 -21.52 21.67
C ALA A 1164 -7.80 -22.32 21.57
N GLY A 1165 -7.37 -22.92 22.66
CA GLY A 1165 -6.16 -23.71 22.70
C GLY A 1165 -5.77 -23.88 24.15
N ALA A 1166 -4.73 -24.67 24.38
CA ALA A 1166 -4.31 -24.90 25.74
C ALA A 1166 -2.81 -25.14 25.78
N LEU A 1167 -2.21 -24.77 26.91
CA LEU A 1167 -0.82 -25.06 27.23
C LEU A 1167 -0.78 -25.81 28.55
N VAL A 1168 -0.07 -26.93 28.58
CA VAL A 1168 -0.06 -27.80 29.74
C VAL A 1168 1.39 -28.07 30.14
N GLU A 1169 1.65 -28.02 31.45
CA GLU A 1169 2.95 -28.39 32.00
C GLU A 1169 2.75 -29.56 32.95
N GLY A 1170 3.60 -30.58 32.84
CA GLY A 1170 3.59 -31.64 33.81
C GLY A 1170 4.38 -32.84 33.33
N ASP A 1171 4.44 -33.85 34.21
CA ASP A 1171 5.00 -35.13 33.77
C ASP A 1171 3.97 -35.86 32.91
N ALA A 1172 4.35 -37.04 32.41
CA ALA A 1172 3.53 -37.71 31.42
C ALA A 1172 2.14 -38.02 31.95
N GLU A 1173 2.04 -38.47 33.20
CA GLU A 1173 0.71 -38.82 33.72
C GLU A 1173 -0.11 -37.58 34.04
N ARG A 1174 0.53 -36.49 34.44
CA ARG A 1174 -0.20 -35.23 34.60
C ARG A 1174 -0.73 -34.74 33.27
N ILE A 1175 0.08 -34.81 32.22
CA ILE A 1175 -0.37 -34.40 30.89
C ILE A 1175 -1.55 -35.26 30.45
N ARG A 1176 -1.47 -36.57 30.71
CA ARG A 1176 -2.55 -37.45 30.30
C ARG A 1176 -3.85 -37.08 31.01
N ALA A 1177 -3.77 -36.81 32.31
CA ALA A 1177 -4.96 -36.46 33.09
C ALA A 1177 -5.54 -35.14 32.62
N VAL A 1178 -4.69 -34.14 32.42
CA VAL A 1178 -5.17 -32.83 31.98
C VAL A 1178 -5.80 -32.95 30.61
N ASN A 1179 -5.17 -33.71 29.72
CA ASN A 1179 -5.68 -33.88 28.36
C ASN A 1179 -7.06 -34.52 28.36
N LYS A 1180 -7.30 -35.48 29.27
CA LYS A 1180 -8.62 -36.07 29.42
C LYS A 1180 -9.64 -35.02 29.88
N ALA A 1181 -9.27 -34.22 30.89
CA ALA A 1181 -10.14 -33.14 31.35
C ALA A 1181 -10.41 -32.13 30.24
N ILE A 1182 -9.39 -31.78 29.46
CA ILE A 1182 -9.59 -30.79 28.41
C ILE A 1182 -10.52 -31.33 27.34
N ALA A 1183 -10.33 -32.60 26.96
CA ALA A 1183 -11.17 -33.18 25.92
C ALA A 1183 -12.63 -33.20 26.34
N ALA A 1184 -12.88 -33.26 27.66
CA ALA A 1184 -14.24 -33.30 28.19
C ALA A 1184 -14.91 -31.93 28.23
N LEU A 1185 -14.17 -30.86 27.97
CA LEU A 1185 -14.78 -29.54 27.98
C LEU A 1185 -15.79 -29.46 26.83
N PRO A 1186 -16.94 -28.80 27.04
CA PRO A 1186 -17.91 -28.66 25.96
C PRO A 1186 -17.38 -27.78 24.84
N GLY A 1187 -17.90 -28.01 23.64
CA GLY A 1187 -17.66 -27.09 22.55
C GLY A 1187 -16.50 -27.48 21.66
N PRO A 1188 -15.62 -26.53 21.36
CA PRO A 1188 -14.63 -26.74 20.31
C PRO A 1188 -13.53 -27.67 20.76
N LEU A 1189 -12.99 -28.41 19.80
CA LEU A 1189 -11.77 -29.15 20.05
C LEU A 1189 -10.64 -28.15 20.29
N LEU A 1190 -9.81 -28.42 21.30
CA LEU A 1190 -8.73 -27.51 21.64
C LEU A 1190 -7.41 -28.07 21.15
N LEU A 1191 -6.63 -27.23 20.47
CA LEU A 1191 -5.26 -27.59 20.13
C LEU A 1191 -4.42 -27.44 21.39
N VAL A 1192 -4.02 -28.57 21.95
CA VAL A 1192 -3.28 -28.63 23.21
C VAL A 1192 -1.81 -28.85 22.92
N GLN A 1193 -0.96 -28.08 23.59
CA GLN A 1193 0.47 -28.33 23.62
C GLN A 1193 0.90 -28.60 25.05
N ALA A 1194 1.73 -29.61 25.23
CA ALA A 1194 2.17 -30.00 26.56
C ALA A 1194 3.68 -30.09 26.59
N ALA A 1195 4.23 -29.85 27.77
CA ALA A 1195 5.67 -29.94 27.98
C ALA A 1195 5.93 -30.26 29.44
N SER A 1196 7.03 -30.95 29.70
CA SER A 1196 7.47 -31.12 31.07
C SER A 1196 8.17 -29.86 31.57
N SER A 1197 8.34 -29.77 32.88
CA SER A 1197 9.11 -28.65 33.42
C SER A 1197 10.52 -28.65 32.85
N GLY A 1198 11.13 -29.83 32.75
CA GLY A 1198 12.47 -29.90 32.19
C GLY A 1198 12.54 -29.48 30.73
N GLU A 1199 11.52 -29.84 29.96
CA GLU A 1199 11.47 -29.41 28.57
C GLU A 1199 11.34 -27.89 28.48
N ILE A 1200 10.51 -27.28 29.31
CA ILE A 1200 10.40 -25.82 29.33
C ILE A 1200 11.76 -25.19 29.62
N ALA A 1201 12.53 -25.79 30.54
CA ALA A 1201 13.83 -25.25 30.88
C ALA A 1201 14.84 -25.42 29.74
N ARG A 1202 14.76 -26.54 29.02
CA ARG A 1202 15.74 -26.85 27.99
C ARG A 1202 15.43 -26.24 26.65
N ASN A 1203 14.15 -26.19 26.28
CA ASN A 1203 13.78 -25.86 24.90
C ASN A 1203 12.97 -24.57 24.85
N PRO A 1204 13.52 -23.48 24.34
CA PRO A 1204 12.74 -22.24 24.22
C PRO A 1204 11.48 -22.41 23.40
N ASP A 1205 11.43 -23.39 22.51
CA ASP A 1205 10.25 -23.66 21.69
C ASP A 1205 9.41 -24.81 22.24
N ALA A 1206 9.53 -25.11 23.53
CA ALA A 1206 8.72 -26.16 24.14
C ALA A 1206 7.24 -26.01 23.77
N TYR A 1207 6.73 -24.78 23.86
CA TYR A 1207 5.43 -24.44 23.29
C TYR A 1207 5.66 -23.70 21.98
N CYS A 1208 5.12 -24.22 20.90
CA CYS A 1208 5.38 -23.66 19.57
C CYS A 1208 4.37 -22.56 19.28
N LEU A 1209 4.88 -21.38 18.92
CA LEU A 1209 3.98 -20.25 18.73
C LEU A 1209 3.15 -20.36 17.46
N ASN A 1210 3.50 -21.27 16.54
CA ASN A 1210 2.69 -21.49 15.33
C ASN A 1210 1.24 -21.80 15.69
N TRP A 1211 1.04 -22.54 16.78
CA TRP A 1211 -0.29 -23.05 17.10
C TRP A 1211 -1.04 -22.18 18.08
N LEU A 1212 -0.47 -21.02 18.43
CA LEU A 1212 -1.10 -20.05 19.32
C LEU A 1212 -1.63 -18.83 18.57
N VAL A 1213 -1.47 -18.80 17.25
CA VAL A 1213 -2.09 -17.79 16.42
C VAL A 1213 -3.16 -18.48 15.59
N GLU A 1214 -4.03 -17.65 15.05
CA GLU A 1214 -5.14 -18.10 14.21
C GLU A 1214 -4.97 -17.51 12.83
N GLU A 1215 -5.03 -18.36 11.82
CA GLU A 1215 -4.94 -17.90 10.45
C GLU A 1215 -6.30 -17.41 9.97
N VAL A 1216 -6.30 -16.30 9.23
CA VAL A 1216 -7.52 -15.79 8.61
C VAL A 1216 -7.22 -15.51 7.15
N SER A 1217 -8.05 -16.05 6.27
CA SER A 1217 -7.97 -15.79 4.84
C SER A 1217 -9.13 -14.87 4.46
N ALA A 1218 -8.84 -13.86 3.64
CA ALA A 1218 -9.90 -12.98 3.14
C ALA A 1218 -9.73 -12.83 1.63
N SER A 1219 -10.81 -13.08 0.89
CA SER A 1219 -10.80 -12.95 -0.56
C SER A 1219 -11.80 -11.87 -0.95
N ILE A 1220 -11.31 -10.81 -1.57
CA ILE A 1220 -12.10 -9.65 -1.93
C ILE A 1220 -12.19 -9.62 -3.45
N ASN A 1221 -13.41 -9.64 -3.98
CA ASN A 1221 -13.64 -9.50 -5.42
C ASN A 1221 -13.53 -8.01 -5.78
N THR A 1222 -12.37 -7.61 -6.31
CA THR A 1222 -12.13 -6.21 -6.58
C THR A 1222 -12.71 -5.79 -7.93
N ALA A 1223 -13.28 -6.72 -8.67
CA ALA A 1223 -14.00 -6.39 -9.89
C ALA A 1223 -15.50 -6.23 -9.63
N ALA A 1224 -15.93 -6.23 -8.37
CA ALA A 1224 -17.35 -6.27 -8.06
C ALA A 1224 -18.09 -5.02 -8.51
N ALA A 1225 -17.38 -3.88 -8.58
CA ALA A 1225 -18.02 -2.65 -9.02
C ALA A 1225 -18.29 -2.64 -10.52
N GLY A 1226 -17.85 -3.68 -11.24
CA GLY A 1226 -18.11 -3.82 -12.67
C GLY A 1226 -16.87 -3.78 -13.53
N GLY A 1227 -15.69 -3.62 -12.96
CA GLY A 1227 -14.47 -3.57 -13.74
C GLY A 1227 -13.27 -3.64 -12.82
N ASN A 1228 -12.11 -3.81 -13.45
CA ASN A 1228 -10.85 -4.02 -12.76
C ASN A 1228 -9.96 -2.79 -12.98
N ALA A 1229 -9.81 -1.97 -11.94
CA ALA A 1229 -9.01 -0.75 -12.06
C ALA A 1229 -7.55 -1.07 -12.35
N SER A 1230 -6.99 -2.07 -11.67
CA SER A 1230 -5.59 -2.43 -11.86
C SER A 1230 -5.31 -2.80 -13.32
N LEU A 1231 -6.19 -3.60 -13.92
CA LEU A 1231 -5.97 -4.06 -15.29
C LEU A 1231 -6.26 -3.00 -16.33
N MET A 1232 -7.05 -1.98 -16.00
CA MET A 1232 -7.26 -0.86 -16.91
C MET A 1232 -5.95 -0.14 -17.22
N ALA A 1233 -4.93 -0.31 -16.38
CA ALA A 1233 -3.59 0.20 -16.64
C ALA A 1233 -2.68 -0.91 -17.17
N ALA B 16 33.75 47.61 17.49
CA ALA B 16 32.72 46.64 17.11
C ALA B 16 32.63 46.50 15.60
N PRO B 17 32.85 45.29 15.09
CA PRO B 17 32.74 45.06 13.64
C PRO B 17 31.38 45.48 13.12
N ALA B 18 31.39 46.18 11.99
CA ALA B 18 30.13 46.58 11.36
C ALA B 18 29.32 45.35 10.98
N PRO B 19 28.01 45.37 11.18
CA PRO B 19 27.19 44.17 10.90
C PRO B 19 27.32 43.73 9.46
N PHE B 20 27.56 42.42 9.28
CA PHE B 20 27.61 41.76 7.97
C PHE B 20 28.76 42.22 7.10
N ALA B 21 29.74 42.91 7.67
CA ALA B 21 30.86 43.40 6.87
C ALA B 21 31.73 42.27 6.31
N ASP B 22 31.73 41.10 6.94
CA ASP B 22 32.48 39.96 6.44
C ASP B 22 31.58 38.74 6.34
N PHE B 23 30.37 38.93 5.79
CA PHE B 23 29.37 37.87 5.87
C PHE B 23 29.80 36.63 5.11
N ALA B 24 30.10 36.80 3.83
CA ALA B 24 30.49 35.66 3.00
C ALA B 24 31.31 36.13 1.80
N PRO B 25 32.46 36.75 2.01
CA PRO B 25 33.29 37.21 0.89
C PRO B 25 33.76 36.02 0.07
N PRO B 26 33.73 36.11 -1.26
CA PRO B 26 34.18 34.99 -2.09
C PRO B 26 35.68 34.76 -1.96
N VAL B 27 36.10 33.55 -2.29
CA VAL B 27 37.52 33.22 -2.23
C VAL B 27 38.30 34.13 -3.17
N ARG B 28 37.76 34.43 -4.33
CA ARG B 28 38.43 35.28 -5.31
C ARG B 28 37.37 36.03 -6.09
N PRO B 29 37.74 37.16 -6.70
CA PRO B 29 36.79 37.80 -7.62
C PRO B 29 36.38 36.83 -8.72
N GLN B 30 35.08 36.82 -9.00
CA GLN B 30 34.53 35.87 -9.95
C GLN B 30 34.78 36.36 -11.38
N SER B 31 35.52 35.57 -12.14
CA SER B 31 35.80 35.87 -13.54
C SER B 31 34.52 35.74 -14.37
N THR B 32 34.62 36.18 -15.63
CA THR B 32 33.53 36.01 -16.57
C THR B 32 33.14 34.54 -16.69
N LEU B 33 34.13 33.66 -16.82
CA LEU B 33 33.84 32.23 -16.94
C LEU B 33 33.26 31.68 -15.64
N ARG B 34 33.77 32.11 -14.48
CA ARG B 34 33.18 31.63 -13.23
C ARG B 34 31.75 32.13 -13.09
N ARG B 35 31.50 33.38 -13.51
CA ARG B 35 30.14 33.91 -13.43
C ARG B 35 29.19 33.14 -14.33
N ALA B 36 29.67 32.69 -15.49
CA ALA B 36 28.80 31.93 -16.38
C ALA B 36 28.43 30.59 -15.79
N ILE B 37 29.33 29.98 -15.02
CA ILE B 37 28.98 28.78 -14.27
C ILE B 37 27.87 29.06 -13.28
N THR B 38 28.07 30.08 -12.43
CA THR B 38 27.09 30.36 -11.39
C THR B 38 25.72 30.68 -11.99
N ALA B 39 25.70 31.41 -13.10
CA ALA B 39 24.44 31.79 -13.73
C ALA B 39 23.63 30.57 -14.17
N ALA B 40 24.29 29.43 -14.45
CA ALA B 40 23.62 28.24 -14.93
C ALA B 40 23.14 27.33 -13.82
N TYR B 41 23.44 27.66 -12.55
CA TYR B 41 23.28 26.73 -11.42
C TYR B 41 21.92 26.04 -11.45
N ARG B 42 20.84 26.82 -11.53
CA ARG B 42 19.49 26.27 -11.47
C ARG B 42 18.69 26.70 -12.69
N ARG B 43 19.35 26.82 -13.83
CA ARG B 43 18.70 27.26 -15.05
C ARG B 43 17.54 26.31 -15.39
N PRO B 44 16.40 26.83 -15.81
CA PRO B 44 15.30 25.93 -16.20
C PRO B 44 15.76 24.89 -17.21
N GLU B 45 15.22 23.69 -17.05
CA GLU B 45 15.62 22.56 -17.88
C GLU B 45 15.30 22.82 -19.36
N THR B 46 14.20 23.50 -19.65
CA THR B 46 13.87 23.81 -21.03
C THR B 46 14.85 24.79 -21.65
N GLU B 47 15.55 25.58 -20.84
CA GLU B 47 16.60 26.44 -21.38
C GLU B 47 17.93 25.71 -21.53
N CYS B 48 18.19 24.71 -20.68
CA CYS B 48 19.49 24.02 -20.73
C CYS B 48 19.59 23.13 -21.96
N LEU B 49 18.49 22.49 -22.35
CA LEU B 49 18.60 21.40 -23.31
C LEU B 49 18.86 21.80 -24.76
N PRO B 50 18.25 22.86 -25.30
CA PRO B 50 18.43 23.15 -26.74
C PRO B 50 19.89 23.36 -27.13
N PRO B 51 20.70 24.11 -26.37
CA PRO B 51 22.12 24.18 -26.75
C PRO B 51 22.85 22.86 -26.61
N LEU B 52 22.45 22.01 -25.67
CA LEU B 52 23.05 20.69 -25.55
C LEU B 52 22.65 19.80 -26.72
N VAL B 53 21.39 19.86 -27.12
CA VAL B 53 20.93 19.12 -28.30
C VAL B 53 21.78 19.51 -29.51
N GLU B 54 21.98 20.81 -29.71
CA GLU B 54 22.76 21.27 -30.87
C GLU B 54 24.19 20.76 -30.80
N ALA B 55 24.81 20.81 -29.61
CA ALA B 55 26.18 20.36 -29.47
C ALA B 55 26.31 18.85 -29.64
N ALA B 56 25.29 18.09 -29.25
CA ALA B 56 25.34 16.63 -29.30
C ALA B 56 24.94 16.06 -30.65
N THR B 57 24.57 16.90 -31.61
CA THR B 57 24.10 16.43 -32.91
C THR B 57 25.20 15.74 -33.69
N GLN B 58 24.85 14.61 -34.31
CA GLN B 58 25.77 13.84 -35.13
C GLN B 58 25.11 13.49 -36.46
N SER B 59 25.93 13.34 -37.50
CA SER B 59 25.43 13.03 -38.83
C SER B 59 24.74 11.67 -38.85
N LYS B 60 23.92 11.45 -39.88
CA LYS B 60 23.25 10.17 -40.04
C LYS B 60 24.25 9.02 -40.13
N GLU B 61 25.41 9.26 -40.75
CA GLU B 61 26.43 8.22 -40.88
C GLU B 61 26.91 7.77 -39.51
N ILE B 62 27.35 8.72 -38.69
CA ILE B 62 27.86 8.39 -37.36
C ILE B 62 26.79 7.71 -36.52
N ARG B 63 25.55 8.21 -36.58
CA ARG B 63 24.49 7.68 -35.73
C ARG B 63 24.17 6.23 -36.06
N ASP B 64 24.07 5.90 -37.34
CA ASP B 64 23.85 4.51 -37.71
C ASP B 64 25.04 3.64 -37.31
N ALA B 65 26.25 4.12 -37.56
CA ALA B 65 27.43 3.36 -37.15
C ALA B 65 27.45 3.14 -35.64
N ALA B 66 26.99 4.14 -34.86
CA ALA B 66 27.03 4.02 -33.41
C ALA B 66 25.94 3.08 -32.91
N ALA B 67 24.77 3.08 -33.54
CA ALA B 67 23.72 2.17 -33.12
C ALA B 67 24.11 0.72 -33.37
N SER B 68 24.93 0.47 -34.40
CA SER B 68 25.41 -0.87 -34.68
C SER B 68 26.51 -1.28 -33.71
N THR B 69 27.48 -0.39 -33.50
CA THR B 69 28.52 -0.64 -32.49
C THR B 69 27.89 -0.96 -31.14
N ALA B 70 26.92 -0.15 -30.71
CA ALA B 70 26.25 -0.42 -29.45
C ALA B 70 25.48 -1.74 -29.50
N ARG B 71 24.88 -2.06 -30.65
CA ARG B 71 24.25 -3.36 -30.83
C ARG B 71 25.27 -4.49 -30.59
N LYS B 72 26.46 -4.35 -31.17
CA LYS B 72 27.48 -5.39 -31.01
C LYS B 72 27.87 -5.56 -29.56
N LEU B 73 27.98 -4.46 -28.82
CA LEU B 73 28.39 -4.52 -27.41
C LEU B 73 27.31 -5.20 -26.57
N ILE B 74 26.05 -4.85 -26.79
CA ILE B 74 24.98 -5.35 -25.94
C ILE B 74 24.71 -6.82 -26.20
N GLU B 75 24.78 -7.24 -27.47
CA GLU B 75 24.67 -8.67 -27.78
C GLU B 75 25.78 -9.45 -27.09
N ALA B 76 27.02 -8.96 -27.18
CA ALA B 76 28.13 -9.57 -26.45
C ALA B 76 27.85 -9.65 -24.96
N LEU B 77 27.36 -8.55 -24.37
CA LEU B 77 27.10 -8.54 -22.93
C LEU B 77 26.00 -9.53 -22.56
N ARG B 78 24.89 -9.53 -23.31
CA ARG B 78 23.81 -10.45 -23.03
C ARG B 78 24.14 -11.88 -23.42
N GLY B 79 25.19 -12.08 -24.22
CA GLY B 79 25.61 -13.40 -24.64
C GLY B 79 26.54 -14.12 -23.67
N LYS B 80 27.00 -13.43 -22.63
CA LYS B 80 27.90 -14.02 -21.66
C LYS B 80 27.39 -13.78 -20.23
N GLY B 85 27.40 -14.70 -9.81
CA GLY B 85 27.81 -15.58 -8.74
C GLY B 85 26.72 -15.84 -7.72
N VAL B 86 26.12 -14.75 -7.22
CA VAL B 86 25.06 -14.91 -6.23
C VAL B 86 23.81 -15.50 -6.87
N GLU B 87 23.55 -15.17 -8.14
CA GLU B 87 22.40 -15.73 -8.84
C GLU B 87 22.48 -17.25 -8.92
N GLY B 88 23.68 -17.78 -9.15
CA GLY B 88 23.84 -19.23 -9.19
C GLY B 88 23.75 -19.88 -7.82
N LEU B 89 24.19 -19.17 -6.78
CA LEU B 89 24.00 -19.65 -5.41
C LEU B 89 22.53 -19.75 -5.08
N VAL B 90 21.75 -18.72 -5.45
CA VAL B 90 20.31 -18.72 -5.19
C VAL B 90 19.63 -19.88 -5.91
N GLN B 91 20.06 -20.17 -7.14
CA GLN B 91 19.45 -21.26 -7.90
C GLN B 91 19.83 -22.62 -7.33
N GLU B 92 21.12 -22.82 -6.99
CA GLU B 92 21.56 -24.12 -6.52
C GLU B 92 20.84 -24.54 -5.24
N TYR B 93 20.62 -23.60 -4.32
CA TYR B 93 19.99 -23.93 -3.04
C TYR B 93 18.55 -23.44 -2.98
N SER B 94 17.98 -23.00 -4.10
CA SER B 94 16.57 -22.62 -4.20
C SER B 94 16.21 -21.57 -3.15
N LEU B 95 17.05 -20.54 -3.04
CA LEU B 95 16.85 -19.52 -2.03
C LEU B 95 15.79 -18.53 -2.45
N SER B 96 14.96 -18.12 -1.51
CA SER B 96 14.18 -16.92 -1.70
C SER B 96 15.11 -15.71 -1.67
N SER B 97 14.58 -14.55 -2.05
CA SER B 97 15.36 -13.33 -1.98
C SER B 97 15.79 -13.02 -0.54
N GLN B 98 14.86 -13.11 0.40
CA GLN B 98 15.20 -12.84 1.80
C GLN B 98 16.21 -13.86 2.33
N GLU B 99 16.11 -15.12 1.89
CA GLU B 99 17.11 -16.10 2.29
C GLU B 99 18.47 -15.75 1.70
N GLY B 100 18.51 -15.30 0.44
CA GLY B 100 19.77 -14.88 -0.15
C GLY B 100 20.37 -13.70 0.60
N VAL B 101 19.55 -12.72 0.97
CA VAL B 101 20.04 -11.57 1.72
C VAL B 101 20.54 -12.01 3.09
N ALA B 102 19.74 -12.83 3.78
CA ALA B 102 20.13 -13.28 5.11
C ALA B 102 21.44 -14.05 5.07
N LEU B 103 21.60 -14.90 4.05
CA LEU B 103 22.81 -15.71 3.96
C LEU B 103 24.04 -14.83 3.74
N MET B 104 23.92 -13.80 2.91
CA MET B 104 25.05 -12.91 2.69
C MET B 104 25.38 -12.12 3.95
N CYS B 105 24.35 -11.74 4.72
CA CYS B 105 24.60 -11.09 6.00
C CYS B 105 25.37 -12.03 6.94
N LEU B 106 24.96 -13.29 7.00
CA LEU B 106 25.68 -14.27 7.80
C LEU B 106 27.10 -14.43 7.30
N ALA B 107 27.27 -14.53 5.97
CA ALA B 107 28.61 -14.67 5.40
C ALA B 107 29.47 -13.46 5.72
N GLU B 108 28.88 -12.26 5.66
CA GLU B 108 29.60 -11.04 6.02
C GLU B 108 30.10 -11.12 7.45
N ALA B 109 29.24 -11.55 8.37
CA ALA B 109 29.63 -11.62 9.76
C ALA B 109 30.71 -12.68 9.98
N LEU B 110 30.61 -13.82 9.29
CA LEU B 110 31.61 -14.86 9.42
C LEU B 110 32.95 -14.42 8.83
N LEU B 111 32.92 -13.54 7.84
CA LEU B 111 34.17 -13.04 7.29
C LEU B 111 34.86 -12.04 8.20
N ARG B 112 34.15 -11.50 9.20
CA ARG B 112 34.82 -10.69 10.20
C ARG B 112 35.66 -11.53 11.16
N ILE B 113 35.59 -12.85 11.05
CA ILE B 113 36.50 -13.75 11.77
C ILE B 113 37.74 -13.93 10.91
N PRO B 114 38.90 -13.38 11.31
CA PRO B 114 40.06 -13.41 10.41
C PRO B 114 40.64 -14.79 10.21
N ASP B 115 40.75 -15.57 11.27
CA ASP B 115 41.39 -16.88 11.20
C ASP B 115 40.45 -17.87 10.51
N THR B 116 40.94 -18.49 9.44
CA THR B 116 40.11 -19.40 8.66
C THR B 116 39.69 -20.62 9.49
N ALA B 117 40.61 -21.16 10.30
CA ALA B 117 40.29 -22.34 11.08
C ALA B 117 39.23 -22.06 12.13
N THR B 118 39.31 -20.89 12.77
CA THR B 118 38.31 -20.54 13.78
C THR B 118 36.94 -20.37 13.15
N ARG B 119 36.88 -19.69 12.00
CA ARG B 119 35.61 -19.46 11.32
C ARG B 119 35.01 -20.77 10.84
N ASP B 120 35.80 -21.61 10.17
CA ASP B 120 35.32 -22.90 9.71
C ASP B 120 34.84 -23.77 10.87
N ALA B 121 35.44 -23.61 12.05
CA ALA B 121 35.00 -24.39 13.20
C ALA B 121 33.71 -23.85 13.79
N LEU B 122 33.53 -22.53 13.80
CA LEU B 122 32.27 -21.96 14.24
C LEU B 122 31.14 -22.38 13.31
N ILE B 123 31.41 -22.38 12.00
CA ILE B 123 30.40 -22.78 11.02
C ILE B 123 29.94 -24.20 11.26
N ARG B 124 30.89 -25.14 11.34
CA ARG B 124 30.57 -26.55 11.40
C ARG B 124 30.05 -26.98 12.77
N ASP B 125 30.48 -26.32 13.84
CA ASP B 125 30.15 -26.76 15.19
C ASP B 125 29.12 -25.87 15.88
N LYS B 126 28.77 -24.74 15.33
CA LYS B 126 27.79 -23.89 16.00
C LYS B 126 26.73 -23.35 15.06
N ILE B 127 27.11 -22.95 13.84
CA ILE B 127 26.15 -22.28 12.97
C ILE B 127 25.30 -23.30 12.22
N ALA B 128 25.92 -24.36 11.70
CA ALA B 128 25.19 -25.37 10.93
C ALA B 128 24.10 -26.05 11.75
N ASP B 129 24.24 -26.05 13.08
CA ASP B 129 23.19 -26.52 13.98
C ASP B 129 22.21 -25.41 14.35
N GLY B 130 21.98 -24.45 13.45
CA GLY B 130 20.98 -23.43 13.66
C GLY B 130 21.27 -22.42 14.76
N ASN B 131 22.13 -22.80 15.72
CA ASN B 131 22.45 -21.91 16.83
C ASN B 131 23.22 -20.69 16.36
N TRP B 132 22.65 -19.95 15.41
CA TRP B 132 23.35 -18.81 14.81
C TRP B 132 23.12 -17.51 15.56
N LYS B 133 22.01 -17.40 16.30
CA LYS B 133 21.69 -16.13 16.95
C LYS B 133 22.73 -15.78 18.01
N SER B 134 23.13 -16.77 18.80
CA SER B 134 24.09 -16.53 19.88
C SER B 134 25.45 -16.14 19.32
N HIS B 135 25.94 -16.89 18.32
CA HIS B 135 27.36 -16.87 18.00
C HIS B 135 27.82 -15.55 17.38
N LEU B 136 26.95 -14.85 16.67
CA LEU B 136 27.38 -13.67 15.90
C LEU B 136 26.53 -12.46 16.23
N GLY B 137 26.27 -12.22 17.52
CA GLY B 137 25.58 -11.04 17.97
C GLY B 137 24.07 -11.04 17.80
N GLY B 138 23.52 -11.98 17.03
CA GLY B 138 22.08 -12.06 16.89
C GLY B 138 21.54 -11.30 15.70
N SER B 139 20.22 -11.41 15.55
CA SER B 139 19.53 -10.84 14.38
C SER B 139 19.80 -9.34 14.25
N ARG B 140 19.69 -8.61 15.36
CA ARG B 140 19.90 -7.17 15.31
C ARG B 140 21.25 -6.84 14.70
N SER B 141 22.31 -7.46 15.23
CA SER B 141 23.64 -7.23 14.68
C SER B 141 23.79 -7.82 13.29
N LEU B 142 23.26 -9.03 13.07
CA LEU B 142 23.57 -9.79 11.87
CA LEU B 142 23.61 -9.77 11.87
C LEU B 142 23.15 -9.05 10.61
N PHE B 143 22.00 -8.37 10.66
CA PHE B 143 21.39 -7.81 9.46
C PHE B 143 21.57 -6.30 9.33
N VAL B 144 22.52 -5.73 10.08
CA VAL B 144 22.76 -4.29 10.03
C VAL B 144 22.96 -3.81 8.59
N ASN B 145 23.71 -4.57 7.78
CA ASN B 145 24.05 -4.18 6.42
C ASN B 145 23.17 -4.87 5.37
N ALA B 146 21.95 -5.27 5.73
CA ALA B 146 21.14 -6.05 4.80
C ALA B 146 20.64 -5.22 3.62
N ALA B 147 20.56 -3.90 3.73
CA ALA B 147 20.14 -3.11 2.57
C ALA B 147 21.13 -3.29 1.42
N THR B 148 22.42 -3.32 1.74
CA THR B 148 23.43 -3.52 0.71
C THR B 148 23.30 -4.89 0.05
N TRP B 149 23.17 -5.94 0.85
CA TRP B 149 22.97 -7.27 0.28
C TRP B 149 21.62 -7.36 -0.41
N GLY B 150 20.62 -6.62 0.06
CA GLY B 150 19.36 -6.54 -0.67
C GLY B 150 19.54 -6.06 -2.09
N LEU B 151 20.36 -5.03 -2.28
CA LEU B 151 20.66 -4.57 -3.63
C LEU B 151 21.41 -5.64 -4.41
N VAL B 152 22.36 -6.31 -3.75
CA VAL B 152 23.15 -7.34 -4.42
C VAL B 152 22.26 -8.48 -4.90
N VAL B 153 21.31 -8.91 -4.06
CA VAL B 153 20.53 -10.10 -4.37
C VAL B 153 19.33 -9.77 -5.25
N THR B 154 18.66 -8.65 -5.00
CA THR B 154 17.41 -8.35 -5.68
C THR B 154 17.51 -7.19 -6.67
N GLY B 155 18.53 -6.36 -6.57
CA GLY B 155 18.62 -5.15 -7.37
C GLY B 155 17.77 -4.00 -6.88
N LYS B 156 17.03 -4.19 -5.79
CA LYS B 156 16.19 -3.15 -5.22
C LYS B 156 16.74 -2.71 -3.88
N LEU B 157 16.55 -1.43 -3.57
CA LEU B 157 17.01 -0.86 -2.32
C LEU B 157 15.83 -0.61 -1.41
N THR B 158 15.88 -1.15 -0.20
CA THR B 158 14.92 -0.82 0.84
C THR B 158 15.65 0.01 1.90
N SER B 159 14.93 0.99 2.47
CA SER B 159 15.58 1.95 3.35
C SER B 159 15.94 1.33 4.69
N THR B 160 15.07 0.51 5.23
CA THR B 160 15.31 -0.20 6.47
C THR B 160 15.19 -1.69 6.22
N VAL B 161 15.52 -2.46 7.25
CA VAL B 161 15.67 -3.91 7.18
C VAL B 161 14.51 -4.54 7.93
N ASN B 162 13.83 -5.51 7.29
CA ASN B 162 12.88 -6.33 8.05
C ASN B 162 13.69 -7.46 8.68
N ASP B 163 14.17 -7.18 9.89
CA ASP B 163 15.04 -8.14 10.56
C ASP B 163 14.29 -9.36 11.06
N ARG B 164 12.98 -9.27 11.30
CA ARG B 164 12.25 -10.48 11.63
C ARG B 164 12.12 -11.41 10.43
N SER B 165 11.86 -10.84 9.26
CA SER B 165 11.81 -11.63 8.03
C SER B 165 13.15 -12.28 7.74
N LEU B 166 14.24 -11.51 7.91
CA LEU B 166 15.57 -12.03 7.65
C LEU B 166 15.96 -13.11 8.66
N ALA B 167 15.63 -12.91 9.94
CA ALA B 167 15.91 -13.94 10.94
C ALA B 167 15.17 -15.22 10.63
N ALA B 168 13.89 -15.10 10.22
CA ALA B 168 13.13 -16.27 9.83
C ALA B 168 13.76 -16.94 8.62
N ALA B 169 14.20 -16.15 7.64
CA ALA B 169 14.77 -16.72 6.43
C ALA B 169 16.10 -17.41 6.73
N LEU B 170 16.92 -16.83 7.60
CA LEU B 170 18.19 -17.46 7.92
C LEU B 170 17.98 -18.77 8.66
N THR B 171 17.08 -18.76 9.64
CA THR B 171 16.73 -20.01 10.31
C THR B 171 16.25 -21.04 9.31
N ARG B 172 15.39 -20.63 8.38
CA ARG B 172 14.82 -21.59 7.44
C ARG B 172 15.91 -22.17 6.55
N LEU B 173 16.77 -21.32 6.01
CA LEU B 173 17.77 -21.83 5.07
C LEU B 173 18.79 -22.72 5.75
N ILE B 174 19.20 -22.38 6.97
CA ILE B 174 20.19 -23.22 7.66
C ILE B 174 19.57 -24.55 8.06
N SER B 175 18.34 -24.52 8.59
CA SER B 175 17.70 -25.77 8.96
C SER B 175 17.43 -26.65 7.75
N ARG B 176 17.25 -26.05 6.57
CA ARG B 176 16.98 -26.81 5.36
C ARG B 176 18.27 -27.33 4.71
N CYS B 177 19.30 -26.48 4.63
CA CYS B 177 20.47 -26.79 3.82
C CYS B 177 21.76 -26.94 4.61
N GLY B 178 21.81 -26.49 5.85
CA GLY B 178 22.93 -26.88 6.69
C GLY B 178 24.25 -26.21 6.30
N GLU B 179 25.33 -26.87 6.70
CA GLU B 179 26.66 -26.30 6.46
C GLU B 179 26.98 -26.05 4.99
N PRO B 180 26.62 -26.92 4.03
CA PRO B 180 27.03 -26.64 2.64
C PRO B 180 26.55 -25.29 2.11
N VAL B 181 25.37 -24.82 2.52
CA VAL B 181 24.96 -23.52 2.01
C VAL B 181 25.70 -22.40 2.73
N ILE B 182 26.07 -22.59 4.00
CA ILE B 182 26.84 -21.57 4.70
C ILE B 182 28.22 -21.45 4.08
N ARG B 183 28.87 -22.58 3.81
CA ARG B 183 30.19 -22.56 3.18
C ARG B 183 30.14 -21.86 1.82
N ARG B 184 29.13 -22.17 1.01
CA ARG B 184 29.01 -21.53 -0.30
C ARG B 184 28.77 -20.02 -0.17
N GLY B 185 27.99 -19.61 0.84
CA GLY B 185 27.76 -18.18 1.01
C GLY B 185 29.02 -17.43 1.43
N VAL B 186 29.79 -18.03 2.33
CA VAL B 186 31.06 -17.43 2.76
C VAL B 186 32.02 -17.29 1.58
N ASP B 187 32.15 -18.35 0.79
CA ASP B 187 33.05 -18.29 -0.37
C ASP B 187 32.57 -17.27 -1.39
N MET B 188 31.27 -17.22 -1.64
CA MET B 188 30.71 -16.23 -2.55
C MET B 188 30.94 -14.81 -2.05
N ALA B 189 30.69 -14.56 -0.76
CA ALA B 189 30.93 -13.23 -0.21
C ALA B 189 32.40 -12.86 -0.27
N MET B 190 33.28 -13.82 0.00
CA MET B 190 34.71 -13.56 -0.06
C MET B 190 35.13 -13.10 -1.45
N ARG B 191 34.65 -13.80 -2.48
CA ARG B 191 34.97 -13.42 -3.85
C ARG B 191 34.51 -12.00 -4.17
N MET B 192 33.31 -11.64 -3.72
CA MET B 192 32.80 -10.30 -4.01
C MET B 192 33.54 -9.24 -3.21
N MET B 193 33.53 -9.37 -1.88
CA MET B 193 34.05 -8.32 -1.01
C MET B 193 35.56 -8.20 -1.03
N GLY B 194 36.25 -9.01 -1.83
CA GLY B 194 37.69 -8.90 -1.93
C GLY B 194 38.18 -8.73 -3.35
N GLU B 195 37.31 -9.01 -4.32
CA GLU B 195 37.76 -9.04 -5.72
C GLU B 195 36.84 -8.32 -6.71
N GLN B 196 35.54 -8.22 -6.46
CA GLN B 196 34.62 -7.52 -7.36
C GLN B 196 34.19 -6.15 -6.86
N PHE B 197 34.05 -5.98 -5.55
CA PHE B 197 33.75 -4.66 -5.00
C PHE B 197 35.01 -3.85 -4.83
N VAL B 198 36.11 -4.48 -4.45
CA VAL B 198 37.40 -3.82 -4.33
C VAL B 198 38.40 -4.54 -5.22
N THR B 199 39.39 -3.78 -5.69
CA THR B 199 40.48 -4.39 -6.43
C THR B 199 41.45 -5.08 -5.50
N GLY B 200 41.49 -4.66 -4.25
CA GLY B 200 42.27 -5.34 -3.24
C GLY B 200 41.99 -4.69 -1.90
N GLU B 201 42.34 -5.42 -0.84
CA GLU B 201 42.14 -4.88 0.50
C GLU B 201 43.20 -3.85 0.85
N THR B 202 44.39 -3.97 0.28
CA THR B 202 45.48 -3.01 0.47
C THR B 202 45.96 -2.55 -0.90
N ILE B 203 46.67 -1.42 -0.90
CA ILE B 203 47.20 -0.91 -2.17
C ILE B 203 48.22 -1.91 -2.74
N ARG B 204 48.95 -2.60 -1.86
CA ARG B 204 49.84 -3.68 -2.29
C ARG B 204 49.09 -4.72 -3.10
N GLU B 205 47.96 -5.20 -2.58
CA GLU B 205 47.20 -6.23 -3.28
C GLU B 205 46.57 -5.68 -4.55
N ALA B 206 45.99 -4.48 -4.47
CA ALA B 206 45.36 -3.90 -5.66
C ALA B 206 46.38 -3.73 -6.78
N LEU B 207 47.57 -3.22 -6.45
CA LEU B 207 48.61 -3.05 -7.46
C LEU B 207 48.99 -4.37 -8.11
N LYS B 208 49.06 -5.45 -7.32
CA LYS B 208 49.43 -6.75 -7.87
C LYS B 208 48.33 -7.31 -8.77
N ARG B 209 47.06 -7.12 -8.39
CA ARG B 209 45.98 -7.64 -9.21
C ARG B 209 45.77 -6.83 -10.48
N SER B 210 46.38 -5.65 -10.57
CA SER B 210 46.18 -4.79 -11.73
C SER B 210 47.05 -5.19 -12.91
N LYS B 211 48.11 -5.95 -12.70
CA LYS B 211 49.02 -6.27 -13.79
C LYS B 211 48.31 -7.02 -14.92
N GLU B 212 47.30 -7.82 -14.59
CA GLU B 212 46.67 -8.66 -15.61
C GLU B 212 45.99 -7.81 -16.68
N LEU B 213 45.12 -6.89 -16.28
CA LEU B 213 44.43 -6.08 -17.27
C LEU B 213 45.34 -4.99 -17.83
N GLU B 214 46.32 -4.53 -17.05
CA GLU B 214 47.29 -3.58 -17.58
C GLU B 214 48.02 -4.17 -18.79
N GLU B 215 48.45 -5.44 -18.70
CA GLU B 215 49.09 -6.09 -19.84
C GLU B 215 48.15 -6.18 -21.04
N LYS B 216 46.83 -6.13 -20.81
CA LYS B 216 45.86 -6.10 -21.90
C LYS B 216 45.63 -4.71 -22.45
N GLY B 217 46.15 -3.67 -21.80
CA GLY B 217 45.96 -2.30 -22.25
C GLY B 217 45.07 -1.45 -21.36
N PHE B 218 44.53 -2.01 -20.28
CA PHE B 218 43.82 -1.20 -19.30
C PHE B 218 44.82 -0.38 -18.49
N SER B 219 44.30 0.65 -17.82
CA SER B 219 45.05 1.38 -16.80
C SER B 219 44.17 1.50 -15.56
N TYR B 220 44.69 2.16 -14.53
CA TYR B 220 44.03 2.16 -13.24
C TYR B 220 44.07 3.53 -12.59
N SER B 221 43.05 3.81 -11.81
CA SER B 221 43.02 4.94 -10.89
C SER B 221 42.49 4.42 -9.57
N TYR B 222 43.28 4.55 -8.50
CA TYR B 222 42.95 3.93 -7.23
C TYR B 222 42.23 4.91 -6.32
N ASP B 223 41.23 4.37 -5.61
CA ASP B 223 40.35 5.10 -4.71
C ASP B 223 40.48 4.44 -3.34
N MET B 224 41.14 5.12 -2.40
CA MET B 224 41.25 4.61 -1.05
C MET B 224 39.92 4.90 -0.35
N LEU B 225 39.11 3.85 -0.24
CA LEU B 225 37.73 3.96 0.24
C LEU B 225 37.68 4.53 1.65
N GLY B 226 36.71 5.42 1.88
CA GLY B 226 36.47 5.98 3.20
C GLY B 226 35.29 6.94 3.24
N GLU B 227 34.59 6.99 4.37
CA GLU B 227 33.54 7.98 4.54
C GLU B 227 34.14 9.39 4.54
N ALA B 228 33.29 10.37 4.23
CA ALA B 228 33.70 11.76 4.36
C ALA B 228 34.14 12.03 5.79
N ALA B 229 35.14 12.89 5.94
CA ALA B 229 35.67 13.15 7.27
C ALA B 229 34.63 13.82 8.17
N THR B 230 34.45 13.25 9.36
CA THR B 230 33.62 13.84 10.39
C THR B 230 34.43 14.64 11.41
N THR B 231 35.66 14.20 11.66
CA THR B 231 36.51 14.81 12.66
C THR B 231 37.85 15.15 12.02
N ALA B 232 38.62 15.97 12.74
CA ALA B 232 39.98 16.27 12.30
C ALA B 232 40.81 15.00 12.19
N ALA B 233 40.63 14.06 13.14
CA ALA B 233 41.39 12.82 13.11
C ALA B 233 41.06 12.00 11.85
N ASP B 234 39.78 11.99 11.45
CA ASP B 234 39.41 11.34 10.21
C ASP B 234 40.19 11.91 9.04
N ALA B 235 40.17 13.24 8.91
CA ALA B 235 40.77 13.89 7.76
C ALA B 235 42.27 13.66 7.74
N GLU B 236 42.90 13.72 8.91
CA GLU B 236 44.34 13.48 8.97
C GLU B 236 44.68 12.06 8.56
N ARG B 237 43.85 11.10 8.98
CA ARG B 237 44.11 9.73 8.60
C ARG B 237 43.95 9.54 7.10
N TYR B 238 42.87 10.08 6.53
CA TYR B 238 42.66 9.94 5.08
C TYR B 238 43.81 10.58 4.32
N TYR B 239 44.31 11.72 4.80
CA TYR B 239 45.48 12.33 4.18
C TYR B 239 46.66 11.36 4.17
N ARG B 240 46.98 10.81 5.34
CA ARG B 240 48.11 9.90 5.44
C ARG B 240 47.90 8.66 4.58
N ASP B 241 46.65 8.20 4.50
CA ASP B 241 46.36 7.03 3.67
C ASP B 241 46.53 7.35 2.18
N TYR B 242 46.09 8.53 1.75
CA TYR B 242 46.35 8.92 0.36
C TYR B 242 47.84 9.07 0.10
N GLU B 243 48.55 9.69 1.05
CA GLU B 243 49.99 9.88 0.92
C GLU B 243 50.69 8.54 0.75
N SER B 244 50.34 7.59 1.61
CA SER B 244 50.94 6.26 1.53
CA SER B 244 50.95 6.26 1.52
C SER B 244 50.61 5.60 0.19
N ALA B 245 49.36 5.76 -0.26
CA ALA B 245 48.96 5.16 -1.53
C ALA B 245 49.74 5.77 -2.69
N ILE B 246 49.97 7.07 -2.66
CA ILE B 246 50.69 7.71 -3.76
C ILE B 246 52.10 7.17 -3.87
N HIS B 247 52.78 7.00 -2.73
CA HIS B 247 54.11 6.40 -2.77
C HIS B 247 54.06 5.02 -3.41
N ALA B 248 53.07 4.20 -3.01
CA ALA B 248 52.99 2.85 -3.58
C ALA B 248 52.64 2.90 -5.06
N ILE B 249 51.64 3.71 -5.43
CA ILE B 249 51.23 3.80 -6.83
C ILE B 249 52.34 4.39 -7.68
N GLY B 250 53.03 5.42 -7.14
CA GLY B 250 54.10 6.03 -7.89
C GLY B 250 55.26 5.09 -8.16
N LYS B 251 55.66 4.33 -7.13
CA LYS B 251 56.75 3.38 -7.35
C LYS B 251 56.33 2.28 -8.32
N ALA B 252 55.09 1.80 -8.22
CA ALA B 252 54.60 0.81 -9.17
C ALA B 252 54.52 1.37 -10.59
N SER B 253 54.15 2.64 -10.72
CA SER B 253 54.12 3.28 -12.03
C SER B 253 55.47 3.17 -12.72
N ALA B 254 56.55 3.46 -11.99
CA ALA B 254 57.92 3.28 -12.45
C ALA B 254 58.17 4.00 -13.78
N GLY B 255 57.69 5.23 -13.87
CA GLY B 255 57.94 6.07 -15.02
C GLY B 255 57.04 5.82 -16.21
N ARG B 256 55.98 5.03 -16.07
CA ARG B 256 55.10 4.80 -17.21
C ARG B 256 54.31 6.04 -17.61
N GLY B 257 54.30 7.09 -16.78
CA GLY B 257 53.62 8.31 -17.14
C GLY B 257 52.14 8.25 -16.80
N ILE B 258 51.45 9.37 -17.08
CA ILE B 258 50.09 9.53 -16.59
C ILE B 258 49.05 8.82 -17.44
N TYR B 259 49.40 8.38 -18.65
CA TYR B 259 48.41 7.70 -19.51
C TYR B 259 48.51 6.18 -19.37
N GLU B 260 49.69 5.62 -19.60
CA GLU B 260 49.86 4.19 -19.43
C GLU B 260 49.80 3.79 -17.96
N GLY B 261 50.44 4.57 -17.11
CA GLY B 261 50.62 4.21 -15.73
C GLY B 261 49.41 4.56 -14.88
N PRO B 262 49.39 4.02 -13.67
CA PRO B 262 48.26 4.23 -12.76
C PRO B 262 48.25 5.62 -12.14
N GLY B 263 47.07 6.00 -11.68
CA GLY B 263 46.88 7.25 -10.96
C GLY B 263 46.12 7.03 -9.67
N ILE B 264 45.84 8.14 -9.00
CA ILE B 264 45.06 8.12 -7.78
C ILE B 264 43.92 9.11 -7.92
N SER B 265 42.82 8.83 -7.24
CA SER B 265 41.65 9.69 -7.16
C SER B 265 41.40 10.03 -5.70
N ILE B 266 41.02 11.28 -5.44
CA ILE B 266 40.78 11.72 -4.07
C ILE B 266 39.43 12.43 -3.99
N LYS B 267 38.80 12.32 -2.83
CA LYS B 267 37.58 13.06 -2.57
C LYS B 267 37.92 14.13 -1.54
N LEU B 268 37.68 15.40 -1.91
CA LEU B 268 38.08 16.49 -1.02
C LEU B 268 37.36 16.40 0.32
N SER B 269 36.14 15.86 0.35
CA SER B 269 35.43 15.74 1.62
C SER B 269 36.12 14.78 2.58
N ALA B 270 37.00 13.91 2.08
CA ALA B 270 37.82 13.07 2.96
C ALA B 270 38.88 13.86 3.69
N LEU B 271 39.27 15.02 3.16
CA LEU B 271 40.47 15.68 3.63
C LEU B 271 40.18 16.84 4.58
N HIS B 272 38.92 17.12 4.86
CA HIS B 272 38.61 18.19 5.80
C HIS B 272 37.21 17.95 6.33
N PRO B 273 36.98 18.11 7.63
CA PRO B 273 35.63 17.85 8.18
C PRO B 273 34.64 18.95 7.90
N ARG B 274 35.06 20.11 7.42
CA ARG B 274 34.14 21.20 7.10
C ARG B 274 34.38 21.65 5.66
N TYR B 275 34.32 20.71 4.72
CA TYR B 275 34.50 21.03 3.31
C TYR B 275 33.18 21.57 2.78
N SER B 276 33.04 22.90 2.81
CA SER B 276 31.78 23.52 2.39
C SER B 276 32.03 25.00 2.12
N ARG B 277 31.13 25.59 1.32
CA ARG B 277 31.22 27.00 1.00
C ARG B 277 31.13 27.85 2.26
N ALA B 278 30.33 27.43 3.23
CA ALA B 278 30.21 28.20 4.48
C ALA B 278 31.54 28.29 5.22
N GLN B 279 32.46 27.36 4.99
CA GLN B 279 33.77 27.39 5.63
C GLN B 279 34.87 27.56 4.60
N ALA B 280 34.61 28.35 3.55
CA ALA B 280 35.56 28.48 2.45
C ALA B 280 36.95 28.90 2.93
N ALA B 281 37.01 29.78 3.94
CA ALA B 281 38.31 30.25 4.41
C ALA B 281 39.11 29.08 4.99
N ARG B 282 38.46 28.24 5.80
CA ARG B 282 39.15 27.07 6.34
C ARG B 282 39.53 26.10 5.24
N VAL B 283 38.67 25.98 4.22
CA VAL B 283 38.98 25.09 3.10
C VAL B 283 40.24 25.55 2.39
N MET B 284 40.31 26.84 2.06
CA MET B 284 41.49 27.33 1.34
C MET B 284 42.72 27.32 2.23
N GLY B 285 42.55 27.51 3.54
CA GLY B 285 43.67 27.60 4.44
C GLY B 285 44.20 26.27 4.93
N GLU B 286 43.34 25.27 5.06
CA GLU B 286 43.66 24.00 5.68
C GLU B 286 43.58 22.82 4.73
N LEU B 287 42.55 22.78 3.89
CA LEU B 287 42.38 21.68 2.94
C LEU B 287 43.32 21.82 1.76
N LEU B 288 43.32 23.00 1.11
CA LEU B 288 44.14 23.19 -0.07
C LEU B 288 45.60 22.83 0.13
N PRO B 289 46.28 23.22 1.23
CA PRO B 289 47.67 22.78 1.41
C PRO B 289 47.84 21.28 1.44
N ARG B 290 46.87 20.54 1.96
CA ARG B 290 46.97 19.08 1.96
C ARG B 290 46.86 18.55 0.54
N VAL B 291 45.92 19.09 -0.25
CA VAL B 291 45.81 18.64 -1.63
C VAL B 291 47.08 18.97 -2.39
N LYS B 292 47.63 20.16 -2.17
CA LYS B 292 48.87 20.53 -2.84
C LYS B 292 49.98 19.54 -2.51
N ALA B 293 50.11 19.17 -1.23
CA ALA B 293 51.15 18.22 -0.84
C ALA B 293 50.98 16.89 -1.55
N LEU B 294 49.74 16.39 -1.64
CA LEU B 294 49.50 15.16 -2.38
C LEU B 294 49.80 15.33 -3.86
N ALA B 295 49.37 16.45 -4.44
CA ALA B 295 49.61 16.67 -5.86
C ALA B 295 51.11 16.74 -6.14
N LEU B 296 51.89 17.31 -5.21
CA LEU B 296 53.33 17.39 -5.39
C LEU B 296 53.97 16.00 -5.39
N LEU B 297 53.48 15.09 -4.53
CA LEU B 297 53.96 13.71 -4.55
C LEU B 297 53.59 13.02 -5.87
N ALA B 298 52.34 13.18 -6.30
CA ALA B 298 51.92 12.61 -7.59
C ALA B 298 52.77 13.17 -8.72
N LYS B 299 53.09 14.46 -8.66
CA LYS B 299 53.92 15.06 -9.69
C LYS B 299 55.32 14.47 -9.70
N ASN B 300 55.91 14.28 -8.52
CA ASN B 300 57.25 13.74 -8.45
C ASN B 300 57.31 12.31 -9.00
N TYR B 301 56.23 11.55 -8.89
CA TYR B 301 56.18 10.22 -9.48
C TYR B 301 55.64 10.23 -10.90
N ASP B 302 55.21 11.38 -11.40
CA ASP B 302 54.51 11.53 -12.67
C ASP B 302 53.36 10.54 -12.81
N ILE B 303 52.46 10.58 -11.82
CA ILE B 303 51.19 9.88 -11.93
C ILE B 303 50.07 10.91 -11.97
N GLY B 304 48.90 10.45 -12.40
CA GLY B 304 47.71 11.29 -12.36
C GLY B 304 47.12 11.34 -10.96
N LEU B 305 46.64 12.52 -10.58
CA LEU B 305 45.90 12.71 -9.34
C LEU B 305 44.60 13.43 -9.69
N ASN B 306 43.48 12.79 -9.43
CA ASN B 306 42.19 13.26 -9.90
C ASN B 306 41.30 13.65 -8.71
N ILE B 307 40.72 14.85 -8.78
CA ILE B 307 39.77 15.29 -7.76
C ILE B 307 38.37 14.83 -8.18
N ASP B 308 37.81 13.89 -7.41
CA ASP B 308 36.46 13.43 -7.68
C ASP B 308 35.44 14.53 -7.38
N ALA B 309 34.29 14.46 -8.03
CA ALA B 309 33.27 15.48 -7.89
C ALA B 309 32.15 14.98 -6.98
N GLU B 310 31.66 15.85 -6.12
CA GLU B 310 30.74 15.42 -5.08
C GLU B 310 29.41 16.14 -5.22
N GLU B 311 28.85 16.65 -4.12
CA GLU B 311 27.54 17.29 -4.17
C GLU B 311 27.60 18.56 -4.99
N ALA B 312 26.43 18.97 -5.49
CA ALA B 312 26.35 20.15 -6.33
C ALA B 312 26.85 21.40 -5.62
N ASP B 313 26.62 21.51 -4.30
CA ASP B 313 27.05 22.72 -3.59
C ASP B 313 28.53 22.71 -3.26
N ARG B 314 29.29 21.72 -3.73
CA ARG B 314 30.74 21.73 -3.62
C ARG B 314 31.42 21.97 -4.95
N LEU B 315 30.68 22.01 -6.04
CA LEU B 315 31.28 22.13 -7.36
C LEU B 315 32.14 23.39 -7.45
N GLU B 316 31.54 24.56 -7.24
CA GLU B 316 32.28 25.78 -7.53
C GLU B 316 33.37 26.00 -6.51
N LEU B 317 33.15 25.62 -5.25
CA LEU B 317 34.22 25.64 -4.25
C LEU B 317 35.43 24.86 -4.74
N SER B 318 35.21 23.67 -5.31
CA SER B 318 36.34 22.86 -5.73
C SER B 318 37.14 23.58 -6.83
N LEU B 319 36.49 24.42 -7.64
CA LEU B 319 37.21 25.12 -8.71
C LEU B 319 38.25 26.07 -8.15
N ASP B 320 37.98 26.66 -6.99
CA ASP B 320 38.97 27.55 -6.38
C ASP B 320 40.22 26.79 -5.99
N LEU B 321 40.10 25.52 -5.62
CA LEU B 321 41.30 24.73 -5.36
C LEU B 321 41.98 24.37 -6.67
N LEU B 322 41.21 24.00 -7.69
CA LEU B 322 41.79 23.65 -8.98
C LEU B 322 42.57 24.82 -9.55
N GLU B 323 42.03 26.03 -9.41
CA GLU B 323 42.72 27.24 -9.89
C GLU B 323 44.09 27.39 -9.26
N VAL B 324 44.15 27.27 -7.93
CA VAL B 324 45.42 27.45 -7.24
C VAL B 324 46.41 26.39 -7.66
N LEU B 325 45.97 25.13 -7.72
CA LEU B 325 46.88 24.05 -8.07
C LEU B 325 47.46 24.23 -9.47
N CYS B 326 46.63 24.65 -10.43
CA CYS B 326 47.12 24.77 -11.80
C CYS B 326 48.11 25.92 -11.96
N LEU B 327 48.08 26.93 -11.10
CA LEU B 327 49.01 28.04 -11.15
C LEU B 327 50.20 27.85 -10.21
N ASP B 328 50.27 26.71 -9.53
CA ASP B 328 51.33 26.47 -8.55
C ASP B 328 52.58 25.98 -9.28
N GLY B 329 53.63 26.80 -9.25
CA GLY B 329 54.86 26.47 -9.95
C GLY B 329 55.53 25.20 -9.48
N ASP B 330 55.27 24.76 -8.24
CA ASP B 330 55.84 23.51 -7.78
C ASP B 330 55.37 22.34 -8.62
N LEU B 331 54.20 22.47 -9.27
CA LEU B 331 53.66 21.42 -10.12
C LEU B 331 53.97 21.65 -11.59
N SER B 332 54.97 22.49 -11.87
CA SER B 332 55.34 22.88 -13.23
C SER B 332 55.48 21.69 -14.17
N GLY B 333 54.82 21.77 -15.32
CA GLY B 333 54.97 20.77 -16.36
C GLY B 333 54.28 19.45 -16.12
N TRP B 334 53.54 19.32 -15.03
CA TRP B 334 52.83 18.08 -14.71
C TRP B 334 51.44 18.12 -15.34
N ASN B 335 51.14 17.16 -16.20
CA ASN B 335 49.84 17.11 -16.84
C ASN B 335 48.92 16.09 -16.17
N GLY B 336 49.27 15.65 -14.98
CA GLY B 336 48.48 14.65 -14.29
C GLY B 336 47.40 15.18 -13.38
N MET B 337 47.27 16.50 -13.22
CA MET B 337 46.15 17.04 -12.46
C MET B 337 44.85 16.69 -13.15
N GLY B 338 43.96 16.01 -12.42
CA GLY B 338 42.70 15.55 -12.97
C GLY B 338 41.52 16.13 -12.22
N PHE B 339 40.38 16.19 -12.90
CA PHE B 339 39.22 16.84 -12.32
C PHE B 339 37.96 16.26 -12.94
N VAL B 340 37.02 15.88 -12.12
CA VAL B 340 35.76 15.29 -12.57
C VAL B 340 34.73 16.39 -12.79
N VAL B 341 33.95 16.27 -13.86
CA VAL B 341 32.78 17.10 -14.08
C VAL B 341 31.60 16.18 -14.34
N GLN B 342 30.45 16.56 -13.80
CA GLN B 342 29.25 15.72 -13.77
C GLN B 342 28.27 16.21 -14.83
N ALA B 343 28.05 15.36 -15.84
CA ALA B 343 27.17 15.73 -16.96
C ALA B 343 25.71 15.87 -16.55
N TYR B 344 25.30 15.26 -15.43
CA TYR B 344 23.91 15.50 -15.01
C TYR B 344 23.71 16.88 -14.44
N GLY B 345 24.77 17.69 -14.34
CA GLY B 345 24.70 19.02 -13.76
C GLY B 345 24.52 20.07 -14.84
N LYS B 346 23.69 21.05 -14.52
CA LYS B 346 23.36 22.11 -15.46
C LYS B 346 24.55 23.01 -15.77
N ARG B 347 25.52 23.09 -14.89
CA ARG B 347 26.66 23.94 -15.12
C ARG B 347 27.76 23.25 -15.91
N CYS B 348 27.61 21.97 -16.22
CA CYS B 348 28.71 21.17 -16.76
C CYS B 348 29.40 21.79 -17.97
N PRO B 349 28.71 22.20 -19.04
CA PRO B 349 29.45 22.79 -20.17
C PRO B 349 30.18 24.07 -19.80
N PHE B 350 29.62 24.87 -18.90
CA PHE B 350 30.27 26.11 -18.48
C PHE B 350 31.47 25.83 -17.59
N VAL B 351 31.40 24.77 -16.78
CA VAL B 351 32.56 24.33 -16.00
C VAL B 351 33.68 23.86 -16.93
N LEU B 352 33.33 23.10 -17.98
CA LEU B 352 34.32 22.70 -18.95
C LEU B 352 34.96 23.89 -19.64
N ASP B 353 34.16 24.90 -19.99
CA ASP B 353 34.71 26.14 -20.54
C ASP B 353 35.73 26.75 -19.58
N PHE B 354 35.41 26.76 -18.29
CA PHE B 354 36.33 27.31 -17.30
C PHE B 354 37.60 26.48 -17.23
N ILE B 355 37.47 25.15 -17.23
CA ILE B 355 38.65 24.28 -17.11
C ILE B 355 39.52 24.38 -18.35
N ILE B 356 38.90 24.41 -19.53
CA ILE B 356 39.67 24.48 -20.77
C ILE B 356 40.45 25.79 -20.81
N ASP B 357 39.81 26.89 -20.37
CA ASP B 357 40.51 28.17 -20.32
C ASP B 357 41.63 28.14 -19.29
N LEU B 358 41.37 27.55 -18.12
CA LEU B 358 42.40 27.43 -17.10
C LEU B 358 43.59 26.64 -17.61
N ALA B 359 43.32 25.54 -18.33
CA ALA B 359 44.40 24.75 -18.90
C ALA B 359 45.24 25.59 -19.85
N ARG B 360 44.55 26.34 -20.73
CA ARG B 360 45.25 27.16 -21.72
C ARG B 360 46.15 28.20 -21.06
N ARG B 361 45.64 28.91 -20.06
CA ARG B 361 46.41 30.02 -19.53
C ARG B 361 47.44 29.58 -18.50
N SER B 362 47.34 28.37 -17.96
CA SER B 362 48.33 27.89 -17.00
C SER B 362 49.37 26.97 -17.63
N GLY B 363 49.19 26.55 -18.87
CA GLY B 363 50.17 25.68 -19.49
C GLY B 363 50.15 24.28 -18.92
N ARG B 364 48.97 23.79 -18.55
CA ARG B 364 48.76 22.46 -17.99
C ARG B 364 47.74 21.74 -18.86
N ARG B 365 48.03 20.50 -19.24
CA ARG B 365 46.97 19.68 -19.79
C ARG B 365 46.24 19.06 -18.61
N ILE B 366 44.96 19.39 -18.46
CA ILE B 366 44.16 18.92 -17.34
C ILE B 366 43.42 17.67 -17.78
N MET B 367 43.51 16.62 -16.97
CA MET B 367 42.73 15.41 -17.23
C MET B 367 41.31 15.65 -16.73
N VAL B 368 40.33 15.46 -17.61
CA VAL B 368 38.94 15.76 -17.28
C VAL B 368 38.14 14.48 -17.37
N ARG B 369 37.69 13.97 -16.23
CA ARG B 369 36.84 12.79 -16.20
C ARG B 369 35.39 13.24 -16.28
N LEU B 370 34.74 12.91 -17.39
CA LEU B 370 33.32 13.18 -17.54
C LEU B 370 32.54 11.99 -17.01
N VAL B 371 31.75 12.22 -15.97
CA VAL B 371 30.83 11.24 -15.45
C VAL B 371 29.44 11.77 -15.66
N LYS B 372 28.44 10.91 -15.44
CA LYS B 372 27.09 11.46 -15.43
C LYS B 372 26.76 12.07 -14.07
N GLY B 373 26.94 11.32 -12.99
CA GLY B 373 26.71 11.88 -11.66
C GLY B 373 26.14 10.89 -10.68
N ALA B 374 26.66 10.88 -9.45
CA ALA B 374 26.37 9.82 -8.50
C ALA B 374 25.35 10.21 -7.43
N TYR B 375 24.94 11.48 -7.35
CA TYR B 375 24.15 11.97 -6.24
C TYR B 375 22.75 12.38 -6.66
N TRP B 376 22.20 11.79 -7.73
CA TRP B 376 20.97 12.33 -8.32
C TRP B 376 19.84 12.39 -7.31
N ASP B 377 19.51 11.26 -6.67
CA ASP B 377 18.38 11.27 -5.73
C ASP B 377 18.59 12.28 -4.62
N ALA B 378 19.83 12.39 -4.13
CA ALA B 378 20.08 13.33 -3.04
C ALA B 378 19.94 14.76 -3.49
N GLU B 379 20.30 15.06 -4.75
CA GLU B 379 20.18 16.42 -5.23
C GLU B 379 18.72 16.81 -5.41
N ILE B 380 17.88 15.87 -5.86
CA ILE B 380 16.45 16.19 -5.96
C ILE B 380 15.87 16.48 -4.59
N LYS B 381 16.16 15.61 -3.62
CA LYS B 381 15.64 15.82 -2.29
C LYS B 381 16.13 17.13 -1.71
N ARG B 382 17.42 17.44 -1.87
CA ARG B 382 17.99 18.63 -1.23
C ARG B 382 17.36 19.90 -1.79
N ALA B 383 17.20 19.97 -3.11
CA ALA B 383 16.61 21.16 -3.70
C ALA B 383 15.16 21.34 -3.25
N GLN B 384 14.43 20.23 -3.12
CA GLN B 384 13.06 20.32 -2.62
C GLN B 384 13.03 20.76 -1.16
N LEU B 385 13.85 20.14 -0.31
CA LEU B 385 13.90 20.53 1.09
C LEU B 385 14.21 22.01 1.25
N ASP B 386 15.09 22.54 0.41
CA ASP B 386 15.58 23.90 0.59
C ASP B 386 14.73 24.93 -0.15
N GLY B 387 13.68 24.48 -0.84
CA GLY B 387 12.79 25.36 -1.57
C GLY B 387 13.50 26.23 -2.58
N LEU B 388 14.45 25.66 -3.33
CA LEU B 388 15.22 26.48 -4.24
C LEU B 388 14.53 26.56 -5.61
N ALA B 389 15.04 27.44 -6.46
CA ALA B 389 14.29 27.80 -7.66
C ALA B 389 14.13 26.62 -8.61
N ASP B 390 15.14 25.77 -8.70
CA ASP B 390 15.11 24.62 -9.58
C ASP B 390 16.15 23.64 -9.06
N PHE B 391 16.29 22.53 -9.75
CA PHE B 391 17.33 21.57 -9.42
C PHE B 391 18.66 21.97 -10.06
N PRO B 392 19.78 21.58 -9.45
CA PRO B 392 21.08 21.77 -10.08
C PRO B 392 21.47 20.64 -11.02
N VAL B 393 20.58 19.67 -11.19
CA VAL B 393 20.78 18.51 -12.05
C VAL B 393 19.54 18.39 -12.93
N PHE B 394 19.68 17.62 -14.00
CA PHE B 394 18.52 17.32 -14.84
C PHE B 394 17.58 16.36 -14.12
N THR B 395 16.33 16.32 -14.59
CA THR B 395 15.33 15.44 -13.98
C THR B 395 14.88 14.31 -14.88
N ARG B 396 15.24 14.31 -16.16
CA ARG B 396 15.04 13.18 -17.05
C ARG B 396 16.40 12.58 -17.38
N LYS B 397 16.49 11.25 -17.27
CA LYS B 397 17.78 10.60 -17.51
C LYS B 397 18.27 10.86 -18.93
N ILE B 398 17.37 10.92 -19.90
CA ILE B 398 17.78 11.19 -21.27
C ILE B 398 18.45 12.55 -21.39
N HIS B 399 18.10 13.49 -20.52
CA HIS B 399 18.73 14.81 -20.57
C HIS B 399 20.18 14.75 -20.13
N THR B 400 20.45 13.97 -19.09
CA THR B 400 21.83 13.74 -18.68
C THR B 400 22.64 13.09 -19.80
N ASP B 401 22.03 12.14 -20.52
CA ASP B 401 22.72 11.49 -21.62
C ASP B 401 23.06 12.48 -22.74
N VAL B 402 22.11 13.34 -23.10
CA VAL B 402 22.38 14.36 -24.10
C VAL B 402 23.45 15.32 -23.60
N SER B 403 23.35 15.74 -22.34
CA SER B 403 24.37 16.59 -21.75
C SER B 403 25.75 15.95 -21.84
N TYR B 404 25.84 14.66 -21.54
CA TYR B 404 27.11 13.95 -21.62
C TYR B 404 27.68 14.01 -23.03
N ILE B 405 26.85 13.72 -24.03
CA ILE B 405 27.33 13.69 -25.40
C ILE B 405 27.74 15.09 -25.88
N ALA B 406 26.95 16.12 -25.50
CA ALA B 406 27.31 17.50 -25.83
C ALA B 406 28.64 17.89 -25.19
N CYS B 407 28.84 17.49 -23.93
CA CYS B 407 30.09 17.81 -23.25
C CYS B 407 31.26 16.99 -23.80
N ALA B 408 31.00 15.75 -24.22
CA ALA B 408 32.03 14.98 -24.91
C ALA B 408 32.47 15.67 -26.19
N ALA B 409 31.52 16.26 -26.92
CA ALA B 409 31.87 16.98 -28.13
C ALA B 409 32.79 18.15 -27.82
N LYS B 410 32.50 18.87 -26.73
CA LYS B 410 33.36 19.99 -26.33
C LYS B 410 34.74 19.49 -25.92
N LEU B 411 34.80 18.41 -25.15
CA LEU B 411 36.08 17.88 -24.71
C LEU B 411 36.91 17.40 -25.90
N LEU B 412 36.28 16.66 -26.82
CA LEU B 412 37.01 16.11 -27.95
C LEU B 412 37.52 17.20 -28.88
N ALA B 413 36.90 18.37 -28.89
CA ALA B 413 37.41 19.49 -29.66
C ALA B 413 38.54 20.23 -28.96
N ALA B 414 38.87 19.85 -27.73
CA ALA B 414 39.94 20.51 -26.97
C ALA B 414 40.99 19.51 -26.49
N THR B 415 41.13 18.36 -27.16
CA THR B 415 42.10 17.35 -26.75
C THR B 415 43.52 17.88 -26.77
N ASP B 416 43.76 19.01 -27.44
CA ASP B 416 45.07 19.65 -27.39
C ASP B 416 45.28 20.38 -26.07
N VAL B 417 44.22 20.67 -25.32
CA VAL B 417 44.33 21.40 -24.07
C VAL B 417 43.95 20.56 -22.86
N VAL B 418 43.11 19.54 -23.03
CA VAL B 418 42.64 18.71 -21.93
C VAL B 418 42.65 17.26 -22.38
N PHE B 419 42.77 16.36 -21.41
CA PHE B 419 42.76 14.92 -21.68
C PHE B 419 41.41 14.37 -21.28
N PRO B 420 40.49 14.13 -22.23
CA PRO B 420 39.14 13.71 -21.86
C PRO B 420 39.11 12.24 -21.45
N GLN B 421 38.40 11.97 -20.37
CA GLN B 421 38.27 10.63 -19.82
C GLN B 421 36.78 10.34 -19.67
N PHE B 422 36.24 9.46 -20.50
CA PHE B 422 34.80 9.26 -20.58
C PHE B 422 34.40 8.07 -19.73
N ALA B 423 34.01 8.37 -18.49
CA ALA B 423 33.60 7.37 -17.54
C ALA B 423 32.12 7.05 -17.75
N THR B 424 31.84 5.86 -18.28
CA THR B 424 30.46 5.42 -18.46
C THR B 424 30.45 3.92 -18.68
N HIS B 425 29.38 3.28 -18.20
CA HIS B 425 29.14 1.87 -18.49
C HIS B 425 28.07 1.68 -19.55
N ASN B 426 27.65 2.76 -20.19
CA ASN B 426 26.54 2.75 -21.14
C ASN B 426 27.10 2.52 -22.54
N ALA B 427 26.76 1.38 -23.14
CA ALA B 427 27.30 1.06 -24.47
C ALA B 427 26.79 2.02 -25.54
N GLN B 428 25.58 2.54 -25.39
CA GLN B 428 25.11 3.56 -26.33
C GLN B 428 25.93 4.84 -26.19
N THR B 429 26.11 5.32 -24.96
CA THR B 429 26.96 6.48 -24.75
C THR B 429 28.36 6.25 -25.29
N LEU B 430 28.93 5.08 -25.00
CA LEU B 430 30.28 4.77 -25.45
C LEU B 430 30.35 4.76 -26.98
N ALA B 431 29.43 4.03 -27.61
CA ALA B 431 29.46 3.95 -29.08
C ALA B 431 29.37 5.33 -29.71
N ALA B 432 28.49 6.19 -29.16
CA ALA B 432 28.32 7.53 -29.70
C ALA B 432 29.64 8.31 -29.66
N ILE B 433 30.35 8.24 -28.53
CA ILE B 433 31.60 8.99 -28.41
C ILE B 433 32.72 8.31 -29.19
N TYR B 434 32.72 6.97 -29.22
CA TYR B 434 33.69 6.24 -30.02
C TYR B 434 33.68 6.71 -31.47
N HIS B 435 32.48 6.84 -32.05
CA HIS B 435 32.39 7.29 -33.43
C HIS B 435 32.51 8.82 -33.54
N MET B 436 31.95 9.54 -32.56
CA MET B 436 32.12 10.99 -32.54
C MET B 436 33.59 11.40 -32.57
N ALA B 437 34.45 10.58 -31.99
CA ALA B 437 35.88 10.88 -31.97
C ALA B 437 36.52 10.54 -33.32
N PHE B 441 42.93 7.60 -33.87
CA PHE B 441 43.11 7.56 -32.43
C PHE B 441 44.56 7.25 -32.02
N HIS B 442 44.93 7.68 -30.82
CA HIS B 442 46.21 7.29 -30.23
C HIS B 442 46.07 7.36 -28.72
N VAL B 443 46.93 6.61 -28.02
CA VAL B 443 46.92 6.67 -26.56
C VAL B 443 47.38 8.06 -26.12
N GLY B 444 46.56 8.73 -25.32
CA GLY B 444 46.82 10.08 -24.88
C GLY B 444 45.90 11.11 -25.48
N LYS B 445 45.17 10.77 -26.55
CA LYS B 445 44.14 11.66 -27.06
C LYS B 445 42.97 11.73 -26.10
N TYR B 446 42.43 10.57 -25.73
CA TYR B 446 41.36 10.46 -24.75
C TYR B 446 41.31 9.00 -24.31
N GLU B 447 40.53 8.73 -23.26
CA GLU B 447 40.35 7.37 -22.82
C GLU B 447 38.93 7.20 -22.33
N PHE B 448 38.52 5.94 -22.17
CA PHE B 448 37.33 5.62 -21.43
C PHE B 448 37.70 5.25 -19.98
N GLN B 449 36.69 5.23 -19.12
CA GLN B 449 36.88 4.80 -17.74
C GLN B 449 35.66 4.00 -17.30
N CYS B 450 35.88 3.12 -16.33
CA CYS B 450 34.80 2.30 -15.78
C CYS B 450 35.12 2.00 -14.33
N LEU B 451 34.14 1.48 -13.61
CA LEU B 451 34.37 1.00 -12.26
C LEU B 451 34.88 -0.44 -12.30
N HIS B 452 35.78 -0.75 -11.36
CA HIS B 452 36.22 -2.12 -11.15
C HIS B 452 35.03 -3.05 -10.97
N GLY B 453 35.10 -4.22 -11.60
CA GLY B 453 34.06 -5.22 -11.48
C GLY B 453 32.91 -4.99 -12.43
N MET B 454 32.27 -3.82 -12.30
CA MET B 454 31.08 -3.50 -13.08
C MET B 454 31.41 -3.28 -14.55
N GLY B 455 32.54 -2.64 -14.85
CA GLY B 455 32.81 -2.18 -16.19
C GLY B 455 33.56 -3.13 -17.11
N GLU B 456 34.24 -4.12 -16.54
CA GLU B 456 35.07 -4.99 -17.38
C GLU B 456 34.29 -5.73 -18.46
N PRO B 457 33.10 -6.29 -18.21
CA PRO B 457 32.35 -6.93 -19.31
C PRO B 457 32.19 -6.05 -20.54
N LEU B 458 31.86 -4.77 -20.35
CA LEU B 458 31.73 -3.86 -21.49
C LEU B 458 33.09 -3.56 -22.10
N TYR B 459 34.08 -3.25 -21.26
CA TYR B 459 35.35 -2.77 -21.80
C TYR B 459 36.29 -3.89 -22.23
N GLU B 460 36.00 -5.14 -21.84
CA GLU B 460 36.67 -6.27 -22.48
C GLU B 460 36.31 -6.33 -23.96
N GLU B 461 35.23 -5.69 -24.37
CA GLU B 461 34.84 -5.54 -25.76
C GLU B 461 35.34 -4.26 -26.39
N VAL B 462 36.24 -3.53 -25.72
CA VAL B 462 36.65 -2.21 -26.17
C VAL B 462 38.17 -2.12 -26.31
N VAL B 463 38.90 -2.43 -25.23
CA VAL B 463 40.36 -2.32 -25.29
C VAL B 463 40.92 -3.50 -26.08
N GLY B 464 42.03 -3.26 -26.76
CA GLY B 464 42.70 -4.32 -27.48
C GLY B 464 42.41 -4.29 -28.97
N ARG B 465 43.37 -4.79 -29.76
CA ARG B 465 43.24 -4.77 -31.23
C ARG B 465 42.03 -5.58 -31.69
N GLY B 466 41.77 -6.72 -31.04
CA GLY B 466 40.65 -7.56 -31.41
C GLY B 466 39.29 -6.96 -31.17
N LYS B 467 39.22 -5.83 -30.45
CA LYS B 467 37.97 -5.15 -30.15
C LYS B 467 37.97 -3.75 -30.74
N LEU B 468 37.63 -2.73 -29.95
CA LEU B 468 37.60 -1.37 -30.47
C LEU B 468 38.95 -0.68 -30.40
N ASP B 469 39.91 -1.27 -29.70
CA ASP B 469 41.27 -0.71 -29.56
C ASP B 469 41.26 0.67 -28.90
N ARG B 470 40.43 0.83 -27.87
CA ARG B 470 40.45 2.05 -27.11
C ARG B 470 40.79 1.75 -25.65
N PRO B 471 41.59 2.58 -25.00
CA PRO B 471 41.97 2.31 -23.61
C PRO B 471 40.82 2.61 -22.64
N CYS B 472 40.90 1.95 -21.49
CA CYS B 472 39.96 2.14 -20.40
C CYS B 472 40.75 2.16 -19.10
N ARG B 473 40.52 3.18 -18.29
CA ARG B 473 41.11 3.29 -16.96
C ARG B 473 40.10 2.80 -15.94
N ILE B 474 40.48 1.75 -15.21
CA ILE B 474 39.61 1.14 -14.22
C ILE B 474 39.73 1.91 -12.92
N TYR B 475 38.61 2.44 -12.44
CA TYR B 475 38.54 3.07 -11.12
C TYR B 475 38.50 1.96 -10.08
N ALA B 476 39.55 1.86 -9.27
CA ALA B 476 39.77 0.68 -8.44
C ALA B 476 39.61 1.04 -6.97
N PRO B 477 38.51 0.65 -6.33
CA PRO B 477 38.41 0.85 -4.88
C PRO B 477 39.41 -0.03 -4.16
N VAL B 478 39.97 0.50 -3.08
CA VAL B 478 40.94 -0.20 -2.26
C VAL B 478 40.52 0.00 -0.81
N GLY B 479 40.25 -1.10 -0.12
CA GLY B 479 39.88 -1.01 1.27
C GLY B 479 39.51 -2.37 1.80
N THR B 480 39.49 -2.46 3.12
CA THR B 480 39.09 -3.70 3.77
C THR B 480 37.62 -3.95 3.52
N HIS B 481 37.26 -5.24 3.48
CA HIS B 481 35.86 -5.62 3.27
C HIS B 481 34.93 -4.91 4.24
N GLU B 482 35.33 -4.83 5.51
CA GLU B 482 34.56 -4.08 6.50
C GLU B 482 34.39 -2.63 6.08
N THR B 483 35.50 -1.96 5.75
CA THR B 483 35.44 -0.58 5.27
C THR B 483 34.60 -0.48 4.00
N LEU B 484 34.77 -1.43 3.09
CA LEU B 484 34.13 -1.35 1.78
C LEU B 484 32.61 -1.34 1.88
N LEU B 485 32.04 -2.08 2.84
CA LEU B 485 30.60 -2.22 2.94
C LEU B 485 29.88 -0.90 3.20
N ALA B 486 30.63 0.20 3.21
CA ALA B 486 30.07 1.53 3.37
C ALA B 486 29.27 1.94 2.14
N TYR B 487 29.71 2.99 1.45
CA TYR B 487 28.95 3.56 0.34
C TYR B 487 28.93 2.65 -0.89
N LEU B 488 28.79 1.34 -0.67
CA LEU B 488 28.56 0.42 -1.78
C LEU B 488 27.16 0.61 -2.37
N VAL B 489 26.22 1.16 -1.60
CA VAL B 489 24.86 1.33 -2.09
C VAL B 489 24.79 2.48 -3.09
N ARG B 490 25.56 3.55 -2.86
CA ARG B 490 25.64 4.62 -3.83
C ARG B 490 26.25 4.15 -5.14
N ARG B 491 27.20 3.22 -5.07
CA ARG B 491 27.80 2.64 -6.26
C ARG B 491 26.91 1.61 -6.94
N LEU B 492 25.96 1.03 -6.21
CA LEU B 492 25.09 -0.02 -6.74
C LEU B 492 23.69 0.46 -7.08
N LEU B 493 23.16 1.47 -6.38
CA LEU B 493 21.87 2.03 -6.75
C LEU B 493 21.92 2.63 -8.14
N GLU B 494 23.04 3.27 -8.49
CA GLU B 494 23.25 3.88 -9.80
C GLU B 494 23.64 2.85 -10.86
N ASN B 495 23.05 1.66 -10.81
CA ASN B 495 23.37 0.56 -11.71
C ASN B 495 22.15 -0.35 -11.87
N GLY B 496 21.44 -0.59 -10.77
CA GLY B 496 20.21 -1.36 -10.76
C GLY B 496 18.95 -0.54 -10.96
N ALA B 497 19.07 0.74 -11.30
CA ALA B 497 17.89 1.58 -11.54
C ALA B 497 17.30 1.28 -12.91
N ASN B 498 15.99 1.51 -13.03
CA ASN B 498 15.29 1.20 -14.27
C ASN B 498 15.90 1.96 -15.45
N SER B 499 16.13 3.26 -15.29
CA SER B 499 16.75 4.06 -16.33
C SER B 499 18.22 3.74 -16.55
N SER B 500 18.85 3.01 -15.62
CA SER B 500 20.28 2.73 -15.72
C SER B 500 20.55 1.68 -16.78
N PHE B 501 21.56 1.94 -17.61
CA PHE B 501 21.91 1.02 -18.68
C PHE B 501 22.33 -0.35 -18.14
N VAL B 502 23.02 -0.38 -17.00
CA VAL B 502 23.52 -1.63 -16.45
C VAL B 502 22.36 -2.59 -16.17
N HIS B 503 21.35 -2.11 -15.43
CA HIS B 503 20.18 -2.94 -15.18
C HIS B 503 19.35 -3.16 -16.44
N ARG B 504 19.32 -2.18 -17.34
CA ARG B 504 18.56 -2.33 -18.57
C ARG B 504 19.14 -3.42 -19.46
N ILE B 505 20.47 -3.56 -19.47
CA ILE B 505 21.12 -4.58 -20.29
C ILE B 505 20.81 -5.98 -19.79
N ASN B 506 20.32 -6.12 -18.56
CA ASN B 506 20.06 -7.43 -17.96
C ASN B 506 18.58 -7.67 -17.72
N ASP B 507 17.70 -6.82 -18.25
CA ASP B 507 16.27 -7.05 -18.17
C ASP B 507 15.80 -7.57 -19.53
N PRO B 508 15.25 -8.78 -19.61
CA PRO B 508 14.94 -9.37 -20.92
C PRO B 508 13.75 -8.73 -21.63
N LYS B 509 13.13 -7.70 -21.04
CA LYS B 509 12.05 -7.00 -21.71
C LYS B 509 12.53 -5.79 -22.50
N VAL B 510 13.81 -5.45 -22.42
CA VAL B 510 14.40 -4.34 -23.17
C VAL B 510 15.19 -4.92 -24.34
N SER B 511 15.00 -4.35 -25.52
CA SER B 511 15.66 -4.84 -26.72
C SER B 511 16.95 -4.07 -26.99
N ILE B 512 17.80 -4.66 -27.83
CA ILE B 512 18.99 -3.95 -28.29
C ILE B 512 18.59 -2.63 -28.95
N ASP B 513 17.48 -2.64 -29.68
CA ASP B 513 17.01 -1.42 -30.35
C ASP B 513 16.72 -0.32 -29.34
N GLU B 514 16.03 -0.65 -28.25
CA GLU B 514 15.74 0.33 -27.21
C GLU B 514 17.03 0.88 -26.61
N LEU B 515 17.95 -0.01 -26.24
CA LEU B 515 19.19 0.42 -25.59
C LEU B 515 20.05 1.28 -26.50
N ILE B 516 19.92 1.12 -27.81
CA ILE B 516 20.78 1.85 -28.74
C ILE B 516 20.08 3.10 -29.26
N ALA B 517 18.89 3.38 -28.73
CA ALA B 517 18.16 4.59 -29.11
C ALA B 517 19.04 5.81 -28.86
N ASP B 518 19.05 6.72 -29.83
CA ASP B 518 19.85 7.94 -29.69
C ASP B 518 19.14 8.89 -28.74
N PRO B 519 19.71 9.15 -27.57
CA PRO B 519 19.05 10.10 -26.65
C PRO B 519 18.86 11.47 -27.28
N VAL B 520 19.80 11.88 -28.11
CA VAL B 520 19.74 13.20 -28.72
C VAL B 520 18.51 13.32 -29.59
N GLU B 521 18.26 12.32 -30.44
CA GLU B 521 17.11 12.41 -31.35
C GLU B 521 15.79 12.23 -30.61
N VAL B 522 15.78 11.44 -29.53
CA VAL B 522 14.56 11.34 -28.73
C VAL B 522 14.23 12.70 -28.11
N VAL B 523 15.24 13.36 -27.53
CA VAL B 523 15.02 14.68 -26.95
C VAL B 523 14.58 15.67 -28.02
N ARG B 524 15.28 15.68 -29.17
CA ARG B 524 14.97 16.66 -30.20
C ARG B 524 13.52 16.55 -30.67
N ALA B 525 12.90 15.38 -30.50
CA ALA B 525 11.57 15.12 -31.03
C ALA B 525 10.46 15.38 -30.02
N MET B 526 10.81 15.71 -28.78
CA MET B 526 9.80 15.96 -27.78
C MET B 526 8.99 17.20 -28.14
N PRO B 527 7.72 17.27 -27.70
CA PRO B 527 6.92 18.47 -28.01
C PRO B 527 7.51 19.73 -27.39
N VAL B 528 8.05 19.63 -26.19
CA VAL B 528 8.79 20.72 -25.57
C VAL B 528 10.17 20.20 -25.22
N VAL B 529 11.19 20.72 -25.88
CA VAL B 529 12.55 20.24 -25.68
C VAL B 529 12.99 20.56 -24.25
N GLY B 530 13.37 19.53 -23.51
CA GLY B 530 13.92 19.72 -22.18
C GLY B 530 12.92 19.92 -21.07
N ALA B 531 11.67 19.48 -21.24
CA ALA B 531 10.70 19.60 -20.15
C ALA B 531 11.13 18.80 -18.94
N LYS B 532 10.87 19.37 -17.76
CA LYS B 532 11.07 18.67 -16.49
C LYS B 532 10.32 17.34 -16.50
N HIS B 533 10.89 16.36 -15.79
CA HIS B 533 10.19 15.10 -15.56
C HIS B 533 8.79 15.36 -15.01
N ASP B 534 7.80 14.68 -15.60
CA ASP B 534 6.42 14.93 -15.21
C ASP B 534 6.11 14.52 -13.79
N ARG B 535 6.91 13.63 -13.19
CA ARG B 535 6.62 13.06 -11.89
C ARG B 535 7.56 13.58 -10.81
N ILE B 536 8.27 14.67 -11.07
CA ILE B 536 9.20 15.25 -10.11
C ILE B 536 8.80 16.71 -9.95
N ALA B 537 8.42 17.09 -8.74
CA ALA B 537 7.90 18.42 -8.48
C ALA B 537 9.06 19.40 -8.34
N LEU B 538 8.96 20.53 -9.01
CA LEU B 538 9.82 21.64 -8.63
C LEU B 538 9.63 21.91 -7.15
N PRO B 539 10.66 22.39 -6.46
CA PRO B 539 10.47 22.72 -5.04
C PRO B 539 9.26 23.61 -4.78
N ALA B 540 9.03 24.62 -5.61
CA ALA B 540 7.88 25.48 -5.38
C ALA B 540 6.55 24.74 -5.48
N GLU B 541 6.53 23.58 -6.15
CA GLU B 541 5.27 22.92 -6.49
C GLU B 541 5.06 21.65 -5.67
N LEU B 542 5.76 21.52 -4.53
CA LEU B 542 5.63 20.30 -3.72
C LEU B 542 4.20 20.01 -3.32
N PHE B 543 3.38 21.04 -3.14
CA PHE B 543 2.02 20.87 -2.66
C PHE B 543 1.01 21.02 -3.77
N GLY B 544 1.48 21.07 -5.02
CA GLY B 544 0.55 21.08 -6.15
C GLY B 544 -0.37 22.28 -6.13
N ASP B 545 -1.64 22.03 -6.46
CA ASP B 545 -2.60 23.13 -6.56
C ASP B 545 -3.00 23.70 -5.21
N ALA B 546 -2.66 23.04 -4.10
CA ALA B 546 -3.11 23.47 -2.79
C ALA B 546 -2.50 24.81 -2.38
N ARG B 547 -1.19 24.97 -2.56
CA ARG B 547 -0.51 26.20 -2.21
C ARG B 547 0.90 26.16 -2.79
N THR B 548 1.51 27.34 -2.83
CA THR B 548 2.88 27.48 -3.30
C THR B 548 3.85 27.32 -2.14
N ASN B 549 4.84 26.45 -2.30
CA ASN B 549 5.83 26.24 -1.26
C ASN B 549 6.65 27.50 -1.07
N SER B 550 6.98 27.81 0.18
CA SER B 550 7.93 28.89 0.43
C SER B 550 9.26 28.57 -0.26
N ALA B 551 9.97 29.63 -0.65
CA ALA B 551 11.27 29.50 -1.29
C ALA B 551 12.37 29.90 -0.34
N GLY B 552 13.50 29.20 -0.41
CA GLY B 552 14.67 29.53 0.35
C GLY B 552 15.66 30.35 -0.46
N LEU B 553 16.90 30.35 0.00
CA LEU B 553 18.00 31.03 -0.69
C LEU B 553 19.19 30.08 -0.71
N ASP B 554 19.93 30.08 -1.82
CA ASP B 554 21.04 29.15 -2.00
C ASP B 554 22.31 29.81 -1.49
N LEU B 555 22.75 29.43 -0.29
CA LEU B 555 23.94 30.04 0.27
C LEU B 555 25.21 29.43 -0.28
N SER B 556 25.12 28.62 -1.35
CA SER B 556 26.30 28.21 -2.11
C SER B 556 26.42 28.96 -3.43
N ASN B 557 25.46 29.81 -3.74
CA ASN B 557 25.44 30.55 -4.99
C ASN B 557 26.07 31.93 -4.76
N GLU B 558 27.16 32.22 -5.48
CA GLU B 558 27.90 33.45 -5.22
C GLU B 558 27.07 34.67 -5.54
N GLU B 559 26.23 34.61 -6.58
CA GLU B 559 25.33 35.73 -6.86
C GLU B 559 24.42 35.97 -5.67
N THR B 560 23.83 34.89 -5.15
CA THR B 560 22.96 35.03 -3.98
C THR B 560 23.74 35.59 -2.80
N LEU B 561 24.95 35.09 -2.56
CA LEU B 561 25.72 35.57 -1.41
C LEU B 561 26.06 37.04 -1.57
N ALA B 562 26.38 37.48 -2.78
CA ALA B 562 26.73 38.88 -2.99
C ALA B 562 25.52 39.80 -2.81
N SER B 563 24.35 39.41 -3.34
CA SER B 563 23.18 40.26 -3.17
C SER B 563 22.65 40.19 -1.75
N LEU B 564 22.72 39.00 -1.13
CA LEU B 564 22.32 38.89 0.26
C LEU B 564 23.22 39.73 1.16
N THR B 565 24.54 39.69 0.94
CA THR B 565 25.45 40.54 1.70
C THR B 565 24.99 42.00 1.70
N GLU B 566 24.64 42.51 0.53
CA GLU B 566 24.24 43.91 0.45
C GLU B 566 22.91 44.15 1.16
N ALA B 567 21.97 43.21 0.99
CA ALA B 567 20.67 43.33 1.66
C ALA B 567 20.82 43.26 3.17
N LEU B 568 21.72 42.39 3.65
CA LEU B 568 21.92 42.29 5.09
C LEU B 568 22.58 43.55 5.64
N ARG B 569 23.60 44.05 4.94
CA ARG B 569 24.22 45.31 5.33
C ARG B 569 23.19 46.43 5.39
N GLU B 570 22.36 46.55 4.36
CA GLU B 570 21.35 47.61 4.32
C GLU B 570 20.33 47.45 5.44
N SER B 571 20.03 46.21 5.83
CA SER B 571 19.05 45.98 6.89
C SER B 571 19.56 46.52 8.22
N ALA B 572 20.88 46.47 8.43
CA ALA B 572 21.43 46.99 9.67
C ALA B 572 21.40 48.52 9.72
N ALA B 573 21.30 49.19 8.57
CA ALA B 573 21.24 50.64 8.54
C ALA B 573 19.82 51.17 8.76
N MET B 574 18.81 50.31 8.76
CA MET B 574 17.44 50.76 8.95
C MET B 574 17.15 51.04 10.42
N LYS B 575 16.23 51.97 10.66
CA LYS B 575 15.77 52.24 12.02
C LYS B 575 14.64 51.28 12.33
N TRP B 576 14.97 50.24 13.10
CA TRP B 576 14.00 49.23 13.51
C TRP B 576 13.36 49.62 14.83
N THR B 577 12.03 49.66 14.86
CA THR B 577 11.29 50.02 16.04
C THR B 577 10.16 49.02 16.26
N ALA B 578 9.66 48.99 17.49
CA ALA B 578 8.47 48.22 17.81
C ALA B 578 7.69 49.04 18.81
N LEU B 579 6.43 49.32 18.50
CA LEU B 579 5.60 50.21 19.27
C LEU B 579 4.30 49.50 19.65
N PRO B 580 3.61 49.98 20.68
CA PRO B 580 2.24 49.53 20.90
C PRO B 580 1.37 50.08 19.78
N GLN B 581 1.11 49.24 18.79
CA GLN B 581 0.33 49.66 17.62
C GLN B 581 -1.13 49.31 17.87
N LEU B 582 -1.87 50.28 18.39
CA LEU B 582 -3.29 50.09 18.61
C LEU B 582 -4.06 50.47 17.34
N ALA B 583 -5.37 50.20 17.35
CA ALA B 583 -6.16 50.51 16.16
C ALA B 583 -6.11 51.99 15.83
N THR B 584 -6.01 52.84 16.84
CA THR B 584 -6.02 54.29 16.66
C THR B 584 -4.64 54.87 16.40
N GLY B 585 -3.60 54.03 16.33
CA GLY B 585 -2.26 54.53 16.16
C GLY B 585 -1.34 54.04 17.25
N PRO B 586 -0.05 54.33 17.13
CA PRO B 586 0.91 53.89 18.15
C PRO B 586 0.73 54.67 19.43
N ALA B 587 0.86 53.96 20.55
CA ALA B 587 0.72 54.55 21.85
C ALA B 587 2.09 54.83 22.46
N ALA B 588 2.11 55.80 23.37
CA ALA B 588 3.31 56.08 24.13
C ALA B 588 3.57 54.98 25.15
N GLY B 589 4.82 54.87 25.56
CA GLY B 589 5.19 53.89 26.57
C GLY B 589 6.66 53.99 26.91
N GLU B 590 7.11 53.06 27.76
CA GLU B 590 8.49 53.00 28.17
C GLU B 590 9.35 52.39 27.05
N THR B 591 10.41 53.10 26.68
CA THR B 591 11.24 52.70 25.55
C THR B 591 12.62 52.25 26.01
N ARG B 592 13.13 51.20 25.39
CA ARG B 592 14.49 50.74 25.63
C ARG B 592 15.09 50.21 24.34
N THR B 593 16.41 50.01 24.36
CA THR B 593 17.11 49.48 23.20
C THR B 593 16.96 47.97 23.12
N VAL B 594 17.05 47.46 21.89
CA VAL B 594 17.14 46.03 21.64
C VAL B 594 18.56 45.78 21.17
N LEU B 595 19.27 44.90 21.88
CA LEU B 595 20.68 44.66 21.65
C LEU B 595 20.89 43.28 21.06
N ASN B 596 21.88 43.17 20.20
CA ASN B 596 22.25 41.89 19.61
C ASN B 596 22.70 40.93 20.71
N PRO B 597 22.06 39.78 20.89
CA PRO B 597 22.51 38.86 21.96
C PRO B 597 23.92 38.36 21.77
N GLY B 598 24.44 38.33 20.56
CA GLY B 598 25.81 37.92 20.33
C GLY B 598 26.84 39.02 20.48
N ASP B 599 26.40 40.26 20.69
CA ASP B 599 27.28 41.42 20.82
C ASP B 599 26.44 42.60 21.28
N HIS B 600 26.44 42.86 22.59
CA HIS B 600 25.60 43.91 23.12
C HIS B 600 26.00 45.31 22.65
N ARG B 601 27.16 45.45 21.99
CA ARG B 601 27.52 46.73 21.41
C ARG B 601 26.71 47.03 20.16
N ASP B 602 26.06 46.00 19.59
CA ASP B 602 25.31 46.12 18.36
C ASP B 602 23.87 46.41 18.71
N VAL B 603 23.47 47.67 18.61
CA VAL B 603 22.11 48.09 18.89
C VAL B 603 21.26 47.79 17.66
N VAL B 604 20.29 46.89 17.81
CA VAL B 604 19.49 46.48 16.66
C VAL B 604 18.34 47.45 16.44
N GLY B 605 17.75 47.96 17.51
CA GLY B 605 16.58 48.82 17.36
C GLY B 605 16.08 49.27 18.72
N SER B 606 14.82 49.72 18.75
CA SER B 606 14.24 50.21 19.99
C SER B 606 12.81 49.73 20.11
N VAL B 607 12.40 49.40 21.33
CA VAL B 607 11.06 48.92 21.59
C VAL B 607 10.39 49.83 22.60
N THR B 608 9.16 50.21 22.31
CA THR B 608 8.31 50.94 23.23
C THR B 608 7.27 49.95 23.74
N GLU B 609 7.26 49.72 25.04
CA GLU B 609 6.44 48.65 25.56
C GLU B 609 5.09 49.19 26.05
N THR B 610 4.13 48.28 26.10
CA THR B 610 2.71 48.62 26.26
C THR B 610 2.36 48.74 27.72
N SER B 611 1.65 49.80 28.09
CA SER B 611 1.09 49.86 29.44
C SER B 611 -0.05 48.85 29.58
N GLU B 612 -0.27 48.40 30.81
CA GLU B 612 -1.40 47.49 31.02
C GLU B 612 -2.72 48.17 30.65
N GLU B 613 -2.84 49.47 30.91
CA GLU B 613 -4.05 50.19 30.50
C GLU B 613 -4.23 50.16 28.98
N ASP B 614 -3.15 50.33 28.23
CA ASP B 614 -3.27 50.30 26.77
C ASP B 614 -3.52 48.89 26.26
N ALA B 615 -3.00 47.88 26.96
CA ALA B 615 -3.34 46.51 26.59
C ALA B 615 -4.85 46.28 26.69
N ARG B 616 -5.45 46.73 27.79
CA ARG B 616 -6.90 46.62 27.92
C ARG B 616 -7.61 47.45 26.86
N ARG B 617 -7.11 48.65 26.57
CA ARG B 617 -7.72 49.47 25.54
C ARG B 617 -7.69 48.77 24.19
N ALA B 618 -6.59 48.10 23.88
CA ALA B 618 -6.50 47.38 22.61
C ALA B 618 -7.57 46.30 22.52
N VAL B 619 -7.81 45.59 23.62
CA VAL B 619 -8.78 44.51 23.57
C VAL B 619 -10.17 45.07 23.33
N ARG B 620 -10.47 46.23 23.93
CA ARG B 620 -11.76 46.88 23.66
C ARG B 620 -11.87 47.32 22.21
N LEU B 621 -10.78 47.87 21.65
CA LEU B 621 -10.79 48.25 20.24
C LEU B 621 -10.96 47.01 19.34
N ALA B 622 -10.34 45.90 19.72
CA ALA B 622 -10.53 44.67 18.96
C ALA B 622 -11.98 44.21 19.03
N ALA B 623 -12.58 44.30 20.22
CA ALA B 623 -13.97 43.90 20.37
C ALA B 623 -14.89 44.77 19.52
N ASP B 624 -14.62 46.08 19.49
CA ASP B 624 -15.42 47.00 18.70
C ASP B 624 -15.42 46.61 17.22
N ALA B 625 -14.26 46.21 16.71
CA ALA B 625 -14.12 45.94 15.29
C ALA B 625 -14.33 44.48 14.94
N ALA B 626 -14.62 43.63 15.93
CA ALA B 626 -14.77 42.20 15.63
C ALA B 626 -15.84 41.92 14.59
N PRO B 627 -17.04 42.52 14.63
CA PRO B 627 -18.03 42.21 13.58
C PRO B 627 -17.57 42.60 12.19
N ASP B 628 -16.88 43.74 12.04
CA ASP B 628 -16.42 44.16 10.72
C ASP B 628 -15.44 43.15 10.13
N TRP B 629 -14.54 42.62 10.96
CA TRP B 629 -13.56 41.69 10.41
C TRP B 629 -14.18 40.33 10.12
N ALA B 630 -15.09 39.89 10.99
CA ALA B 630 -15.76 38.62 10.74
C ALA B 630 -16.54 38.67 9.44
N ALA B 631 -17.01 39.85 9.06
CA ALA B 631 -17.81 40.03 7.85
C ALA B 631 -16.98 40.02 6.57
N VAL B 632 -15.66 40.09 6.66
CA VAL B 632 -14.81 39.93 5.48
C VAL B 632 -14.87 38.45 5.11
N PRO B 633 -15.24 38.10 3.89
CA PRO B 633 -15.42 36.69 3.55
C PRO B 633 -14.15 35.91 3.78
N PRO B 634 -14.26 34.65 4.21
CA PRO B 634 -13.06 33.83 4.44
C PRO B 634 -12.07 33.83 3.29
N SER B 635 -12.54 33.72 2.05
CA SER B 635 -11.60 33.71 0.92
C SER B 635 -10.82 35.03 0.84
N GLU B 636 -11.44 36.15 1.22
CA GLU B 636 -10.73 37.42 1.19
C GLU B 636 -9.78 37.55 2.37
N ARG B 637 -10.18 37.05 3.54
CA ARG B 637 -9.23 37.00 4.64
C ARG B 637 -8.03 36.14 4.27
N ALA B 638 -8.28 34.99 3.62
CA ALA B 638 -7.19 34.15 3.17
C ALA B 638 -6.34 34.87 2.11
N ALA B 639 -6.97 35.69 1.25
CA ALA B 639 -6.18 36.46 0.28
C ALA B 639 -5.20 37.40 0.98
N CYS B 640 -5.60 37.98 2.14
CA CYS B 640 -4.68 38.81 2.89
C CYS B 640 -3.48 38.01 3.36
N LEU B 641 -3.72 36.79 3.83
CA LEU B 641 -2.60 35.94 4.25
C LEU B 641 -1.68 35.65 3.07
N ASP B 642 -2.26 35.32 1.91
CA ASP B 642 -1.41 35.01 0.76
C ASP B 642 -0.61 36.23 0.32
N ARG B 643 -1.21 37.42 0.37
CA ARG B 643 -0.46 38.63 0.04
C ARG B 643 0.67 38.85 1.03
N ALA B 644 0.42 38.63 2.31
CA ALA B 644 1.47 38.79 3.31
C ALA B 644 2.61 37.81 3.03
N ALA B 645 2.28 36.58 2.63
CA ALA B 645 3.33 35.63 2.31
C ALA B 645 4.16 36.10 1.13
N GLU B 646 3.53 36.69 0.12
CA GLU B 646 4.27 37.24 -1.02
C GLU B 646 5.23 38.32 -0.57
N LEU B 647 4.79 39.16 0.37
CA LEU B 647 5.65 40.23 0.86
C LEU B 647 6.81 39.69 1.67
N MET B 648 6.54 38.72 2.55
CA MET B 648 7.64 38.12 3.31
C MET B 648 8.63 37.42 2.39
N GLN B 649 8.14 36.77 1.34
CA GLN B 649 9.03 36.10 0.41
C GLN B 649 9.93 37.11 -0.29
N ALA B 650 9.32 38.18 -0.81
CA ALA B 650 10.08 39.22 -1.51
C ALA B 650 11.07 39.91 -0.60
N ARG B 651 10.74 40.05 0.68
CA ARG B 651 11.56 40.79 1.62
C ARG B 651 12.39 39.89 2.51
N MET B 652 12.47 38.61 2.18
CA MET B 652 13.23 37.68 3.02
C MET B 652 14.66 38.13 3.30
N PRO B 653 15.43 38.70 2.36
CA PRO B 653 16.81 39.09 2.72
C PRO B 653 16.85 40.08 3.85
N THR B 654 15.96 41.09 3.83
CA THR B 654 15.90 42.07 4.90
C THR B 654 15.43 41.44 6.20
N LEU B 655 14.38 40.63 6.14
CA LEU B 655 13.92 39.95 7.34
C LEU B 655 15.01 39.08 7.94
N LEU B 656 15.81 38.41 7.09
CA LEU B 656 16.91 37.60 7.59
C LEU B 656 17.87 38.44 8.43
N GLY B 657 18.23 39.61 7.91
CA GLY B 657 19.15 40.47 8.63
C GLY B 657 18.67 40.82 10.01
N LEU B 658 17.38 41.15 10.13
CA LEU B 658 16.85 41.48 11.44
C LEU B 658 16.83 40.26 12.36
N ILE B 659 16.41 39.10 11.84
CA ILE B 659 16.33 37.90 12.69
C ILE B 659 17.71 37.48 13.15
N ILE B 660 18.70 37.56 12.24
CA ILE B 660 20.07 37.19 12.59
C ILE B 660 20.55 38.03 13.76
N ARG B 661 20.30 39.32 13.71
CA ARG B 661 20.85 40.24 14.70
C ARG B 661 19.99 40.34 15.97
N GLU B 662 18.66 40.20 15.87
CA GLU B 662 17.84 40.32 17.06
C GLU B 662 17.78 39.03 17.86
N ALA B 663 17.78 37.88 17.20
CA ALA B 663 17.43 36.62 17.85
C ALA B 663 18.57 35.60 17.85
N GLY B 664 19.78 36.00 17.47
CA GLY B 664 20.90 35.08 17.53
C GLY B 664 20.89 33.97 16.52
N LYS B 665 20.19 34.14 15.40
CA LYS B 665 20.05 33.07 14.43
C LYS B 665 21.14 33.15 13.36
N SER B 666 21.56 31.98 12.90
CA SER B 666 22.39 31.93 11.71
C SER B 666 21.56 32.22 10.48
N ALA B 667 22.25 32.49 9.36
CA ALA B 667 21.56 32.75 8.10
C ALA B 667 20.62 31.61 7.72
N LEU B 668 21.11 30.37 7.81
CA LEU B 668 20.27 29.22 7.43
C LEU B 668 19.05 29.12 8.33
N ASN B 669 19.23 29.38 9.62
CA ASN B 669 18.08 29.28 10.49
C ASN B 669 17.13 30.46 10.34
N ALA B 670 17.65 31.62 9.94
CA ALA B 670 16.77 32.74 9.67
C ALA B 670 15.98 32.52 8.38
N ILE B 671 16.60 31.90 7.38
CA ILE B 671 15.85 31.49 6.19
C ILE B 671 14.72 30.55 6.58
N ALA B 672 15.03 29.54 7.39
CA ALA B 672 14.00 28.59 7.78
C ALA B 672 12.90 29.29 8.56
N GLU B 673 13.26 30.27 9.37
CA GLU B 673 12.29 31.05 10.13
C GLU B 673 11.32 31.78 9.22
N VAL B 674 11.84 32.53 8.24
CA VAL B 674 10.96 33.26 7.33
C VAL B 674 10.15 32.31 6.46
N ARG B 675 10.78 31.23 5.98
CA ARG B 675 10.03 30.26 5.17
C ARG B 675 8.84 29.70 5.95
N GLU B 676 9.07 29.39 7.22
CA GLU B 676 7.98 28.82 8.02
CA GLU B 676 7.99 28.83 8.03
C GLU B 676 6.84 29.81 8.19
N ALA B 677 7.15 31.09 8.39
CA ALA B 677 6.10 32.11 8.46
C ALA B 677 5.29 32.14 7.17
N ILE B 678 5.99 32.13 6.03
CA ILE B 678 5.33 32.10 4.73
C ILE B 678 4.45 30.87 4.61
N ASP B 679 4.96 29.71 5.02
CA ASP B 679 4.19 28.48 4.90
C ASP B 679 2.96 28.50 5.82
N PHE B 680 3.08 29.02 7.04
CA PHE B 680 1.90 29.18 7.88
C PHE B 680 0.86 30.02 7.18
N LEU B 681 1.28 31.16 6.63
CA LEU B 681 0.34 32.05 5.97
C LEU B 681 -0.40 31.32 4.85
N ARG B 682 0.36 30.68 3.97
CA ARG B 682 -0.26 30.03 2.82
C ARG B 682 -1.04 28.79 3.23
N TYR B 683 -0.59 28.08 4.25
CA TYR B 683 -1.31 26.89 4.68
C TYR B 683 -2.64 27.25 5.32
N TYR B 684 -2.63 28.20 6.25
CA TYR B 684 -3.91 28.56 6.87
C TYR B 684 -4.84 29.23 5.86
N ALA B 685 -4.27 29.93 4.87
CA ALA B 685 -5.10 30.47 3.79
C ALA B 685 -5.80 29.35 3.04
N GLU B 686 -5.05 28.32 2.64
CA GLU B 686 -5.66 27.21 1.90
C GLU B 686 -6.63 26.44 2.79
N GLN B 687 -6.25 26.15 4.03
CA GLN B 687 -7.17 25.43 4.90
C GLN B 687 -8.47 26.19 5.09
N THR B 688 -8.39 27.52 5.16
CA THR B 688 -9.59 28.34 5.19
C THR B 688 -10.44 28.15 3.93
N ARG B 689 -9.79 28.25 2.77
CA ARG B 689 -10.52 28.07 1.52
C ARG B 689 -11.17 26.70 1.42
N ARG B 690 -10.61 25.69 2.11
CA ARG B 690 -11.19 24.35 2.10
C ARG B 690 -12.33 24.16 3.08
N THR B 691 -12.48 25.04 4.09
CA THR B 691 -13.39 24.72 5.17
C THR B 691 -14.40 25.79 5.57
N LEU B 692 -13.99 27.05 5.72
CA LEU B 692 -14.80 27.98 6.50
C LEU B 692 -15.98 28.52 5.70
N GLY B 693 -17.16 28.42 6.29
CA GLY B 693 -18.38 28.94 5.74
C GLY B 693 -19.12 29.74 6.78
N PRO B 694 -20.35 30.16 6.47
CA PRO B 694 -21.02 31.14 7.34
C PRO B 694 -21.33 30.63 8.73
N GLY B 695 -21.52 29.33 8.90
CA GLY B 695 -21.81 28.78 10.21
C GLY B 695 -20.61 28.59 11.11
N HIS B 696 -19.41 28.92 10.64
CA HIS B 696 -18.21 28.77 11.46
C HIS B 696 -17.84 30.14 12.00
N GLY B 697 -18.58 30.56 13.02
CA GLY B 697 -18.44 31.88 13.57
C GLY B 697 -17.15 32.07 14.34
N PRO B 698 -16.57 33.26 14.25
CA PRO B 698 -15.35 33.54 15.02
C PRO B 698 -15.63 33.56 16.52
N LEU B 699 -14.57 33.35 17.28
CA LEU B 699 -14.65 33.51 18.73
C LEU B 699 -14.81 34.97 19.12
N GLY B 700 -14.06 35.86 18.47
CA GLY B 700 -13.91 37.22 18.94
C GLY B 700 -12.44 37.54 19.11
N PRO B 701 -12.12 38.61 19.85
CA PRO B 701 -10.72 39.00 20.02
C PRO B 701 -9.89 37.85 20.56
N ILE B 702 -8.81 37.54 19.87
CA ILE B 702 -7.89 36.48 20.28
C ILE B 702 -6.56 37.12 20.65
N VAL B 703 -6.06 36.74 21.82
CA VAL B 703 -4.76 37.16 22.31
C VAL B 703 -3.75 36.12 21.86
N CYS B 704 -2.74 36.55 21.11
CA CYS B 704 -1.68 35.65 20.62
C CYS B 704 -0.41 36.01 21.33
N ILE B 705 0.11 35.08 22.13
CA ILE B 705 1.30 35.27 22.95
C ILE B 705 2.35 34.26 22.47
N SER B 706 3.53 34.75 22.11
CA SER B 706 4.48 33.97 21.35
C SER B 706 5.84 33.96 22.05
N PRO B 707 6.66 32.95 21.77
CA PRO B 707 7.97 32.82 22.40
C PRO B 707 9.02 33.59 21.61
N TRP B 708 10.17 33.80 22.25
CA TRP B 708 11.23 34.52 21.55
C TRP B 708 11.94 33.65 20.51
N ASN B 709 11.92 32.33 20.66
CA ASN B 709 12.95 31.53 19.99
C ASN B 709 12.63 31.27 18.53
N PHE B 710 11.36 31.33 18.15
CA PHE B 710 10.93 31.34 16.75
C PHE B 710 10.19 32.66 16.56
N PRO B 711 10.93 33.78 16.51
CA PRO B 711 10.30 35.09 16.74
C PRO B 711 9.46 35.60 15.59
N LEU B 712 9.59 35.03 14.38
CA LEU B 712 8.69 35.35 13.28
C LEU B 712 7.74 34.22 12.93
N ALA B 713 8.21 32.97 12.99
CA ALA B 713 7.41 31.85 12.49
C ALA B 713 6.21 31.58 13.39
N ILE B 714 6.43 31.31 14.67
CA ILE B 714 5.28 31.02 15.53
C ILE B 714 4.46 32.27 15.75
N PHE B 715 5.13 33.42 15.91
CA PHE B 715 4.43 34.70 15.97
C PHE B 715 3.43 34.83 14.82
N THR B 716 3.90 34.60 13.59
CA THR B 716 3.04 34.76 12.42
C THR B 716 1.99 33.68 12.33
N GLY B 717 2.37 32.43 12.62
CA GLY B 717 1.42 31.33 12.53
C GLY B 717 0.20 31.52 13.40
N GLN B 718 0.39 31.84 14.67
CA GLN B 718 -0.75 31.99 15.56
C GLN B 718 -1.64 33.15 15.09
N ILE B 719 -1.01 34.26 14.73
CA ILE B 719 -1.77 35.44 14.32
C ILE B 719 -2.53 35.18 13.04
N ALA B 720 -1.88 34.55 12.08
CA ALA B 720 -2.50 34.30 10.80
C ALA B 720 -3.72 33.42 10.95
N ALA B 721 -3.60 32.37 11.76
CA ALA B 721 -4.71 31.44 11.96
C ALA B 721 -5.88 32.15 12.63
N ALA B 722 -5.62 32.90 13.69
CA ALA B 722 -6.71 33.61 14.35
C ALA B 722 -7.38 34.59 13.39
N LEU B 723 -6.58 35.35 12.64
CA LEU B 723 -7.13 36.32 11.70
C LEU B 723 -7.97 35.65 10.64
N VAL B 724 -7.44 34.60 10.01
CA VAL B 724 -8.15 34.05 8.85
C VAL B 724 -9.42 33.33 9.31
N ALA B 725 -9.45 32.86 10.54
CA ALA B 725 -10.67 32.32 11.12
C ALA B 725 -11.70 33.41 11.46
N GLY B 726 -11.37 34.68 11.26
CA GLY B 726 -12.34 35.74 11.44
C GLY B 726 -12.23 36.51 12.74
N ASN B 727 -11.11 36.36 13.46
CA ASN B 727 -10.91 36.94 14.78
C ASN B 727 -9.93 38.09 14.70
N PRO B 728 -10.24 39.24 15.29
CA PRO B 728 -9.22 40.27 15.46
C PRO B 728 -8.21 39.79 16.49
N VAL B 729 -6.98 40.25 16.34
CA VAL B 729 -5.86 39.70 17.10
C VAL B 729 -5.16 40.79 17.90
N LEU B 730 -4.85 40.46 19.15
CA LEU B 730 -3.93 41.23 19.97
C LEU B 730 -2.63 40.44 20.01
N ALA B 731 -1.58 40.97 19.40
CA ALA B 731 -0.34 40.23 19.24
C ALA B 731 0.68 40.69 20.26
N LYS B 732 1.05 39.80 21.18
CA LYS B 732 2.00 40.09 22.25
C LYS B 732 3.27 39.28 22.03
N PRO B 733 4.28 39.84 21.38
CA PRO B 733 5.51 39.10 21.14
C PRO B 733 6.34 39.02 22.41
N ALA B 734 7.23 38.06 22.42
CA ALA B 734 8.17 37.92 23.53
C ALA B 734 8.96 39.22 23.71
N GLU B 735 9.31 39.51 24.98
CA GLU B 735 10.01 40.76 25.24
C GLU B 735 11.39 40.79 24.63
N GLU B 736 11.99 39.63 24.37
CA GLU B 736 13.33 39.57 23.80
C GLU B 736 13.36 39.95 22.31
N THR B 737 12.27 39.73 21.58
CA THR B 737 12.31 39.80 20.11
C THR B 737 11.13 40.59 19.57
N PRO B 738 10.96 41.84 20.01
CA PRO B 738 9.82 42.63 19.50
C PRO B 738 9.99 43.15 18.09
N LEU B 739 11.23 43.31 17.61
CA LEU B 739 11.42 44.02 16.34
C LEU B 739 10.91 43.22 15.17
N ILE B 740 11.27 41.93 15.09
CA ILE B 740 10.80 41.14 13.95
C ILE B 740 9.29 40.95 14.04
N ALA B 741 8.75 40.90 15.27
CA ALA B 741 7.29 40.83 15.44
C ALA B 741 6.62 42.07 14.88
N ALA B 742 7.16 43.25 15.21
CA ALA B 742 6.61 44.51 14.66
C ALA B 742 6.63 44.47 13.14
N GLU B 743 7.69 43.92 12.56
CA GLU B 743 7.79 43.86 11.11
C GLU B 743 6.75 42.90 10.54
N GLY B 744 6.53 41.77 11.23
CA GLY B 744 5.45 40.87 10.83
C GLY B 744 4.12 41.58 10.80
N VAL B 745 3.84 42.39 11.81
CA VAL B 745 2.57 43.12 11.85
C VAL B 745 2.52 44.16 10.75
N ARG B 746 3.64 44.86 10.48
CA ARG B 746 3.65 45.78 9.34
C ARG B 746 3.24 45.07 8.07
N ILE B 747 3.79 43.88 7.85
CA ILE B 747 3.56 43.18 6.58
C ILE B 747 2.12 42.71 6.48
N LEU B 748 1.59 42.17 7.57
CA LEU B 748 0.19 41.73 7.56
C LEU B 748 -0.74 42.90 7.34
N ARG B 749 -0.47 44.05 7.98
CA ARG B 749 -1.31 45.22 7.72
C ARG B 749 -1.17 45.66 6.27
N GLU B 750 0.06 45.66 5.75
CA GLU B 750 0.25 46.07 4.36
C GLU B 750 -0.50 45.15 3.41
N ALA B 751 -0.59 43.87 3.78
CA ALA B 751 -1.29 42.89 2.95
C ALA B 751 -2.80 42.98 3.04
N GLY B 752 -3.34 43.85 3.91
CA GLY B 752 -4.78 44.03 3.94
C GLY B 752 -5.45 43.83 5.28
N ILE B 753 -4.72 43.38 6.30
CA ILE B 753 -5.35 43.19 7.60
C ILE B 753 -5.59 44.57 8.21
N PRO B 754 -6.83 44.93 8.55
CA PRO B 754 -7.10 46.27 9.07
C PRO B 754 -6.38 46.50 10.39
N ALA B 755 -6.07 47.77 10.67
CA ALA B 755 -5.40 48.11 11.92
C ALA B 755 -6.21 47.64 13.13
N SER B 756 -7.54 47.74 13.06
CA SER B 756 -8.33 47.28 14.21
C SER B 756 -8.34 45.78 14.34
N ALA B 757 -8.03 45.05 13.27
CA ALA B 757 -7.99 43.60 13.35
C ALA B 757 -6.65 43.06 13.84
N LEU B 758 -5.59 43.87 13.85
CA LEU B 758 -4.29 43.35 14.24
C LEU B 758 -3.51 44.46 14.94
N GLN B 759 -3.40 44.32 16.25
CA GLN B 759 -2.71 45.29 17.09
C GLN B 759 -1.52 44.59 17.72
N LEU B 760 -0.41 45.32 17.80
CA LEU B 760 0.83 44.80 18.38
C LEU B 760 1.05 45.42 19.75
N LEU B 761 1.24 44.59 20.78
CA LEU B 761 1.44 45.06 22.15
C LEU B 761 2.78 44.52 22.64
N PRO B 762 3.89 45.20 22.35
CA PRO B 762 5.17 44.74 22.89
C PRO B 762 5.20 44.88 24.39
N GLY B 763 6.05 44.06 25.02
CA GLY B 763 6.29 44.14 26.43
C GLY B 763 6.51 42.76 27.02
N ASP B 764 6.55 42.70 28.35
CA ASP B 764 6.91 41.46 28.99
C ASP B 764 5.66 40.69 29.39
N GLY B 765 5.80 39.73 30.30
CA GLY B 765 4.68 38.87 30.66
C GLY B 765 3.53 39.60 31.31
N ARG B 766 3.79 40.75 31.94
CA ARG B 766 2.71 41.56 32.48
C ARG B 766 1.77 42.04 31.38
N VAL B 767 2.31 42.33 30.20
CA VAL B 767 1.45 42.74 29.10
C VAL B 767 0.62 41.54 28.60
N GLY B 768 1.25 40.38 28.46
CA GLY B 768 0.49 39.19 28.14
C GLY B 768 -0.61 38.92 29.14
N ALA B 769 -0.30 39.04 30.43
CA ALA B 769 -1.30 38.74 31.45
C ALA B 769 -2.46 39.73 31.39
N ALA B 770 -2.17 41.02 31.17
CA ALA B 770 -3.23 42.01 31.07
C ALA B 770 -4.14 41.73 29.89
N LEU B 771 -3.56 41.28 28.77
CA LEU B 771 -4.38 40.94 27.61
C LEU B 771 -5.28 39.75 27.91
N VAL B 772 -4.70 38.71 28.52
CA VAL B 772 -5.45 37.49 28.82
C VAL B 772 -6.62 37.80 29.74
N ALA B 773 -6.41 38.67 30.74
CA ALA B 773 -7.45 38.94 31.73
C ALA B 773 -8.52 39.91 31.24
N ALA B 774 -8.32 40.54 30.08
CA ALA B 774 -9.26 41.55 29.62
C ALA B 774 -10.63 40.96 29.35
N ALA B 775 -11.66 41.76 29.63
CA ALA B 775 -13.04 41.27 29.63
C ALA B 775 -13.44 40.70 28.26
N GLU B 776 -13.01 41.33 27.18
CA GLU B 776 -13.49 40.95 25.85
C GLU B 776 -12.63 39.86 25.19
N THR B 777 -11.57 39.41 25.85
CA THR B 777 -10.74 38.37 25.26
C THR B 777 -11.56 37.09 25.11
N ALA B 778 -11.63 36.56 23.88
CA ALA B 778 -12.48 35.43 23.57
C ALA B 778 -11.70 34.16 23.30
N GLY B 779 -10.37 34.23 23.27
CA GLY B 779 -9.54 33.05 23.10
C GLY B 779 -8.09 33.45 23.20
N VAL B 780 -7.26 32.47 23.55
CA VAL B 780 -5.84 32.72 23.72
C VAL B 780 -5.06 31.65 22.98
N MET B 781 -4.08 32.08 22.19
CA MET B 781 -3.12 31.17 21.56
C MET B 781 -1.77 31.46 22.19
N PHE B 782 -1.25 30.49 22.93
CA PHE B 782 -0.01 30.63 23.66
C PHE B 782 0.99 29.60 23.20
N THR B 783 2.23 30.03 22.98
CA THR B 783 3.35 29.12 22.78
C THR B 783 4.47 29.65 23.66
N GLY B 784 5.02 28.77 24.49
CA GLY B 784 5.98 29.21 25.49
C GLY B 784 6.18 28.11 26.52
N SER B 785 6.67 28.50 27.68
CA SER B 785 6.95 27.53 28.72
C SER B 785 5.66 26.98 29.33
N THR B 786 5.73 25.73 29.78
CA THR B 786 4.58 25.14 30.47
C THR B 786 4.20 25.95 31.70
N GLU B 787 5.20 26.47 32.42
CA GLU B 787 4.92 27.22 33.65
C GLU B 787 4.04 28.44 33.37
N VAL B 788 4.36 29.19 32.29
CA VAL B 788 3.59 30.37 31.96
C VAL B 788 2.20 29.97 31.47
N ALA B 789 2.12 28.89 30.68
CA ALA B 789 0.82 28.45 30.19
C ALA B 789 -0.11 28.16 31.34
N ARG B 790 0.42 27.59 32.43
CA ARG B 790 -0.42 27.26 33.57
C ARG B 790 -0.99 28.52 34.20
N LEU B 791 -0.22 29.59 34.23
CA LEU B 791 -0.73 30.85 34.76
C LEU B 791 -1.84 31.40 33.88
N ILE B 792 -1.67 31.32 32.56
CA ILE B 792 -2.69 31.80 31.64
C ILE B 792 -3.96 30.98 31.78
N GLN B 793 -3.79 29.66 31.86
CA GLN B 793 -4.93 28.76 32.04
C GLN B 793 -5.72 29.11 33.30
N ALA B 794 -5.02 29.40 34.40
CA ALA B 794 -5.72 29.78 35.63
C ALA B 794 -6.52 31.06 35.44
N GLN B 795 -5.93 32.06 34.78
CA GLN B 795 -6.65 33.32 34.61
C GLN B 795 -7.90 33.12 33.78
N LEU B 796 -7.81 32.31 32.71
CA LEU B 796 -8.96 32.11 31.83
C LEU B 796 -10.08 31.33 32.51
N ALA B 797 -9.73 30.42 33.42
CA ALA B 797 -10.73 29.61 34.09
C ALA B 797 -11.62 30.43 34.99
N ASP B 798 -11.21 31.64 35.37
CA ASP B 798 -12.09 32.50 36.14
C ASP B 798 -13.22 33.08 35.31
N ARG B 799 -13.15 32.97 33.98
CA ARG B 799 -14.05 33.69 33.11
C ARG B 799 -14.79 32.74 32.18
N LEU B 800 -15.83 33.28 31.54
CA LEU B 800 -16.65 32.57 30.57
C LEU B 800 -16.92 33.50 29.41
N SER B 801 -17.17 32.92 28.24
CA SER B 801 -17.60 33.69 27.10
C SER B 801 -18.98 34.27 27.38
N PRO B 802 -19.40 35.28 26.61
CA PRO B 802 -20.79 35.77 26.73
C PRO B 802 -21.83 34.67 26.59
N ALA B 803 -21.51 33.58 25.90
CA ALA B 803 -22.38 32.41 25.78
C ALA B 803 -22.20 31.43 26.93
N GLY B 804 -21.42 31.78 27.94
CA GLY B 804 -21.27 30.93 29.11
C GLY B 804 -20.43 29.69 28.89
N ARG B 805 -19.41 29.76 28.04
CA ARG B 805 -18.57 28.61 27.76
C ARG B 805 -17.11 28.95 28.04
N PRO B 806 -16.27 27.95 28.28
CA PRO B 806 -14.85 28.22 28.56
C PRO B 806 -14.18 28.95 27.40
N ILE B 807 -13.29 29.87 27.75
CA ILE B 807 -12.48 30.59 26.77
C ILE B 807 -11.45 29.63 26.21
N PRO B 808 -11.40 29.39 24.90
CA PRO B 808 -10.44 28.41 24.35
C PRO B 808 -9.01 28.85 24.54
N LEU B 809 -8.16 27.90 24.93
CA LEU B 809 -6.74 28.14 25.04
C LEU B 809 -6.01 27.08 24.24
N ILE B 810 -5.18 27.50 23.29
CA ILE B 810 -4.19 26.61 22.70
C ILE B 810 -2.89 26.92 23.41
N ALA B 811 -2.31 25.91 24.05
CA ALA B 811 -1.10 26.14 24.84
C ALA B 811 -0.07 25.09 24.42
N GLU B 812 0.87 25.53 23.60
CA GLU B 812 1.88 24.66 23.01
C GLU B 812 3.18 24.96 23.74
N THR B 813 3.68 23.96 24.47
CA THR B 813 4.64 24.24 25.52
C THR B 813 5.94 23.43 25.36
N GLY B 814 6.62 23.14 26.47
CA GLY B 814 7.99 22.69 26.38
C GLY B 814 8.13 21.23 26.00
N GLY B 815 9.39 20.79 25.91
CA GLY B 815 9.69 19.39 25.61
C GLY B 815 10.90 18.94 26.40
N GLN B 816 11.03 17.61 26.52
CA GLN B 816 12.23 16.97 27.06
C GLN B 816 12.62 15.86 26.08
N ASN B 817 13.13 16.26 24.93
CA ASN B 817 13.08 15.43 23.74
C ASN B 817 14.26 14.47 23.67
N ALA B 818 13.96 13.21 23.40
CA ALA B 818 14.97 12.16 23.34
C ALA B 818 15.20 11.69 21.92
N MET B 819 16.38 11.16 21.68
CA MET B 819 16.67 10.39 20.47
C MET B 819 17.27 9.08 20.92
N ILE B 820 16.70 7.98 20.44
CA ILE B 820 17.21 6.65 20.74
C ILE B 820 18.00 6.16 19.53
N VAL B 821 19.21 5.66 19.78
CA VAL B 821 20.13 5.21 18.74
C VAL B 821 20.57 3.79 19.11
N ASP B 822 20.33 2.83 18.21
CA ASP B 822 20.79 1.47 18.49
C ASP B 822 22.06 1.17 17.69
N SER B 823 22.58 -0.04 17.85
CA SER B 823 23.86 -0.37 17.23
C SER B 823 23.78 -0.57 15.72
N SER B 824 22.59 -0.50 15.11
CA SER B 824 22.50 -0.59 13.67
C SER B 824 22.59 0.77 12.99
N ALA B 825 22.50 1.86 13.75
CA ALA B 825 22.51 3.18 13.15
C ALA B 825 23.88 3.48 12.56
N LEU B 826 23.91 4.36 11.56
CA LEU B 826 25.16 4.82 10.97
C LEU B 826 25.69 6.00 11.78
N ALA B 827 26.88 5.82 12.39
CA ALA B 827 27.36 6.80 13.37
C ALA B 827 27.48 8.19 12.77
N GLU B 828 28.00 8.29 11.54
CA GLU B 828 28.14 9.60 10.91
C GLU B 828 26.79 10.30 10.77
N GLN B 829 25.76 9.54 10.43
CA GLN B 829 24.42 10.11 10.28
C GLN B 829 23.88 10.57 11.63
N VAL B 830 24.03 9.74 12.65
CA VAL B 830 23.59 10.09 14.00
C VAL B 830 24.26 11.39 14.42
N VAL B 831 25.58 11.47 14.25
CA VAL B 831 26.31 12.62 14.75
C VAL B 831 25.83 13.90 14.06
N GLY B 832 25.64 13.86 12.75
CA GLY B 832 25.14 15.04 12.07
C GLY B 832 23.77 15.45 12.57
N ASP B 833 22.90 14.47 12.81
CA ASP B 833 21.55 14.78 13.27
C ASP B 833 21.53 15.21 14.73
N VAL B 834 22.49 14.71 15.53
CA VAL B 834 22.57 15.16 16.92
C VAL B 834 23.06 16.60 16.97
N ILE B 835 24.08 16.93 16.18
CA ILE B 835 24.60 18.29 16.21
C ILE B 835 23.54 19.26 15.78
N THR B 836 22.82 18.93 14.71
CA THR B 836 21.70 19.75 14.26
C THR B 836 20.63 19.86 15.35
N SER B 837 20.20 18.72 15.87
CA SER B 837 19.05 18.75 16.76
C SER B 837 19.38 19.37 18.10
N ALA B 838 20.58 19.10 18.62
CA ALA B 838 20.91 19.53 19.97
C ALA B 838 21.51 20.93 20.03
N PHE B 839 22.30 21.32 19.04
CA PHE B 839 23.14 22.51 19.18
C PHE B 839 22.87 23.60 18.16
N ASP B 840 22.21 23.29 17.04
CA ASP B 840 21.70 24.34 16.16
C ASP B 840 20.88 25.33 16.98
N SER B 841 21.07 26.62 16.69
CA SER B 841 20.39 27.68 17.42
C SER B 841 20.71 27.62 18.90
N ALA B 842 21.88 27.09 19.23
CA ALA B 842 22.31 26.88 20.62
C ALA B 842 21.24 26.15 21.42
N GLY B 843 20.59 25.18 20.79
CA GLY B 843 19.60 24.37 21.46
C GLY B 843 18.34 25.14 21.82
N GLN B 844 18.15 26.32 21.24
CA GLN B 844 17.01 27.15 21.59
C GLN B 844 15.85 26.91 20.64
N ARG B 845 15.50 25.62 20.52
CA ARG B 845 14.30 25.17 19.84
C ARG B 845 13.50 24.32 20.81
N CYS B 846 12.18 24.47 20.81
CA CYS B 846 11.38 23.58 21.65
C CYS B 846 11.57 22.13 21.23
N SER B 847 11.84 21.91 19.95
CA SER B 847 12.07 20.58 19.38
C SER B 847 13.46 20.03 19.66
N ALA B 848 14.36 20.82 20.27
CA ALA B 848 15.76 20.46 20.34
C ALA B 848 15.97 19.13 21.07
N LEU B 849 16.98 18.38 20.61
CA LEU B 849 17.37 17.14 21.28
C LEU B 849 17.98 17.43 22.64
N ARG B 850 17.36 16.89 23.71
CA ARG B 850 17.82 17.07 25.08
C ARG B 850 18.47 15.84 25.68
N VAL B 851 18.07 14.65 25.24
CA VAL B 851 18.56 13.40 25.82
C VAL B 851 18.90 12.43 24.70
N LEU B 852 20.19 12.17 24.50
CA LEU B 852 20.66 11.22 23.50
C LEU B 852 20.85 9.88 24.17
N CYS B 853 20.12 8.86 23.73
CA CYS B 853 20.16 7.53 24.31
C CYS B 853 20.90 6.59 23.36
N LEU B 854 22.07 6.12 23.78
CA LEU B 854 22.97 5.35 22.93
C LEU B 854 23.04 3.92 23.43
N GLN B 855 22.83 2.96 22.52
CA GLN B 855 23.04 1.57 22.90
C GLN B 855 24.47 1.40 23.39
N GLU B 856 24.62 0.63 24.48
CA GLU B 856 25.88 0.61 25.22
C GLU B 856 27.07 0.28 24.31
N ASP B 857 26.85 -0.63 23.35
CA ASP B 857 27.94 -1.16 22.54
C ASP B 857 28.50 -0.16 21.54
N VAL B 858 27.73 0.86 21.16
CA VAL B 858 28.21 1.87 20.22
C VAL B 858 28.40 3.22 20.87
N ALA B 859 28.12 3.35 22.18
CA ALA B 859 28.09 4.67 22.80
C ALA B 859 29.44 5.37 22.71
N ASP B 860 30.52 4.67 23.06
CA ASP B 860 31.84 5.30 23.08
C ASP B 860 32.25 5.78 21.69
N ARG B 861 32.04 4.97 20.66
CA ARG B 861 32.46 5.38 19.33
C ARG B 861 31.65 6.57 18.83
N ILE B 862 30.34 6.56 19.08
CA ILE B 862 29.50 7.70 18.68
C ILE B 862 29.90 8.96 19.46
N LEU B 863 30.17 8.83 20.76
CA LEU B 863 30.53 10.01 21.54
C LEU B 863 31.88 10.58 21.10
N THR B 864 32.84 9.72 20.78
CA THR B 864 34.11 10.23 20.27
C THR B 864 33.90 11.00 18.98
N MET B 865 33.06 10.49 18.09
CA MET B 865 32.82 11.14 16.82
C MET B 865 32.06 12.45 17.03
N LEU B 866 31.07 12.43 17.92
CA LEU B 866 30.32 13.64 18.22
C LEU B 866 31.23 14.74 18.77
N LYS B 867 32.11 14.38 19.70
CA LYS B 867 33.01 15.38 20.28
C LYS B 867 33.97 15.90 19.23
N GLY B 868 34.47 15.03 18.36
CA GLY B 868 35.32 15.51 17.27
C GLY B 868 34.58 16.47 16.34
N ALA B 869 33.33 16.14 16.01
CA ALA B 869 32.54 17.01 15.16
C ALA B 869 32.24 18.34 15.86
N LEU B 870 31.99 18.29 17.17
CA LEU B 870 31.73 19.54 17.90
C LEU B 870 32.94 20.47 17.89
N HIS B 871 34.16 19.91 17.83
CA HIS B 871 35.33 20.76 17.80
C HIS B 871 35.47 21.52 16.50
N GLU B 872 34.72 21.16 15.47
CA GLU B 872 34.79 21.86 14.20
C GLU B 872 33.75 22.97 14.09
N LEU B 873 32.94 23.20 15.11
CA LEU B 873 31.90 24.20 15.02
C LEU B 873 32.44 25.58 15.37
N HIS B 874 31.88 26.60 14.74
CA HIS B 874 32.26 27.98 14.98
C HIS B 874 31.12 28.65 15.77
N ILE B 875 31.42 29.05 17.00
CA ILE B 875 30.46 29.73 17.88
C ILE B 875 30.77 31.22 17.87
N GLY B 876 29.77 32.05 17.60
CA GLY B 876 30.01 33.48 17.63
C GLY B 876 28.84 34.28 17.12
N ARG B 877 29.11 35.57 16.90
CA ARG B 877 28.09 36.46 16.38
C ARG B 877 27.67 35.99 15.00
N THR B 878 26.35 35.95 14.76
CA THR B 878 25.79 35.16 13.67
C THR B 878 25.76 35.90 12.32
N ASP B 879 26.34 37.09 12.24
CA ASP B 879 26.35 37.82 10.98
C ASP B 879 27.55 37.44 10.09
N ARG B 880 28.03 36.21 10.23
CA ARG B 880 29.05 35.61 9.36
C ARG B 880 28.54 34.25 8.93
N LEU B 881 28.65 33.96 7.63
CA LEU B 881 28.19 32.67 7.13
C LEU B 881 28.94 31.52 7.80
N SER B 882 30.19 31.73 8.19
CA SER B 882 30.98 30.68 8.82
C SER B 882 30.54 30.34 10.23
N VAL B 883 29.61 31.06 10.83
CA VAL B 883 29.21 30.80 12.21
C VAL B 883 28.14 29.73 12.23
N ASP B 884 28.34 28.72 13.07
CA ASP B 884 27.48 27.56 13.21
C ASP B 884 26.50 27.68 14.36
N VAL B 885 26.97 28.16 15.52
CA VAL B 885 26.19 28.21 16.75
C VAL B 885 26.20 29.65 17.25
N GLY B 886 25.03 30.21 17.47
CA GLY B 886 24.91 31.57 17.92
C GLY B 886 24.80 31.68 19.42
N PRO B 887 24.46 32.87 19.90
CA PRO B 887 24.36 33.11 21.34
C PRO B 887 23.06 32.59 21.93
N VAL B 888 23.05 32.51 23.25
CA VAL B 888 21.78 32.40 23.96
C VAL B 888 21.18 33.79 24.11
N ILE B 889 19.87 33.84 24.28
CA ILE B 889 19.14 35.08 23.99
C ILE B 889 19.44 36.18 25.01
N THR B 890 19.66 35.82 26.28
CA THR B 890 19.85 36.81 27.33
C THR B 890 20.84 36.30 28.36
N SER B 891 21.32 37.24 29.18
CA SER B 891 22.14 36.87 30.33
CA SER B 891 22.15 36.83 30.31
C SER B 891 21.37 35.99 31.30
N GLU B 892 20.06 36.29 31.46
CA GLU B 892 19.24 35.50 32.36
C GLU B 892 19.14 34.05 31.88
N ALA B 893 18.90 33.87 30.57
CA ALA B 893 18.88 32.52 30.01
C ALA B 893 20.21 31.83 30.22
N LYS B 894 21.31 32.53 29.94
CA LYS B 894 22.64 31.96 30.16
C LYS B 894 22.82 31.51 31.60
N ASP B 895 22.43 32.36 32.56
CA ASP B 895 22.55 31.99 33.96
C ASP B 895 21.72 30.75 34.29
N ASN B 896 20.53 30.67 33.71
CA ASN B 896 19.63 29.54 33.96
C ASN B 896 20.27 28.24 33.47
N ILE B 897 20.79 28.26 32.23
CA ILE B 897 21.46 27.11 31.66
C ILE B 897 22.67 26.72 32.50
N GLU B 898 23.51 27.70 32.83
CA GLU B 898 24.72 27.41 33.57
C GLU B 898 24.42 26.90 34.97
N LYS B 899 23.33 27.36 35.58
CA LYS B 899 22.95 26.83 36.89
C LYS B 899 22.70 25.32 36.81
N HIS B 900 22.04 24.88 35.74
CA HIS B 900 21.81 23.46 35.54
C HIS B 900 23.12 22.72 35.34
N ILE B 901 23.97 23.25 34.47
CA ILE B 901 25.25 22.62 34.18
C ILE B 901 26.05 22.46 35.47
N GLU B 902 26.13 23.52 36.27
CA GLU B 902 26.92 23.46 37.50
C GLU B 902 26.26 22.55 38.53
N ARG B 903 24.94 22.46 38.52
CA ARG B 903 24.28 21.52 39.43
C ARG B 903 24.61 20.08 39.05
N MET B 904 24.61 19.78 37.76
CA MET B 904 25.03 18.45 37.31
C MET B 904 26.49 18.19 37.67
N ARG B 905 27.35 19.18 37.44
CA ARG B 905 28.76 18.97 37.76
C ARG B 905 28.95 18.72 39.25
N GLY B 906 28.22 19.47 40.08
CA GLY B 906 28.38 19.34 41.52
C GLY B 906 27.87 18.02 42.07
N LEU B 907 26.93 17.39 41.38
CA LEU B 907 26.47 16.06 41.75
C LEU B 907 27.34 14.96 41.19
N GLY B 908 28.45 15.31 40.54
CA GLY B 908 29.43 14.35 40.07
C GLY B 908 29.22 13.82 38.68
N ARG B 909 28.23 14.32 37.93
CA ARG B 909 28.03 13.85 36.56
C ARG B 909 29.14 14.38 35.66
N LYS B 910 29.50 13.57 34.67
CA LYS B 910 30.52 13.98 33.71
C LYS B 910 29.96 15.08 32.82
N VAL B 911 30.61 16.24 32.84
CA VAL B 911 30.22 17.40 32.06
C VAL B 911 31.40 17.79 31.17
N GLU B 912 31.14 17.95 29.88
CA GLU B 912 32.17 18.34 28.92
C GLU B 912 31.65 19.48 28.07
N GLN B 913 32.46 20.54 27.90
CA GLN B 913 32.11 21.64 27.03
C GLN B 913 33.24 21.90 26.04
N ILE B 914 32.88 22.41 24.87
CA ILE B 914 33.92 22.90 23.97
C ILE B 914 34.28 24.34 24.33
N GLY B 915 35.32 24.88 23.69
CA GLY B 915 35.78 26.21 24.02
C GLY B 915 35.01 27.30 23.30
N LEU B 916 35.14 28.52 23.82
CA LEU B 916 34.53 29.71 23.24
C LEU B 916 35.62 30.72 22.87
N ALA B 917 35.46 31.35 21.72
CA ALA B 917 36.35 32.44 21.33
C ALA B 917 36.17 33.63 22.27
N SER B 918 37.25 34.41 22.44
CA SER B 918 37.17 35.60 23.27
C SER B 918 36.13 36.58 22.75
N GLU B 919 35.93 36.62 21.42
CA GLU B 919 34.93 37.49 20.81
C GLU B 919 33.53 37.23 21.34
N THR B 920 33.29 36.09 21.99
CA THR B 920 31.98 35.83 22.58
C THR B 920 31.74 36.66 23.84
N GLY B 921 32.79 37.26 24.44
CA GLY B 921 32.63 37.96 25.70
C GLY B 921 31.69 39.15 25.64
N VAL B 922 31.52 39.74 24.46
CA VAL B 922 30.64 40.89 24.32
C VAL B 922 29.17 40.51 24.20
N GLY B 923 28.88 39.22 24.03
CA GLY B 923 27.51 38.74 23.99
C GLY B 923 27.29 37.67 25.04
N THR B 924 26.18 36.93 24.95
CA THR B 924 25.85 35.90 25.93
C THR B 924 25.87 34.54 25.22
N PHE B 925 26.92 33.77 25.47
CA PHE B 925 27.11 32.48 24.82
C PHE B 925 27.28 31.38 25.86
N VAL B 926 26.78 30.20 25.51
CA VAL B 926 27.03 28.96 26.22
C VAL B 926 27.54 27.99 25.16
N PRO B 927 28.66 27.33 25.36
CA PRO B 927 29.15 26.39 24.35
C PRO B 927 28.36 25.09 24.40
N PRO B 928 28.33 24.35 23.31
CA PRO B 928 27.79 22.99 23.34
C PRO B 928 28.33 22.19 24.51
N THR B 929 27.41 21.59 25.26
CA THR B 929 27.71 20.93 26.52
C THR B 929 27.12 19.53 26.49
N ILE B 930 27.90 18.56 26.95
CA ILE B 930 27.47 17.16 27.01
C ILE B 930 27.56 16.73 28.45
N ILE B 931 26.45 16.23 28.99
CA ILE B 931 26.35 15.80 30.38
C ILE B 931 25.92 14.34 30.36
N GLU B 932 26.70 13.47 30.99
CA GLU B 932 26.33 12.07 31.08
C GLU B 932 25.44 11.83 32.28
N LEU B 933 24.29 11.21 32.05
CA LEU B 933 23.37 10.91 33.13
C LEU B 933 23.38 9.43 33.46
N GLU B 934 23.09 9.11 34.72
CA GLU B 934 22.85 7.73 35.10
C GLU B 934 21.44 7.30 34.72
N LYS B 935 20.48 8.20 34.90
CA LYS B 935 19.08 7.90 34.64
C LYS B 935 18.42 9.15 34.10
N LEU B 936 17.43 8.96 33.22
CA LEU B 936 16.72 10.11 32.68
C LEU B 936 16.08 10.92 33.80
N SER B 937 15.65 10.27 34.87
CA SER B 937 15.02 11.02 35.97
C SER B 937 16.00 11.95 36.68
N ASP B 938 17.31 11.85 36.39
CA ASP B 938 18.25 12.86 36.85
C ASP B 938 17.89 14.25 36.31
N LEU B 939 17.18 14.30 35.20
CA LEU B 939 16.82 15.55 34.54
C LEU B 939 15.39 15.89 34.92
N GLN B 940 15.21 17.06 35.54
CA GLN B 940 13.93 17.44 36.14
C GLN B 940 13.23 18.61 35.47
N ARG B 941 13.88 19.31 34.54
CA ARG B 941 13.26 20.46 33.90
C ARG B 941 13.81 20.61 32.50
N GLU B 942 13.05 21.28 31.65
CA GLU B 942 13.52 21.64 30.32
C GLU B 942 14.58 22.71 30.45
N VAL B 943 15.79 22.40 29.99
CA VAL B 943 16.91 23.34 30.01
C VAL B 943 17.10 23.83 28.58
N PHE B 944 16.73 25.10 28.35
CA PHE B 944 16.54 25.62 27.00
C PHE B 944 17.86 26.25 26.52
N GLY B 945 18.79 25.37 26.18
CA GLY B 945 20.10 25.78 25.78
C GLY B 945 20.85 24.64 25.15
N PRO B 946 22.13 24.85 24.86
CA PRO B 946 22.89 23.85 24.09
C PRO B 946 23.45 22.77 25.00
N VAL B 947 22.57 22.07 25.69
CA VAL B 947 22.97 21.13 26.73
C VAL B 947 22.37 19.78 26.39
N LEU B 948 23.23 18.86 25.94
CA LEU B 948 22.83 17.52 25.55
C LEU B 948 23.12 16.54 26.67
N HIS B 949 22.12 15.80 27.08
CA HIS B 949 22.30 14.77 28.10
C HIS B 949 22.43 13.42 27.43
N VAL B 950 23.32 12.57 27.97
CA VAL B 950 23.60 11.28 27.34
C VAL B 950 23.25 10.17 28.32
N ILE B 951 22.52 9.19 27.82
CA ILE B 951 22.14 7.98 28.54
C ILE B 951 22.63 6.80 27.72
N ARG B 952 23.26 5.83 28.38
CA ARG B 952 23.63 4.57 27.75
CA ARG B 952 23.63 4.57 27.76
C ARG B 952 22.64 3.50 28.18
N TYR B 953 22.25 2.63 27.25
CA TYR B 953 21.28 1.60 27.59
C TYR B 953 21.64 0.27 26.97
N ARG B 954 21.25 -0.82 27.65
CA ARG B 954 21.36 -2.16 27.08
C ARG B 954 20.13 -2.43 26.23
N ARG B 955 20.33 -3.11 25.08
CA ARG B 955 19.22 -3.32 24.16
C ARG B 955 18.06 -4.06 24.81
N ASP B 956 18.36 -4.96 25.76
CA ASP B 956 17.32 -5.64 26.52
C ASP B 956 16.46 -4.67 27.33
N ASP B 957 16.97 -3.47 27.61
CA ASP B 957 16.24 -2.49 28.40
C ASP B 957 15.54 -1.46 27.54
N LEU B 958 15.41 -1.70 26.23
CA LEU B 958 14.83 -0.70 25.33
C LEU B 958 13.42 -0.29 25.76
N ASP B 959 12.58 -1.28 26.09
CA ASP B 959 11.21 -0.95 26.46
C ASP B 959 11.17 -0.08 27.72
N ARG B 960 12.02 -0.39 28.71
CA ARG B 960 12.07 0.43 29.91
C ARG B 960 12.62 1.82 29.61
N LEU B 961 13.57 1.92 28.70
CA LEU B 961 14.07 3.23 28.28
C LEU B 961 12.94 4.07 27.68
N VAL B 962 12.09 3.46 26.85
CA VAL B 962 10.97 4.22 26.30
C VAL B 962 10.08 4.74 27.42
N ASP B 963 9.81 3.89 28.43
CA ASP B 963 9.08 4.34 29.61
C ASP B 963 9.77 5.55 30.24
N ASP B 964 11.09 5.47 30.40
CA ASP B 964 11.83 6.56 31.04
C ASP B 964 11.66 7.86 30.26
N VAL B 965 11.67 7.77 28.93
CA VAL B 965 11.45 8.96 28.11
C VAL B 965 10.05 9.50 28.33
N ASN B 966 9.04 8.62 28.31
CA ASN B 966 7.65 9.06 28.51
C ASN B 966 7.43 9.59 29.93
N ALA B 967 8.23 9.11 30.88
CA ALA B 967 7.97 9.39 32.28
C ALA B 967 8.24 10.85 32.66
N THR B 968 8.91 11.62 31.81
CA THR B 968 9.09 13.04 32.10
C THR B 968 7.76 13.80 32.10
N GLY B 969 6.72 13.25 31.46
CA GLY B 969 5.48 13.95 31.28
C GLY B 969 5.41 14.78 30.03
N TYR B 970 6.54 15.03 29.36
CA TYR B 970 6.58 15.75 28.11
C TYR B 970 6.32 14.78 26.97
N GLY B 971 6.11 15.33 25.77
CA GLY B 971 5.87 14.49 24.61
C GLY B 971 5.82 15.32 23.36
N LEU B 972 6.92 16.02 23.06
CA LEU B 972 6.97 16.91 21.91
C LEU B 972 7.64 16.21 20.74
N THR B 973 8.97 16.27 20.65
CA THR B 973 9.65 15.57 19.56
C THR B 973 10.39 14.35 20.08
N PHE B 974 10.62 13.42 19.16
CA PHE B 974 11.32 12.19 19.52
C PHE B 974 11.98 11.65 18.27
N GLY B 975 13.22 11.19 18.41
CA GLY B 975 13.96 10.62 17.29
C GLY B 975 14.38 9.18 17.54
N LEU B 976 14.42 8.41 16.46
CA LEU B 976 14.91 7.04 16.52
C LEU B 976 15.84 6.81 15.34
N HIS B 977 17.06 6.36 15.61
CA HIS B 977 18.01 5.98 14.57
C HIS B 977 18.22 4.48 14.68
N THR B 978 17.72 3.75 13.69
CA THR B 978 17.86 2.32 13.59
C THR B 978 17.59 1.93 12.15
N ARG B 979 18.19 0.83 11.73
CA ARG B 979 17.85 0.29 10.42
C ARG B 979 16.91 -0.90 10.53
N LEU B 980 16.40 -1.20 11.73
CA LEU B 980 15.71 -2.46 11.99
C LEU B 980 14.22 -2.21 12.16
N ASP B 981 13.42 -2.82 11.27
CA ASP B 981 11.99 -2.58 11.29
C ASP B 981 11.35 -2.98 12.61
N GLU B 982 11.83 -4.07 13.23
CA GLU B 982 11.24 -4.48 14.50
C GLU B 982 11.44 -3.39 15.55
N THR B 983 12.61 -2.78 15.56
CA THR B 983 12.89 -1.71 16.53
C THR B 983 12.04 -0.49 16.23
N ILE B 984 11.84 -0.18 14.95
CA ILE B 984 10.98 0.94 14.59
C ILE B 984 9.55 0.69 15.08
N ALA B 985 9.02 -0.51 14.82
CA ALA B 985 7.65 -0.82 15.24
C ALA B 985 7.52 -0.76 16.75
N HIS B 986 8.47 -1.37 17.46
CA HIS B 986 8.43 -1.38 18.91
C HIS B 986 8.42 0.04 19.45
N VAL B 987 9.43 0.83 19.07
CA VAL B 987 9.63 2.13 19.69
C VAL B 987 8.50 3.08 19.30
N THR B 988 8.10 3.09 18.04
CA THR B 988 7.06 4.03 17.64
C THR B 988 5.70 3.63 18.22
N SER B 989 5.49 2.36 18.51
CA SER B 989 4.23 1.95 19.14
C SER B 989 4.16 2.29 20.62
N ARG B 990 5.31 2.54 21.28
CA ARG B 990 5.36 2.72 22.72
C ARG B 990 5.68 4.15 23.14
N ILE B 991 6.39 4.91 22.30
CA ILE B 991 6.69 6.30 22.61
C ILE B 991 5.40 7.11 22.57
N LYS B 992 5.33 8.13 23.40
CA LYS B 992 4.15 9.01 23.46
C LYS B 992 4.61 10.43 23.19
N ALA B 993 4.77 10.77 21.92
CA ALA B 993 5.19 12.10 21.53
C ALA B 993 4.47 12.50 20.26
N GLY B 994 4.30 13.82 20.07
CA GLY B 994 3.51 14.29 18.95
C GLY B 994 4.24 14.33 17.62
N ASN B 995 5.56 14.41 17.63
CA ASN B 995 6.36 14.48 16.41
C ASN B 995 7.49 13.48 16.52
N LEU B 996 7.43 12.45 15.68
CA LEU B 996 8.41 11.38 15.65
C LEU B 996 9.25 11.54 14.39
N TYR B 997 10.53 11.18 14.50
CA TYR B 997 11.45 11.31 13.39
C TYR B 997 12.33 10.09 13.35
N ILE B 998 12.39 9.44 12.19
CA ILE B 998 13.11 8.19 12.04
C ILE B 998 14.31 8.43 11.11
N ASN B 999 15.51 8.25 11.64
CA ASN B 999 16.73 8.31 10.83
C ASN B 999 16.96 9.70 10.24
N ARG B 1000 16.62 10.73 11.00
CA ARG B 1000 16.84 12.11 10.61
C ARG B 1000 16.91 12.96 11.88
N ASN B 1001 17.10 14.26 11.72
CA ASN B 1001 17.08 15.14 12.88
C ASN B 1001 15.66 15.25 13.41
N ILE B 1002 15.49 15.83 14.60
CA ILE B 1002 14.18 15.88 15.24
C ILE B 1002 13.62 17.29 15.31
N ILE B 1003 14.06 18.18 14.43
CA ILE B 1003 13.60 19.57 14.52
C ILE B 1003 12.72 19.95 13.34
N GLY B 1004 12.26 18.96 12.57
CA GLY B 1004 11.36 19.23 11.46
C GLY B 1004 9.99 19.68 11.92
N ALA B 1005 9.55 20.84 11.42
CA ALA B 1005 8.20 21.31 11.65
C ALA B 1005 7.63 21.88 10.38
N VAL B 1006 7.89 21.23 9.24
CA VAL B 1006 7.44 21.80 7.98
C VAL B 1006 5.92 21.83 7.99
N VAL B 1007 5.38 23.03 7.78
CA VAL B 1007 3.93 23.24 7.85
C VAL B 1007 3.21 22.31 6.89
N GLY B 1008 2.17 21.63 7.39
CA GLY B 1008 1.38 20.73 6.56
C GLY B 1008 2.09 19.47 6.12
N VAL B 1009 3.33 19.29 6.55
CA VAL B 1009 4.12 18.10 6.25
C VAL B 1009 4.50 17.36 7.52
N GLN B 1010 5.05 18.07 8.49
CA GLN B 1010 5.09 17.62 9.88
C GLN B 1010 4.27 18.59 10.73
N PRO B 1011 2.94 18.47 10.72
CA PRO B 1011 2.12 19.22 11.68
C PRO B 1011 2.75 19.06 13.05
N PHE B 1012 2.97 20.18 13.72
CA PHE B 1012 3.88 20.21 14.86
C PHE B 1012 3.13 20.49 16.16
N GLY B 1013 3.42 19.69 17.17
CA GLY B 1013 2.87 19.91 18.49
C GLY B 1013 2.77 18.59 19.21
N GLY B 1014 2.85 18.67 20.55
CA GLY B 1014 2.87 17.48 21.37
C GLY B 1014 1.76 17.37 22.39
N ARG B 1015 1.93 16.42 23.30
CA ARG B 1015 0.94 16.02 24.29
C ARG B 1015 1.53 16.15 25.68
N GLY B 1016 0.72 15.84 26.68
CA GLY B 1016 1.22 15.91 28.03
C GLY B 1016 1.61 17.33 28.39
N LEU B 1017 2.76 17.47 29.04
CA LEU B 1017 3.29 18.79 29.39
C LEU B 1017 3.70 19.60 28.18
N SER B 1018 3.66 19.02 26.97
CA SER B 1018 4.09 19.69 25.77
C SER B 1018 2.98 20.39 25.00
N GLY B 1019 1.72 20.12 25.32
CA GLY B 1019 0.71 20.83 24.55
C GLY B 1019 -0.71 20.42 24.83
N THR B 1020 -1.64 21.33 24.51
CA THR B 1020 -3.06 21.02 24.46
C THR B 1020 -3.46 20.50 23.09
N GLY B 1021 -2.71 20.89 22.07
CA GLY B 1021 -3.20 20.75 20.72
C GLY B 1021 -4.30 21.77 20.49
N PRO B 1022 -4.86 21.78 19.27
CA PRO B 1022 -4.46 20.99 18.11
C PRO B 1022 -3.11 21.48 17.56
N LYS B 1023 -2.48 20.67 16.70
CA LYS B 1023 -1.17 21.03 16.17
C LYS B 1023 -1.22 22.26 15.28
N ALA B 1024 -0.32 23.20 15.54
CA ALA B 1024 0.01 24.21 14.55
C ALA B 1024 0.46 23.55 13.24
N GLY B 1025 0.11 24.18 12.12
CA GLY B 1025 0.53 23.64 10.84
C GLY B 1025 -0.16 22.35 10.48
N GLY B 1026 -1.28 22.06 11.14
CA GLY B 1026 -2.06 20.88 10.86
C GLY B 1026 -3.50 21.26 10.62
N PRO B 1027 -4.30 20.27 10.21
CA PRO B 1027 -5.66 20.56 9.71
C PRO B 1027 -6.73 20.73 10.78
N LEU B 1028 -6.44 20.44 12.05
CA LEU B 1028 -7.39 20.67 13.12
C LEU B 1028 -7.28 22.06 13.71
N TYR B 1029 -6.26 22.82 13.32
CA TYR B 1029 -5.90 24.03 14.04
C TYR B 1029 -6.98 25.10 13.93
N LEU B 1030 -7.39 25.42 12.70
CA LEU B 1030 -8.32 26.55 12.52
C LEU B 1030 -9.65 26.29 13.21
N GLY B 1031 -10.07 25.03 13.29
CA GLY B 1031 -11.35 24.71 13.89
C GLY B 1031 -11.44 25.04 15.36
N ARG B 1032 -10.31 25.22 16.04
CA ARG B 1032 -10.31 25.65 17.43
C ARG B 1032 -10.60 27.13 17.58
N LEU B 1033 -10.51 27.89 16.50
CA LEU B 1033 -10.59 29.34 16.55
C LEU B 1033 -11.94 29.87 16.05
N VAL B 1034 -12.93 28.97 15.96
CA VAL B 1034 -14.30 29.31 15.60
C VAL B 1034 -15.21 28.61 16.61
N THR B 1035 -16.46 29.09 16.70
CA THR B 1035 -17.36 28.53 17.70
C THR B 1035 -17.96 27.20 17.29
N THR B 1036 -17.98 26.91 15.99
CA THR B 1036 -18.39 25.60 15.48
C THR B 1036 -17.30 25.11 14.55
N ALA B 1037 -16.68 23.99 14.89
CA ALA B 1037 -15.55 23.52 14.11
C ALA B 1037 -16.01 22.93 12.79
N PRO B 1038 -15.31 23.20 11.70
CA PRO B 1038 -15.59 22.53 10.43
C PRO B 1038 -14.99 21.14 10.41
N VAL B 1039 -15.39 20.38 9.40
CA VAL B 1039 -14.77 19.09 9.09
C VAL B 1039 -13.52 19.36 8.28
N PRO B 1040 -12.33 19.12 8.82
CA PRO B 1040 -11.10 19.43 8.08
C PRO B 1040 -10.96 18.56 6.85
N PRO B 1041 -10.16 18.99 5.88
CA PRO B 1041 -9.85 18.14 4.72
C PRO B 1041 -9.30 16.79 5.16
N GLN B 1042 -9.74 15.75 4.47
CA GLN B 1042 -9.30 14.36 4.69
C GLN B 1042 -9.62 13.83 6.07
N HIS B 1043 -10.45 14.51 6.87
CA HIS B 1043 -10.63 14.15 8.28
C HIS B 1043 -11.78 13.15 8.39
N SER B 1044 -11.45 11.86 8.28
CA SER B 1044 -12.43 10.80 8.45
C SER B 1044 -11.69 9.50 8.72
N SER B 1045 -12.45 8.48 9.12
CA SER B 1045 -11.89 7.16 9.36
C SER B 1045 -12.96 6.14 9.08
N VAL B 1046 -12.58 5.02 8.45
CA VAL B 1046 -13.53 3.94 8.22
C VAL B 1046 -13.61 3.01 9.42
N HIS B 1047 -12.83 3.24 10.46
CA HIS B 1047 -12.78 2.35 11.60
C HIS B 1047 -13.75 2.83 12.67
N THR B 1048 -14.40 1.89 13.33
CA THR B 1048 -15.34 2.18 14.39
C THR B 1048 -14.82 1.55 15.67
N ASP B 1049 -14.74 2.35 16.72
CA ASP B 1049 -14.23 1.84 17.98
C ASP B 1049 -15.11 0.70 18.45
N PRO B 1050 -14.54 -0.46 18.81
CA PRO B 1050 -15.38 -1.60 19.18
C PRO B 1050 -16.09 -1.39 20.50
N VAL B 1051 -15.47 -0.65 21.42
CA VAL B 1051 -16.13 -0.41 22.70
C VAL B 1051 -17.30 0.55 22.52
N LEU B 1052 -17.13 1.55 21.65
CA LEU B 1052 -18.28 2.37 21.25
C LEU B 1052 -19.42 1.48 20.76
N LEU B 1053 -19.11 0.51 19.90
CA LEU B 1053 -20.17 -0.35 19.36
C LEU B 1053 -20.87 -1.12 20.47
N ASP B 1054 -20.10 -1.65 21.43
CA ASP B 1054 -20.72 -2.35 22.54
C ASP B 1054 -21.56 -1.42 23.40
N PHE B 1055 -21.12 -0.17 23.54
CA PHE B 1055 -21.88 0.80 24.32
C PHE B 1055 -23.20 1.13 23.64
N ALA B 1056 -23.18 1.27 22.30
CA ALA B 1056 -24.42 1.54 21.58
C ALA B 1056 -25.42 0.41 21.77
N LYS B 1057 -24.96 -0.83 21.70
CA LYS B 1057 -25.87 -1.97 21.88
C LYS B 1057 -26.45 -1.98 23.28
N TRP B 1058 -25.62 -1.70 24.28
CA TRP B 1058 -26.09 -1.60 25.66
C TRP B 1058 -27.17 -0.53 25.78
N LEU B 1059 -26.93 0.64 25.18
CA LEU B 1059 -27.96 1.69 25.17
C LEU B 1059 -29.23 1.22 24.48
N ASP B 1060 -29.10 0.50 23.36
CA ASP B 1060 -30.26 -0.06 22.68
C ASP B 1060 -31.08 -0.92 23.63
N GLY B 1061 -30.41 -1.83 24.35
CA GLY B 1061 -31.13 -2.74 25.24
C GLY B 1061 -31.87 -2.01 26.35
N LYS B 1062 -31.38 -0.86 26.77
CA LYS B 1062 -32.03 -0.05 27.79
C LYS B 1062 -33.13 0.84 27.25
N GLY B 1063 -33.34 0.86 25.94
CA GLY B 1063 -34.30 1.78 25.36
C GLY B 1063 -33.86 3.22 25.29
N ALA B 1064 -32.57 3.50 25.51
CA ALA B 1064 -32.06 4.87 25.43
C ALA B 1064 -31.80 5.20 23.96
N ARG B 1065 -32.91 5.41 23.24
CA ARG B 1065 -32.86 5.41 21.77
C ARG B 1065 -32.15 6.63 21.22
N ALA B 1066 -32.42 7.81 21.78
CA ALA B 1066 -31.69 8.99 21.33
C ALA B 1066 -30.20 8.85 21.61
N GLU B 1067 -29.84 8.31 22.78
CA GLU B 1067 -28.43 8.20 23.12
C GLU B 1067 -27.71 7.17 22.24
N ALA B 1068 -28.35 6.03 22.01
CA ALA B 1068 -27.76 5.01 21.15
C ALA B 1068 -27.54 5.56 19.74
N GLU B 1069 -28.48 6.35 19.24
CA GLU B 1069 -28.29 7.00 17.95
C GLU B 1069 -27.13 7.99 17.99
N ALA B 1070 -27.04 8.76 19.08
CA ALA B 1070 -25.90 9.66 19.21
C ALA B 1070 -24.59 8.87 19.26
N ALA B 1071 -24.60 7.72 19.93
CA ALA B 1071 -23.39 6.91 20.00
C ALA B 1071 -23.01 6.37 18.64
N ARG B 1072 -23.97 5.84 17.88
CA ARG B 1072 -23.64 5.35 16.55
C ARG B 1072 -23.11 6.49 15.67
N ASN B 1073 -23.73 7.66 15.76
CA ASN B 1073 -23.26 8.80 14.97
C ASN B 1073 -21.85 9.21 15.36
N ALA B 1074 -21.54 9.20 16.66
CA ALA B 1074 -20.19 9.51 17.10
C ALA B 1074 -19.20 8.46 16.59
N GLY B 1075 -19.58 7.18 16.64
CA GLY B 1075 -18.71 6.14 16.14
C GLY B 1075 -18.32 6.35 14.68
N SER B 1076 -19.29 6.81 13.88
CA SER B 1076 -19.02 7.00 12.46
C SER B 1076 -18.24 8.27 12.19
N SER B 1077 -18.58 9.37 12.87
CA SER B 1077 -17.94 10.64 12.51
C SER B 1077 -16.58 10.81 13.17
N SER B 1078 -16.29 10.00 14.21
CA SER B 1078 -14.95 9.96 14.77
C SER B 1078 -13.92 9.70 13.68
N ALA B 1079 -12.81 10.43 13.74
CA ALA B 1079 -11.72 10.18 12.80
C ALA B 1079 -10.61 9.38 13.45
N LEU B 1080 -10.87 8.77 14.60
CA LEU B 1080 -9.89 7.86 15.21
C LEU B 1080 -9.49 6.79 14.20
N GLY B 1081 -8.18 6.59 14.03
CA GLY B 1081 -7.68 5.61 13.07
C GLY B 1081 -7.27 6.21 11.73
N LEU B 1082 -7.54 7.50 11.52
CA LEU B 1082 -7.02 8.19 10.35
CA LEU B 1082 -7.02 8.19 10.36
C LEU B 1082 -5.52 7.95 10.23
N ASP B 1083 -5.07 7.67 9.01
CA ASP B 1083 -3.66 7.29 8.84
C ASP B 1083 -3.30 7.70 7.41
N LEU B 1084 -2.68 8.87 7.28
CA LEU B 1084 -2.45 9.52 5.99
C LEU B 1084 -0.97 9.71 5.76
N GLU B 1085 -0.57 9.67 4.50
CA GLU B 1085 0.72 10.18 4.07
C GLU B 1085 0.52 11.58 3.49
N LEU B 1086 1.25 12.54 4.02
CA LEU B 1086 1.15 13.93 3.58
C LEU B 1086 2.13 14.20 2.44
N PRO B 1087 1.76 15.05 1.49
CA PRO B 1087 2.68 15.41 0.41
C PRO B 1087 3.89 16.13 0.96
N GLY B 1088 5.06 15.80 0.42
CA GLY B 1088 6.29 16.43 0.83
C GLY B 1088 7.42 16.10 -0.11
N PRO B 1089 8.66 16.28 0.37
CA PRO B 1089 9.82 16.03 -0.49
C PRO B 1089 10.04 14.54 -0.75
N VAL B 1090 10.69 14.25 -1.88
CA VAL B 1090 11.14 12.88 -2.11
C VAL B 1090 12.14 12.48 -1.05
N GLY B 1091 12.33 11.16 -0.90
CA GLY B 1091 13.27 10.65 0.08
C GLY B 1091 12.81 10.76 1.50
N GLU B 1092 11.53 11.04 1.71
CA GLU B 1092 10.95 11.20 3.03
C GLU B 1092 9.52 10.69 2.94
N ARG B 1093 9.06 10.05 4.00
CA ARG B 1093 7.64 9.69 4.14
C ARG B 1093 7.14 10.39 5.38
N ASN B 1094 6.08 11.17 5.21
CA ASN B 1094 5.58 12.06 6.26
C ASN B 1094 4.16 11.63 6.55
N LEU B 1095 3.96 11.08 7.74
CA LEU B 1095 2.75 10.39 8.10
C LEU B 1095 2.00 11.19 9.15
N TYR B 1096 0.67 11.10 9.11
CA TYR B 1096 -0.16 11.85 10.04
C TYR B 1096 -1.27 10.92 10.49
N THR B 1097 -1.40 10.72 11.79
CA THR B 1097 -2.30 9.68 12.30
C THR B 1097 -3.08 10.24 13.48
N LEU B 1098 -4.31 9.76 13.65
CA LEU B 1098 -5.16 10.18 14.76
C LEU B 1098 -5.36 9.00 15.70
N HIS B 1099 -4.96 9.19 16.95
CA HIS B 1099 -5.01 8.19 18.01
C HIS B 1099 -5.97 8.66 19.08
N ALA B 1100 -6.30 7.77 20.02
CA ALA B 1100 -7.05 8.21 21.18
C ALA B 1100 -6.22 9.21 21.98
N ARG B 1101 -6.90 10.12 22.67
CA ARG B 1101 -6.16 11.05 23.54
C ARG B 1101 -5.63 10.35 24.79
N GLY B 1102 -6.39 9.40 25.34
CA GLY B 1102 -6.02 8.77 26.59
C GLY B 1102 -7.22 8.61 27.50
N ARG B 1103 -7.14 9.08 28.73
CA ARG B 1103 -8.26 9.02 29.65
C ARG B 1103 -8.89 10.40 29.76
N ILE B 1104 -10.20 10.49 29.51
CA ILE B 1104 -10.90 11.77 29.51
C ILE B 1104 -11.66 11.90 30.81
N LEU B 1105 -11.48 13.03 31.49
CA LEU B 1105 -12.29 13.34 32.66
C LEU B 1105 -13.70 13.70 32.24
N LEU B 1106 -14.69 12.99 32.77
CA LEU B 1106 -16.08 13.24 32.46
C LEU B 1106 -16.72 13.87 33.69
N VAL B 1107 -17.32 15.04 33.51
CA VAL B 1107 -18.03 15.74 34.58
C VAL B 1107 -19.48 15.91 34.15
N PRO B 1108 -20.29 14.86 34.27
CA PRO B 1108 -21.70 14.98 33.85
C PRO B 1108 -22.56 15.60 34.94
N ALA B 1109 -23.73 16.04 34.54
CA ALA B 1109 -24.77 16.45 35.47
C ALA B 1109 -25.99 15.53 35.44
N THR B 1110 -26.33 15.01 34.27
CA THR B 1110 -27.50 14.16 34.08
C THR B 1110 -27.10 12.82 33.47
N GLU B 1111 -28.01 11.86 33.59
CA GLU B 1111 -27.77 10.53 33.01
C GLU B 1111 -27.59 10.62 31.50
N SER B 1112 -28.49 11.32 30.82
CA SER B 1112 -28.38 11.46 29.36
C SER B 1112 -27.09 12.17 28.99
N GLY B 1113 -26.72 13.21 29.74
CA GLY B 1113 -25.45 13.87 29.48
C GLY B 1113 -24.27 12.93 29.62
N LEU B 1114 -24.29 12.07 30.64
CA LEU B 1114 -23.21 11.10 30.81
C LEU B 1114 -23.14 10.14 29.63
N TYR B 1115 -24.29 9.65 29.18
CA TYR B 1115 -24.29 8.76 28.02
C TYR B 1115 -23.70 9.44 26.80
N HIS B 1116 -24.09 10.71 26.57
CA HIS B 1116 -23.54 11.44 25.44
C HIS B 1116 -22.03 11.67 25.60
N GLN B 1117 -21.59 11.99 26.83
CA GLN B 1117 -20.15 12.16 27.05
C GLN B 1117 -19.41 10.85 26.79
N LEU B 1118 -19.95 9.74 27.31
CA LEU B 1118 -19.33 8.45 27.10
C LEU B 1118 -19.27 8.11 25.62
N ALA B 1119 -20.34 8.39 24.88
CA ALA B 1119 -20.33 8.10 23.45
C ALA B 1119 -19.20 8.86 22.76
N ALA B 1120 -19.07 10.15 23.03
CA ALA B 1120 -18.03 10.95 22.41
C ALA B 1120 -16.64 10.43 22.76
N ALA B 1121 -16.41 10.12 24.04
CA ALA B 1121 -15.09 9.65 24.46
C ALA B 1121 -14.79 8.25 23.94
N LEU B 1122 -15.76 7.34 24.00
CA LEU B 1122 -15.50 5.98 23.54
C LEU B 1122 -15.29 5.95 22.03
N ALA B 1123 -16.07 6.76 21.30
CA ALA B 1123 -15.97 6.76 19.83
C ALA B 1123 -14.59 7.18 19.35
N THR B 1124 -13.88 7.96 20.17
CA THR B 1124 -12.55 8.42 19.85
C THR B 1124 -11.47 7.60 20.54
N GLY B 1125 -11.83 6.42 21.05
CA GLY B 1125 -10.87 5.44 21.53
C GLY B 1125 -10.41 5.63 22.96
N ASN B 1126 -11.01 6.55 23.69
CA ASN B 1126 -10.53 6.94 25.00
C ASN B 1126 -11.13 6.07 26.10
N SER B 1127 -10.43 6.02 27.23
CA SER B 1127 -11.05 5.61 28.47
C SER B 1127 -11.55 6.87 29.19
N VAL B 1128 -12.29 6.67 30.29
CA VAL B 1128 -12.87 7.82 30.98
C VAL B 1128 -12.71 7.66 32.47
N ALA B 1129 -12.63 8.80 33.15
CA ALA B 1129 -12.82 8.89 34.59
C ALA B 1129 -14.03 9.78 34.83
N ILE B 1130 -15.07 9.22 35.43
CA ILE B 1130 -16.33 9.92 35.64
C ILE B 1130 -16.32 10.50 37.04
N ASP B 1131 -16.72 11.76 37.15
CA ASP B 1131 -16.81 12.43 38.44
C ASP B 1131 -17.81 11.73 39.36
N ALA B 1132 -17.32 11.13 40.44
CA ALA B 1132 -18.21 10.43 41.35
C ALA B 1132 -19.22 11.37 42.00
N ALA B 1133 -18.87 12.65 42.15
CA ALA B 1133 -19.79 13.59 42.78
C ALA B 1133 -21.03 13.85 41.93
N SER B 1134 -21.04 13.39 40.67
CA SER B 1134 -22.24 13.50 39.87
C SER B 1134 -23.37 12.66 40.44
N GLY B 1135 -23.03 11.62 41.20
CA GLY B 1135 -24.04 10.75 41.77
C GLY B 1135 -24.76 9.86 40.77
N LEU B 1136 -24.17 9.64 39.60
CA LEU B 1136 -24.83 8.92 38.52
C LEU B 1136 -24.37 7.46 38.42
N GLN B 1137 -23.78 6.91 39.47
CA GLN B 1137 -23.23 5.55 39.40
C GLN B 1137 -24.29 4.54 38.96
N ALA B 1138 -25.52 4.71 39.41
CA ALA B 1138 -26.56 3.73 39.09
C ALA B 1138 -26.94 3.73 37.61
N SER B 1139 -26.50 4.74 36.86
CA SER B 1139 -26.83 4.84 35.43
C SER B 1139 -26.03 3.86 34.56
N LEU B 1140 -24.96 3.28 35.10
CA LEU B 1140 -24.13 2.33 34.37
C LEU B 1140 -24.29 0.91 34.90
N LYS B 1141 -25.44 0.61 35.49
CA LYS B 1141 -25.70 -0.75 35.94
C LYS B 1141 -25.80 -1.68 34.74
N ASN B 1142 -25.20 -2.87 34.87
CA ASN B 1142 -25.20 -3.91 33.85
C ASN B 1142 -24.38 -3.53 32.62
N LEU B 1143 -23.43 -2.61 32.76
CA LEU B 1143 -22.58 -2.24 31.64
C LEU B 1143 -21.78 -3.46 31.17
N PRO B 1144 -21.64 -3.67 29.86
CA PRO B 1144 -20.81 -4.77 29.38
C PRO B 1144 -19.36 -4.59 29.83
N GLN B 1145 -18.70 -5.71 30.15
CA GLN B 1145 -17.32 -5.64 30.62
C GLN B 1145 -16.42 -4.91 29.65
N THR B 1146 -16.68 -5.04 28.35
CA THR B 1146 -15.85 -4.34 27.36
C THR B 1146 -15.90 -2.84 27.59
N VAL B 1147 -17.08 -2.30 27.90
CA VAL B 1147 -17.18 -0.88 28.20
C VAL B 1147 -16.68 -0.60 29.62
N GLY B 1148 -17.03 -1.47 30.57
CA GLY B 1148 -16.61 -1.24 31.94
C GLY B 1148 -15.12 -1.11 32.11
N LEU B 1149 -14.34 -1.84 31.30
CA LEU B 1149 -12.90 -1.80 31.40
C LEU B 1149 -12.33 -0.44 31.04
N ARG B 1150 -13.08 0.37 30.30
CA ARG B 1150 -12.66 1.72 29.94
C ARG B 1150 -13.15 2.77 30.93
N VAL B 1151 -13.96 2.38 31.92
CA VAL B 1151 -14.67 3.31 32.78
C VAL B 1151 -14.13 3.20 34.18
N SER B 1152 -13.77 4.34 34.76
CA SER B 1152 -13.50 4.42 36.18
C SER B 1152 -14.28 5.60 36.75
N TRP B 1153 -14.45 5.59 38.07
CA TRP B 1153 -15.14 6.66 38.77
C TRP B 1153 -14.13 7.34 39.67
N SER B 1154 -14.12 8.68 39.66
CA SER B 1154 -13.09 9.43 40.38
C SER B 1154 -13.73 10.31 41.45
N LYS B 1155 -13.26 10.12 42.68
CA LYS B 1155 -13.59 10.99 43.81
C LYS B 1155 -12.46 11.97 44.09
N ASP B 1156 -11.44 11.98 43.24
CA ASP B 1156 -10.24 12.78 43.49
C ASP B 1156 -9.59 12.99 42.12
N TRP B 1157 -10.01 14.07 41.44
CA TRP B 1157 -9.56 14.24 40.05
C TRP B 1157 -8.06 14.41 39.97
N ALA B 1158 -7.46 15.15 40.91
CA ALA B 1158 -6.03 15.40 40.80
C ALA B 1158 -5.21 14.14 41.06
N ALA B 1159 -5.70 13.25 41.93
CA ALA B 1159 -4.97 12.02 42.22
C ALA B 1159 -5.11 10.98 41.13
N ASP B 1160 -6.17 11.04 40.33
CA ASP B 1160 -6.51 9.99 39.38
C ASP B 1160 -6.08 10.30 37.95
N GLY B 1161 -5.45 11.45 37.73
CA GLY B 1161 -4.89 11.79 36.44
C GLY B 1161 -3.55 11.12 36.20
N PRO B 1162 -2.85 11.52 35.15
CA PRO B 1162 -3.18 12.63 34.25
C PRO B 1162 -4.27 12.25 33.28
N PHE B 1163 -5.12 13.21 32.97
CA PHE B 1163 -6.11 13.05 31.91
C PHE B 1163 -5.58 13.70 30.64
N ALA B 1164 -6.34 13.52 29.55
CA ALA B 1164 -5.95 14.10 28.27
C ALA B 1164 -7.06 14.96 27.67
N GLY B 1165 -8.07 15.31 28.47
CA GLY B 1165 -9.14 16.18 28.05
C GLY B 1165 -10.24 16.06 29.07
N ALA B 1166 -11.28 16.87 28.89
CA ALA B 1166 -12.40 16.83 29.82
C ALA B 1166 -13.67 17.23 29.11
N LEU B 1167 -14.76 16.54 29.44
CA LEU B 1167 -16.10 16.89 28.98
C LEU B 1167 -16.91 17.27 30.21
N VAL B 1168 -17.59 18.41 30.14
CA VAL B 1168 -18.31 18.98 31.27
C VAL B 1168 -19.74 19.27 30.83
N GLU B 1169 -20.69 18.92 31.70
CA GLU B 1169 -22.10 19.24 31.52
C GLU B 1169 -22.55 20.09 32.71
N GLY B 1170 -23.25 21.18 32.43
CA GLY B 1170 -23.78 21.98 33.52
C GLY B 1170 -24.18 23.37 33.05
N ASP B 1171 -24.80 24.11 33.96
CA ASP B 1171 -25.12 25.49 33.63
C ASP B 1171 -23.86 26.34 33.71
N ALA B 1172 -24.00 27.62 33.39
CA ALA B 1172 -22.85 28.50 33.29
C ALA B 1172 -22.01 28.48 34.57
N GLU B 1173 -22.65 28.59 35.73
CA GLU B 1173 -21.84 28.68 36.94
C GLU B 1173 -21.23 27.31 37.31
N ARG B 1174 -21.91 26.22 36.97
CA ARG B 1174 -21.29 24.90 37.12
C ARG B 1174 -20.07 24.78 36.22
N ILE B 1175 -20.18 25.22 34.97
CA ILE B 1175 -19.07 25.15 34.04
C ILE B 1175 -17.88 25.94 34.58
N ARG B 1176 -18.11 27.18 35.03
CA ARG B 1176 -17.03 27.98 35.57
C ARG B 1176 -16.35 27.28 36.74
N ALA B 1177 -17.14 26.74 37.66
CA ALA B 1177 -16.58 26.09 38.84
C ALA B 1177 -15.74 24.88 38.44
N VAL B 1178 -16.23 24.12 37.47
CA VAL B 1178 -15.51 22.92 37.04
C VAL B 1178 -14.25 23.32 36.29
N ASN B 1179 -14.35 24.36 35.45
CA ASN B 1179 -13.20 24.79 34.68
C ASN B 1179 -12.10 25.32 35.59
N LYS B 1180 -12.47 26.04 36.65
CA LYS B 1180 -11.48 26.46 37.64
C LYS B 1180 -10.82 25.26 38.30
N ALA B 1181 -11.61 24.25 38.68
CA ALA B 1181 -11.02 23.07 39.30
C ALA B 1181 -10.09 22.35 38.36
N ILE B 1182 -10.45 22.27 37.07
CA ILE B 1182 -9.61 21.58 36.10
C ILE B 1182 -8.31 22.34 35.88
N ALA B 1183 -8.39 23.67 35.81
CA ALA B 1183 -7.16 24.45 35.66
C ALA B 1183 -6.21 24.27 36.84
N ALA B 1184 -6.72 23.89 38.00
CA ALA B 1184 -5.86 23.66 39.16
C ALA B 1184 -5.31 22.24 39.23
N LEU B 1185 -5.66 21.38 38.28
CA LEU B 1185 -5.13 20.03 38.32
C LEU B 1185 -3.64 20.06 37.98
N PRO B 1186 -2.82 19.23 38.65
CA PRO B 1186 -1.41 19.15 38.28
C PRO B 1186 -1.25 18.44 36.94
N GLY B 1187 -0.07 18.61 36.35
CA GLY B 1187 0.23 17.89 35.14
C GLY B 1187 -0.19 18.63 33.89
N PRO B 1188 -0.66 17.90 32.88
CA PRO B 1188 -0.96 18.54 31.59
C PRO B 1188 -2.14 19.50 31.69
N LEU B 1189 -2.12 20.50 30.82
CA LEU B 1189 -3.24 21.41 30.65
C LEU B 1189 -4.33 20.70 29.86
N LEU B 1190 -5.52 20.55 30.45
CA LEU B 1190 -6.57 19.78 29.80
C LEU B 1190 -7.36 20.63 28.82
N LEU B 1191 -7.63 20.05 27.65
CA LEU B 1191 -8.55 20.66 26.70
C LEU B 1191 -9.97 20.34 27.15
N VAL B 1192 -10.66 21.36 27.65
CA VAL B 1192 -11.98 21.22 28.27
C VAL B 1192 -13.06 21.58 27.25
N GLN B 1193 -14.08 20.74 27.15
CA GLN B 1193 -15.27 21.04 26.37
C GLN B 1193 -16.47 21.03 27.30
N ALA B 1194 -17.29 22.07 27.23
CA ALA B 1194 -18.44 22.17 28.11
C ALA B 1194 -19.70 22.41 27.31
N ALA B 1195 -20.82 21.96 27.87
CA ALA B 1195 -22.11 22.18 27.25
C ALA B 1195 -23.17 22.09 28.33
N SER B 1196 -24.28 22.80 28.11
CA SER B 1196 -25.42 22.65 29.00
C SER B 1196 -26.19 21.37 28.66
N SER B 1197 -27.03 20.94 29.61
CA SER B 1197 -27.88 19.79 29.35
C SER B 1197 -28.77 20.02 28.14
N GLY B 1198 -29.30 21.24 27.99
CA GLY B 1198 -30.13 21.53 26.83
C GLY B 1198 -29.34 21.54 25.54
N GLU B 1199 -28.08 21.99 25.59
CA GLU B 1199 -27.24 21.97 24.41
C GLU B 1199 -26.96 20.54 23.97
N ILE B 1200 -26.71 19.64 24.93
CA ILE B 1200 -26.47 18.25 24.59
C ILE B 1200 -27.67 17.64 23.89
N ALA B 1201 -28.87 17.97 24.37
CA ALA B 1201 -30.08 17.39 23.77
C ALA B 1201 -30.37 17.96 22.38
N ARG B 1202 -30.05 19.23 22.14
CA ARG B 1202 -30.45 19.88 20.90
C ARG B 1202 -29.37 19.86 19.82
N ASN B 1203 -28.10 19.78 20.19
CA ASN B 1203 -26.99 19.92 19.25
C ASN B 1203 -26.17 18.64 19.22
N PRO B 1204 -26.26 17.84 18.15
CA PRO B 1204 -25.46 16.60 18.11
C PRO B 1204 -23.96 16.83 18.19
N ASP B 1205 -23.47 18.02 17.84
CA ASP B 1205 -22.05 18.32 17.93
C ASP B 1205 -21.71 19.15 19.17
N ALA B 1206 -22.53 19.08 20.22
CA ALA B 1206 -22.25 19.83 21.44
C ALA B 1206 -20.84 19.56 21.96
N TYR B 1207 -20.39 18.30 21.88
CA TYR B 1207 -19.00 17.95 22.10
C TYR B 1207 -18.35 17.61 20.77
N CYS B 1208 -17.19 18.22 20.52
CA CYS B 1208 -16.51 18.11 19.23
C CYS B 1208 -15.48 16.98 19.29
N LEU B 1209 -15.62 16.00 18.39
CA LEU B 1209 -14.69 14.86 18.41
C LEU B 1209 -13.31 15.24 17.90
N ASN B 1210 -13.16 16.39 17.25
CA ASN B 1210 -11.84 16.81 16.79
C ASN B 1210 -10.86 16.89 17.94
N TRP B 1211 -11.32 17.25 19.13
CA TRP B 1211 -10.43 17.50 20.25
C TRP B 1211 -10.25 16.28 21.14
N LEU B 1212 -10.91 15.17 20.81
CA LEU B 1212 -10.85 13.95 21.61
C LEU B 1212 -9.92 12.92 21.00
N VAL B 1213 -9.22 13.27 19.92
CA VAL B 1213 -8.18 12.43 19.37
C VAL B 1213 -6.86 13.18 19.50
N GLU B 1214 -5.76 12.43 19.51
CA GLU B 1214 -4.42 12.99 19.54
C GLU B 1214 -3.79 12.85 18.17
N GLU B 1215 -3.27 13.95 17.64
CA GLU B 1215 -2.52 13.92 16.39
C GLU B 1215 -1.09 13.47 16.60
N VAL B 1216 -0.61 12.59 15.71
CA VAL B 1216 0.79 12.19 15.73
C VAL B 1216 1.36 12.32 14.34
N SER B 1217 2.48 13.04 14.25
CA SER B 1217 3.23 13.19 13.01
C SER B 1217 4.47 12.32 13.10
N ALA B 1218 4.77 11.59 12.02
CA ALA B 1218 5.99 10.81 11.93
C ALA B 1218 6.67 11.10 10.60
N SER B 1219 7.95 11.47 10.65
CA SER B 1219 8.73 11.76 9.46
C SER B 1219 9.85 10.74 9.35
N ILE B 1220 9.84 9.94 8.29
CA ILE B 1220 10.84 8.90 8.06
C ILE B 1220 11.72 9.30 6.90
N ASN B 1221 13.03 9.33 7.12
CA ASN B 1221 14.00 9.59 6.06
C ASN B 1221 14.23 8.29 5.32
N THR B 1222 13.65 8.16 4.13
CA THR B 1222 13.75 6.93 3.36
C THR B 1222 14.95 6.92 2.43
N ALA B 1223 15.74 7.98 2.44
CA ALA B 1223 17.02 7.98 1.74
C ALA B 1223 18.16 7.56 2.65
N ALA B 1224 17.89 7.24 3.91
CA ALA B 1224 18.96 7.01 4.90
C ALA B 1224 19.71 5.71 4.64
#